data_2JNF
#
_entry.id   2JNF
#
_entity_poly.entity_id   1
_entity_poly.type   'polypeptide(L)'
_entity_poly.pdbx_seq_one_letter_code
;MGDVSKLSSNQVKLLETAFRDFETPEGSGRVSTDQIGIILEVLGIQQTKSTIRQLIDEFDPFGNGDIDFDSFKIIGARFL
GEEVNPEQMQQELREAFRLYDKEGNGYISTDVMREILAELDETLSSEDLDAMIDEIDADGSGTVDFEEFMGVMTGGDE
;
_entity_poly.pdbx_strand_id   A
#
# COMPACT_ATOMS: atom_id res chain seq x y z
N MET A 1 -4.62 13.15 -4.94
CA MET A 1 -5.23 12.73 -3.65
C MET A 1 -6.53 11.97 -3.93
N GLY A 2 -6.47 10.66 -3.78
CA GLY A 2 -7.55 9.82 -4.21
C GLY A 2 -7.23 9.21 -5.55
N ASP A 3 -7.49 9.95 -6.61
CA ASP A 3 -7.12 9.56 -7.96
C ASP A 3 -7.83 8.29 -8.41
N VAL A 4 -7.50 7.86 -9.61
CA VAL A 4 -7.95 6.58 -10.12
C VAL A 4 -6.76 5.80 -10.64
N SER A 5 -5.77 6.51 -11.14
CA SER A 5 -4.55 5.90 -11.68
C SER A 5 -3.58 5.56 -10.55
N LYS A 6 -3.91 6.02 -9.36
CA LYS A 6 -3.13 5.69 -8.16
C LYS A 6 -3.48 4.28 -7.70
N LEU A 7 -4.56 3.75 -8.24
CA LEU A 7 -5.02 2.41 -7.92
C LEU A 7 -4.38 1.39 -8.84
N SER A 8 -3.68 0.44 -8.25
CA SER A 8 -3.18 -0.70 -8.98
C SER A 8 -4.30 -1.71 -9.14
N SER A 9 -4.26 -2.46 -10.24
CA SER A 9 -5.31 -3.42 -10.57
C SER A 9 -5.51 -4.45 -9.47
N ASN A 10 -4.46 -4.72 -8.69
CA ASN A 10 -4.56 -5.62 -7.54
C ASN A 10 -5.66 -5.17 -6.59
N GLN A 11 -5.68 -3.87 -6.33
CA GLN A 11 -6.60 -3.28 -5.37
C GLN A 11 -8.00 -3.20 -5.98
N VAL A 12 -8.02 -2.93 -7.28
CA VAL A 12 -9.27 -2.82 -8.03
C VAL A 12 -10.01 -4.16 -8.06
N LYS A 13 -9.26 -5.27 -8.02
CA LYS A 13 -9.85 -6.59 -7.90
C LYS A 13 -10.76 -6.67 -6.67
N LEU A 14 -10.21 -6.31 -5.51
CA LEU A 14 -10.97 -6.32 -4.27
C LEU A 14 -12.18 -5.41 -4.38
N LEU A 15 -11.95 -4.23 -4.93
CA LEU A 15 -13.00 -3.25 -5.15
C LEU A 15 -14.12 -3.81 -6.01
N GLU A 16 -13.76 -4.27 -7.21
CA GLU A 16 -14.71 -4.80 -8.18
C GLU A 16 -15.47 -6.00 -7.63
N THR A 17 -14.76 -6.88 -6.91
CA THR A 17 -15.38 -8.08 -6.35
C THR A 17 -16.44 -7.73 -5.31
N ALA A 18 -16.16 -6.73 -4.48
CA ALA A 18 -17.09 -6.33 -3.44
C ALA A 18 -18.15 -5.40 -4.00
N PHE A 19 -17.79 -4.69 -5.06
CA PHE A 19 -18.70 -3.79 -5.74
C PHE A 19 -19.93 -4.54 -6.22
N ARG A 20 -19.70 -5.60 -6.98
CA ARG A 20 -20.78 -6.38 -7.56
C ARG A 20 -21.51 -7.19 -6.48
N ASP A 21 -20.83 -7.42 -5.37
CA ASP A 21 -21.37 -8.26 -4.30
C ASP A 21 -22.56 -7.56 -3.62
N PHE A 22 -22.39 -6.27 -3.35
CA PHE A 22 -23.44 -5.49 -2.71
C PHE A 22 -24.09 -4.57 -3.72
N GLU A 23 -23.88 -4.86 -4.99
CA GLU A 23 -24.29 -3.99 -6.09
C GLU A 23 -25.80 -3.98 -6.28
N THR A 24 -26.28 -2.86 -6.82
CA THR A 24 -27.57 -2.79 -7.49
C THR A 24 -28.77 -2.82 -6.53
N PRO A 25 -29.76 -1.97 -6.84
CA PRO A 25 -31.04 -1.95 -6.16
C PRO A 25 -32.04 -2.91 -6.82
N GLU A 26 -32.08 -2.89 -8.15
CA GLU A 26 -32.97 -3.76 -8.92
C GLU A 26 -32.39 -3.96 -10.32
N GLY A 27 -31.08 -3.81 -10.43
CA GLY A 27 -30.44 -3.85 -11.74
C GLY A 27 -30.12 -2.46 -12.23
N SER A 28 -29.24 -1.76 -11.51
CA SER A 28 -28.88 -0.40 -11.87
C SER A 28 -27.47 -0.36 -12.48
N GLY A 29 -26.62 -1.29 -12.06
CA GLY A 29 -25.26 -1.31 -12.55
C GLY A 29 -24.31 -0.62 -11.60
N ARG A 30 -24.86 0.09 -10.64
CA ARG A 30 -24.07 0.76 -9.61
C ARG A 30 -24.29 0.07 -8.29
N VAL A 31 -23.51 0.46 -7.31
CA VAL A 31 -23.66 -0.09 -5.98
C VAL A 31 -24.27 0.94 -5.05
N SER A 32 -25.30 0.49 -4.38
CA SER A 32 -26.10 1.32 -3.50
C SER A 32 -25.26 1.98 -2.41
N THR A 33 -25.60 3.23 -2.12
CA THR A 33 -24.89 4.01 -1.13
C THR A 33 -25.11 3.46 0.27
N ASP A 34 -26.15 2.66 0.44
CA ASP A 34 -26.41 1.99 1.70
C ASP A 34 -25.45 0.82 1.86
N GLN A 35 -24.94 0.34 0.73
CA GLN A 35 -23.99 -0.75 0.72
C GLN A 35 -22.56 -0.24 0.78
N ILE A 36 -22.36 1.01 0.38
CA ILE A 36 -21.05 1.64 0.43
C ILE A 36 -20.45 1.55 1.83
N GLY A 37 -21.26 1.88 2.82
CA GLY A 37 -20.81 1.80 4.19
C GLY A 37 -20.51 0.38 4.62
N ILE A 38 -21.11 -0.58 3.92
CA ILE A 38 -20.83 -1.98 4.17
C ILE A 38 -19.50 -2.36 3.54
N ILE A 39 -19.39 -2.10 2.24
CA ILE A 39 -18.19 -2.43 1.47
C ILE A 39 -16.96 -1.72 2.02
N LEU A 40 -17.13 -0.47 2.44
CA LEU A 40 -16.03 0.26 3.05
C LEU A 40 -15.54 -0.47 4.31
N GLU A 41 -16.44 -1.25 4.89
CA GLU A 41 -16.10 -2.12 6.00
C GLU A 41 -15.48 -3.44 5.50
N VAL A 42 -16.02 -3.98 4.39
CA VAL A 42 -15.50 -5.19 3.78
C VAL A 42 -14.07 -4.98 3.31
N LEU A 43 -13.79 -3.77 2.92
CA LEU A 43 -12.47 -3.37 2.45
C LEU A 43 -11.62 -2.83 3.60
N GLY A 44 -12.25 -2.68 4.76
CA GLY A 44 -11.55 -2.25 5.96
C GLY A 44 -11.01 -0.84 5.87
N ILE A 45 -11.77 0.06 5.28
CA ILE A 45 -11.32 1.43 5.11
C ILE A 45 -12.13 2.43 5.93
N GLN A 46 -13.27 2.88 5.40
CA GLN A 46 -14.07 3.90 6.04
C GLN A 46 -14.76 3.41 7.31
N GLN A 47 -15.48 4.31 7.94
CA GLN A 47 -16.14 4.07 9.21
C GLN A 47 -17.64 3.80 9.01
N THR A 48 -18.38 3.74 10.10
CA THR A 48 -19.81 3.46 10.05
C THR A 48 -20.60 4.54 9.29
N LYS A 49 -21.92 4.37 9.18
CA LYS A 49 -22.76 5.21 8.32
C LYS A 49 -22.54 6.71 8.55
N SER A 50 -22.28 7.10 9.80
CA SER A 50 -22.04 8.50 10.14
C SER A 50 -20.95 9.10 9.26
N THR A 51 -19.92 8.32 8.99
CA THR A 51 -18.84 8.74 8.11
C THR A 51 -19.23 8.55 6.65
N ILE A 52 -19.99 7.49 6.39
CA ILE A 52 -20.39 7.14 5.03
C ILE A 52 -21.28 8.22 4.42
N ARG A 53 -22.00 8.94 5.29
CA ARG A 53 -22.84 10.05 4.85
C ARG A 53 -22.01 11.10 4.11
N GLN A 54 -20.76 11.26 4.51
CA GLN A 54 -19.84 12.18 3.83
C GLN A 54 -19.58 11.68 2.42
N LEU A 55 -19.23 10.40 2.34
CA LEU A 55 -18.97 9.72 1.07
C LEU A 55 -20.13 9.89 0.11
N ILE A 56 -21.34 9.57 0.57
CA ILE A 56 -22.53 9.65 -0.26
C ILE A 56 -22.82 11.10 -0.67
N ASP A 57 -22.70 12.01 0.29
CA ASP A 57 -22.92 13.44 0.02
C ASP A 57 -21.94 13.94 -1.03
N GLU A 58 -20.76 13.34 -1.06
CA GLU A 58 -19.71 13.74 -1.99
C GLU A 58 -19.86 13.09 -3.36
N PHE A 59 -20.01 11.77 -3.39
CA PHE A 59 -19.99 11.03 -4.65
C PHE A 59 -21.39 10.88 -5.24
N ASP A 60 -22.41 11.10 -4.44
CA ASP A 60 -23.79 11.06 -4.95
C ASP A 60 -24.55 12.30 -4.53
N PRO A 61 -24.15 13.49 -5.02
CA PRO A 61 -24.86 14.75 -4.76
C PRO A 61 -26.19 14.79 -5.49
N PHE A 62 -26.33 13.91 -6.47
CA PHE A 62 -27.51 13.85 -7.31
C PHE A 62 -28.66 13.12 -6.61
N GLY A 63 -28.31 12.36 -5.58
CA GLY A 63 -29.29 11.61 -4.84
C GLY A 63 -29.85 10.46 -5.65
N ASN A 64 -28.97 9.79 -6.38
CA ASN A 64 -29.37 8.69 -7.25
C ASN A 64 -29.65 7.44 -6.43
N GLY A 65 -28.81 7.19 -5.43
CA GLY A 65 -29.00 6.05 -4.57
C GLY A 65 -27.84 5.08 -4.65
N ASP A 66 -27.26 4.97 -5.84
CA ASP A 66 -26.15 4.06 -6.06
C ASP A 66 -25.09 4.70 -6.95
N ILE A 67 -23.84 4.32 -6.71
CA ILE A 67 -22.71 4.93 -7.40
C ILE A 67 -22.01 3.93 -8.31
N ASP A 68 -21.55 4.42 -9.45
CA ASP A 68 -20.90 3.58 -10.45
C ASP A 68 -19.49 3.18 -10.00
N PHE A 69 -18.82 2.32 -10.75
CA PHE A 69 -17.51 1.82 -10.32
C PHE A 69 -16.50 2.94 -10.25
N ASP A 70 -16.56 3.88 -11.18
CA ASP A 70 -15.59 4.97 -11.23
C ASP A 70 -15.66 5.80 -9.97
N SER A 71 -16.87 6.09 -9.51
CA SER A 71 -17.08 6.84 -8.28
C SER A 71 -16.57 6.03 -7.08
N PHE A 72 -16.88 4.73 -7.09
CA PHE A 72 -16.44 3.83 -6.03
C PHE A 72 -14.93 3.62 -6.10
N LYS A 73 -14.40 3.67 -7.31
CA LYS A 73 -12.98 3.51 -7.55
C LYS A 73 -12.22 4.65 -6.89
N ILE A 74 -12.74 5.86 -7.05
CA ILE A 74 -12.14 7.03 -6.40
C ILE A 74 -12.20 6.88 -4.88
N ILE A 75 -13.32 6.36 -4.40
CA ILE A 75 -13.48 6.07 -2.98
C ILE A 75 -12.41 5.08 -2.53
N GLY A 76 -12.28 4.00 -3.26
CA GLY A 76 -11.27 3.02 -2.93
C GLY A 76 -9.87 3.57 -3.05
N ALA A 77 -9.64 4.36 -4.09
CA ALA A 77 -8.30 4.87 -4.38
C ALA A 77 -7.82 5.82 -3.29
N ARG A 78 -8.75 6.44 -2.59
CA ARG A 78 -8.42 7.42 -1.58
C ARG A 78 -8.31 6.79 -0.20
N PHE A 79 -8.78 5.55 -0.04
CA PHE A 79 -8.81 4.94 1.30
C PHE A 79 -7.99 3.66 1.38
N LEU A 80 -8.01 2.86 0.30
CA LEU A 80 -7.38 1.53 0.30
C LEU A 80 -5.96 1.56 0.84
N GLY A 81 -5.03 2.05 0.02
CA GLY A 81 -3.61 2.04 0.37
C GLY A 81 -3.17 0.72 0.97
N GLU A 82 -3.59 -0.37 0.35
CA GLU A 82 -3.30 -1.70 0.85
C GLU A 82 -1.91 -2.15 0.47
N GLU A 83 -1.07 -1.20 0.08
CA GLU A 83 0.27 -1.51 -0.36
C GLU A 83 1.19 -1.74 0.83
N VAL A 84 1.25 -3.00 1.24
CA VAL A 84 2.14 -3.41 2.30
C VAL A 84 2.94 -4.60 1.82
N ASN A 85 3.94 -4.31 1.02
CA ASN A 85 4.69 -5.35 0.33
C ASN A 85 5.81 -5.87 1.21
N PRO A 86 6.00 -7.20 1.19
CA PRO A 86 6.97 -7.89 2.05
C PRO A 86 8.40 -7.68 1.55
N GLU A 87 8.53 -7.35 0.28
CA GLU A 87 9.82 -7.09 -0.33
C GLU A 87 10.14 -5.60 -0.33
N GLN A 88 9.46 -4.83 0.52
CA GLN A 88 9.74 -3.40 0.59
C GLN A 88 10.99 -3.19 1.45
N MET A 89 12.02 -2.63 0.81
CA MET A 89 13.37 -2.53 1.38
C MET A 89 13.83 -3.86 2.00
N GLN A 90 13.33 -4.95 1.44
CA GLN A 90 13.72 -6.29 1.86
C GLN A 90 13.87 -7.17 0.63
N GLN A 91 14.79 -8.12 0.69
CA GLN A 91 15.14 -8.95 -0.46
C GLN A 91 15.55 -8.09 -1.66
N GLU A 92 16.07 -6.89 -1.35
CA GLU A 92 16.54 -5.95 -2.37
C GLU A 92 17.68 -6.57 -3.16
N LEU A 93 18.28 -7.60 -2.59
CA LEU A 93 19.41 -8.29 -3.19
C LEU A 93 19.10 -8.71 -4.62
N ARG A 94 17.82 -8.95 -4.91
CA ARG A 94 17.38 -9.30 -6.25
C ARG A 94 17.79 -8.24 -7.27
N GLU A 95 17.46 -6.99 -6.98
CA GLU A 95 17.81 -5.90 -7.87
C GLU A 95 19.28 -5.54 -7.72
N ALA A 96 19.85 -5.90 -6.57
CA ALA A 96 21.25 -5.65 -6.29
C ALA A 96 22.14 -6.65 -7.02
N PHE A 97 21.56 -7.73 -7.54
CA PHE A 97 22.34 -8.69 -8.30
C PHE A 97 22.92 -8.01 -9.51
N ARG A 98 22.09 -7.27 -10.24
CA ARG A 98 22.54 -6.55 -11.42
C ARG A 98 23.47 -5.42 -11.02
N LEU A 99 23.35 -4.99 -9.77
CA LEU A 99 24.20 -3.96 -9.21
C LEU A 99 25.64 -4.47 -9.05
N TYR A 100 25.76 -5.75 -8.69
CA TYR A 100 27.05 -6.36 -8.42
C TYR A 100 27.48 -7.26 -9.57
N ASP A 101 26.61 -7.44 -10.54
CA ASP A 101 26.86 -8.36 -11.63
C ASP A 101 27.81 -7.75 -12.67
N LYS A 102 29.09 -7.80 -12.35
CA LYS A 102 30.14 -7.40 -13.29
C LYS A 102 30.10 -8.26 -14.55
N GLU A 103 29.86 -9.54 -14.34
CA GLU A 103 30.02 -10.53 -15.40
C GLU A 103 28.92 -10.43 -16.45
N GLY A 104 27.70 -10.14 -16.01
CA GLY A 104 26.61 -9.93 -16.95
C GLY A 104 25.77 -11.17 -17.15
N ASN A 105 25.37 -11.80 -16.06
CA ASN A 105 24.56 -13.02 -16.12
C ASN A 105 23.16 -12.77 -15.57
N GLY A 106 23.03 -11.68 -14.82
CA GLY A 106 21.81 -11.44 -14.07
C GLY A 106 21.91 -12.05 -12.69
N TYR A 107 22.76 -13.05 -12.60
CA TYR A 107 23.12 -13.70 -11.36
C TYR A 107 24.55 -13.31 -11.06
N ILE A 108 24.92 -13.24 -9.81
CA ILE A 108 26.28 -12.87 -9.50
C ILE A 108 27.15 -14.12 -9.39
N SER A 109 28.28 -14.09 -10.06
CA SER A 109 29.18 -15.23 -10.07
C SER A 109 29.82 -15.42 -8.70
N THR A 110 30.50 -16.51 -8.50
CA THR A 110 31.12 -16.76 -7.22
C THR A 110 32.28 -15.77 -6.97
N ASP A 111 32.82 -15.24 -8.06
CA ASP A 111 33.87 -14.22 -7.97
C ASP A 111 33.36 -12.95 -7.29
N VAL A 112 32.22 -12.46 -7.75
CA VAL A 112 31.63 -11.25 -7.17
C VAL A 112 31.08 -11.53 -5.78
N MET A 113 30.53 -12.72 -5.57
CA MET A 113 30.05 -13.11 -4.25
C MET A 113 31.17 -13.01 -3.23
N ARG A 114 32.38 -13.42 -3.64
CA ARG A 114 33.58 -13.30 -2.83
C ARG A 114 33.79 -11.87 -2.31
N GLU A 115 33.86 -10.93 -3.25
CA GLU A 115 34.14 -9.54 -2.92
C GLU A 115 33.01 -8.92 -2.08
N ILE A 116 31.79 -9.40 -2.29
CA ILE A 116 30.65 -8.94 -1.51
C ILE A 116 30.82 -9.31 -0.03
N LEU A 117 31.17 -10.57 0.21
CA LEU A 117 31.39 -11.06 1.57
C LEU A 117 32.46 -10.24 2.26
N ALA A 118 33.63 -10.19 1.62
CA ALA A 118 34.77 -9.43 2.12
C ALA A 118 34.39 -8.01 2.53
N GLU A 119 33.51 -7.38 1.77
CA GLU A 119 33.06 -6.02 2.05
C GLU A 119 32.30 -5.97 3.37
N LEU A 120 31.24 -6.77 3.47
CA LEU A 120 30.42 -6.80 4.68
C LEU A 120 31.20 -7.37 5.86
N ASP A 121 31.92 -8.45 5.62
CA ASP A 121 32.69 -9.12 6.64
C ASP A 121 34.16 -9.13 6.28
N GLU A 122 34.87 -8.08 6.68
CA GLU A 122 36.28 -7.94 6.41
C GLU A 122 37.12 -8.83 7.32
N THR A 123 36.50 -9.87 7.84
CA THR A 123 37.17 -10.82 8.69
C THR A 123 37.47 -12.08 7.90
N LEU A 124 36.84 -12.16 6.73
CA LEU A 124 37.02 -13.25 5.80
C LEU A 124 38.24 -13.00 4.92
N SER A 125 39.25 -13.83 5.05
CA SER A 125 40.41 -13.75 4.20
C SER A 125 40.11 -14.33 2.83
N SER A 126 41.01 -14.17 1.88
CA SER A 126 40.75 -14.58 0.49
C SER A 126 40.37 -16.06 0.41
N GLU A 127 41.09 -16.91 1.14
CA GLU A 127 40.79 -18.34 1.17
C GLU A 127 39.46 -18.60 1.88
N ASP A 128 39.22 -17.87 2.96
CA ASP A 128 37.97 -17.98 3.70
C ASP A 128 36.78 -17.63 2.80
N LEU A 129 36.97 -16.59 2.00
CA LEU A 129 35.97 -16.19 1.01
C LEU A 129 35.62 -17.35 0.09
N ASP A 130 36.64 -18.08 -0.35
CA ASP A 130 36.44 -19.21 -1.25
C ASP A 130 35.61 -20.31 -0.59
N ALA A 131 35.86 -20.56 0.69
CA ALA A 131 35.08 -21.54 1.42
C ALA A 131 33.66 -21.05 1.62
N MET A 132 33.53 -19.75 1.90
CA MET A 132 32.21 -19.15 1.98
C MET A 132 31.48 -19.33 0.67
N ILE A 133 32.19 -19.12 -0.42
CA ILE A 133 31.65 -19.32 -1.75
C ILE A 133 31.02 -20.70 -1.87
N ASP A 134 31.77 -21.71 -1.48
CA ASP A 134 31.33 -23.09 -1.49
C ASP A 134 30.08 -23.27 -0.65
N GLU A 135 30.11 -22.65 0.52
CA GLU A 135 29.04 -22.76 1.50
C GLU A 135 27.79 -21.99 1.05
N ILE A 136 28.00 -20.87 0.38
CA ILE A 136 26.92 -20.01 -0.10
C ILE A 136 26.07 -20.70 -1.17
N ASP A 137 26.71 -21.10 -2.27
CA ASP A 137 25.99 -21.72 -3.39
C ASP A 137 25.47 -23.09 -2.97
N ALA A 138 24.23 -23.09 -2.53
CA ALA A 138 23.59 -24.28 -2.01
C ALA A 138 23.13 -25.21 -3.11
N ASP A 139 22.80 -24.65 -4.27
CA ASP A 139 22.22 -25.44 -5.35
C ASP A 139 23.31 -26.03 -6.22
N GLY A 140 24.53 -25.51 -6.07
CA GLY A 140 25.63 -25.97 -6.87
C GLY A 140 25.48 -25.54 -8.30
N SER A 141 24.79 -24.43 -8.52
CA SER A 141 24.47 -23.96 -9.85
C SER A 141 25.68 -23.22 -10.44
N GLY A 142 26.59 -22.81 -9.57
CA GLY A 142 27.81 -22.16 -10.02
C GLY A 142 27.74 -20.66 -9.87
N THR A 143 26.54 -20.12 -10.00
CA THR A 143 26.32 -18.69 -9.80
C THR A 143 25.43 -18.48 -8.60
N VAL A 144 25.71 -17.43 -7.85
CA VAL A 144 24.94 -17.10 -6.67
C VAL A 144 23.77 -16.21 -7.05
N ASP A 145 22.55 -16.68 -6.82
CA ASP A 145 21.38 -15.89 -7.19
C ASP A 145 20.25 -16.07 -6.19
N PHE A 146 19.62 -17.23 -6.22
CA PHE A 146 18.36 -17.42 -5.53
C PHE A 146 18.56 -17.65 -4.03
N GLU A 147 18.57 -18.89 -3.59
CA GLU A 147 18.62 -19.15 -2.16
C GLU A 147 20.04 -19.08 -1.63
N GLU A 148 20.99 -19.04 -2.55
CA GLU A 148 22.39 -18.84 -2.22
C GLU A 148 22.60 -17.49 -1.56
N PHE A 149 22.23 -16.42 -2.26
CA PHE A 149 22.45 -15.08 -1.77
C PHE A 149 21.48 -14.75 -0.63
N MET A 150 20.20 -15.06 -0.85
CA MET A 150 19.18 -14.84 0.17
C MET A 150 19.49 -15.65 1.44
N GLY A 151 20.35 -16.67 1.30
CA GLY A 151 20.71 -17.49 2.43
C GLY A 151 22.01 -17.05 3.09
N VAL A 152 22.84 -16.31 2.37
CA VAL A 152 24.12 -15.87 2.91
C VAL A 152 24.02 -14.46 3.49
N MET A 153 23.22 -13.62 2.84
CA MET A 153 23.08 -12.23 3.26
C MET A 153 21.93 -12.10 4.26
N THR A 154 20.79 -12.70 3.92
CA THR A 154 19.62 -12.65 4.77
C THR A 154 19.27 -14.04 5.31
N GLY A 155 20.29 -14.79 5.71
CA GLY A 155 20.09 -16.16 6.12
C GLY A 155 19.69 -16.28 7.58
N GLY A 156 20.25 -15.41 8.41
CA GLY A 156 19.98 -15.48 9.83
C GLY A 156 21.07 -16.22 10.56
N ASP A 157 22.20 -15.55 10.76
CA ASP A 157 23.39 -16.12 11.39
C ASP A 157 23.07 -16.68 12.78
N GLU A 158 22.35 -15.89 13.57
CA GLU A 158 22.09 -16.22 14.96
C GLU A 158 21.00 -17.28 15.08
N MET A 1 -5.06 12.50 -1.17
CA MET A 1 -5.67 11.25 -0.68
C MET A 1 -6.62 10.66 -1.73
N GLY A 2 -6.06 9.83 -2.60
CA GLY A 2 -6.84 9.26 -3.67
C GLY A 2 -6.02 9.02 -4.92
N ASP A 3 -5.00 8.17 -4.80
CA ASP A 3 -4.16 7.82 -5.93
C ASP A 3 -4.84 6.77 -6.80
N VAL A 4 -5.90 7.17 -7.47
CA VAL A 4 -6.78 6.24 -8.19
C VAL A 4 -6.04 5.41 -9.23
N SER A 5 -5.24 6.08 -10.06
CA SER A 5 -4.53 5.40 -11.13
C SER A 5 -3.22 4.80 -10.64
N LYS A 6 -2.98 4.90 -9.34
CA LYS A 6 -1.80 4.39 -8.73
C LYS A 6 -2.07 2.99 -8.16
N LEU A 7 -3.35 2.74 -7.83
CA LEU A 7 -3.78 1.43 -7.36
C LEU A 7 -3.45 0.35 -8.39
N SER A 8 -2.69 -0.64 -7.96
CA SER A 8 -2.13 -1.63 -8.87
C SER A 8 -3.09 -2.80 -9.14
N SER A 9 -4.35 -2.45 -9.39
CA SER A 9 -5.38 -3.42 -9.80
C SER A 9 -5.82 -4.38 -8.68
N ASN A 10 -4.87 -4.88 -7.89
CA ASN A 10 -5.17 -5.89 -6.87
C ASN A 10 -6.25 -5.42 -5.90
N GLN A 11 -6.07 -4.23 -5.34
CA GLN A 11 -7.06 -3.66 -4.43
C GLN A 11 -8.39 -3.50 -5.15
N VAL A 12 -8.29 -3.05 -6.40
CA VAL A 12 -9.45 -2.79 -7.24
C VAL A 12 -10.25 -4.07 -7.49
N LYS A 13 -9.55 -5.19 -7.61
CA LYS A 13 -10.18 -6.49 -7.73
C LYS A 13 -11.01 -6.81 -6.50
N LEU A 14 -10.41 -6.60 -5.33
CA LEU A 14 -11.11 -6.78 -4.06
C LEU A 14 -12.31 -5.86 -4.00
N LEU A 15 -12.09 -4.61 -4.39
CA LEU A 15 -13.14 -3.60 -4.45
C LEU A 15 -14.29 -4.06 -5.34
N GLU A 16 -13.97 -4.47 -6.56
CA GLU A 16 -14.97 -4.90 -7.53
C GLU A 16 -15.73 -6.14 -7.04
N THR A 17 -15.01 -7.06 -6.40
CA THR A 17 -15.63 -8.27 -5.88
C THR A 17 -16.74 -7.92 -4.89
N ALA A 18 -16.41 -7.11 -3.90
CA ALA A 18 -17.37 -6.69 -2.89
C ALA A 18 -18.41 -5.76 -3.51
N PHE A 19 -17.96 -4.98 -4.48
CA PHE A 19 -18.82 -4.07 -5.22
C PHE A 19 -20.00 -4.83 -5.81
N ARG A 20 -19.69 -5.82 -6.63
CA ARG A 20 -20.70 -6.58 -7.36
C ARG A 20 -21.68 -7.30 -6.45
N ASP A 21 -21.21 -7.73 -5.28
CA ASP A 21 -22.05 -8.50 -4.37
C ASP A 21 -23.18 -7.65 -3.79
N PHE A 22 -22.83 -6.44 -3.38
CA PHE A 22 -23.81 -5.54 -2.78
C PHE A 22 -24.26 -4.51 -3.81
N GLU A 23 -23.86 -4.73 -5.05
CA GLU A 23 -24.16 -3.82 -6.14
C GLU A 23 -25.63 -3.86 -6.47
N THR A 24 -26.10 -2.75 -7.03
CA THR A 24 -27.34 -2.74 -7.76
C THR A 24 -28.57 -2.69 -6.84
N PRO A 25 -29.50 -1.78 -7.16
CA PRO A 25 -30.80 -1.69 -6.50
C PRO A 25 -31.80 -2.65 -7.12
N GLU A 26 -31.69 -2.84 -8.44
CA GLU A 26 -32.50 -3.77 -9.20
C GLU A 26 -31.87 -3.98 -10.58
N GLY A 27 -30.54 -3.90 -10.62
CA GLY A 27 -29.83 -3.99 -11.87
C GLY A 27 -29.47 -2.63 -12.41
N SER A 28 -28.59 -1.92 -11.71
CA SER A 28 -28.20 -0.57 -12.11
C SER A 28 -26.74 -0.55 -12.57
N GLY A 29 -25.92 -1.42 -12.00
CA GLY A 29 -24.50 -1.41 -12.30
C GLY A 29 -23.72 -0.59 -11.30
N ARG A 30 -24.44 0.19 -10.51
CA ARG A 30 -23.83 0.98 -9.44
C ARG A 30 -24.15 0.37 -8.10
N VAL A 31 -23.54 0.89 -7.07
CA VAL A 31 -23.89 0.49 -5.71
C VAL A 31 -24.68 1.55 -5.05
N SER A 32 -25.78 1.12 -4.49
CA SER A 32 -26.59 1.95 -3.65
C SER A 32 -25.70 2.52 -2.55
N THR A 33 -25.90 3.78 -2.25
CA THR A 33 -25.06 4.48 -1.30
C THR A 33 -25.22 3.94 0.12
N ASP A 34 -26.25 3.14 0.33
CA ASP A 34 -26.42 2.46 1.59
C ASP A 34 -25.39 1.35 1.73
N GLN A 35 -25.18 0.62 0.64
CA GLN A 35 -24.32 -0.55 0.65
C GLN A 35 -22.86 -0.16 0.70
N ILE A 36 -22.57 1.10 0.40
CA ILE A 36 -21.20 1.59 0.44
C ILE A 36 -20.64 1.42 1.84
N GLY A 37 -21.49 1.56 2.84
CA GLY A 37 -21.04 1.43 4.21
C GLY A 37 -20.80 -0.01 4.57
N ILE A 38 -21.64 -0.88 4.04
CA ILE A 38 -21.47 -2.31 4.18
C ILE A 38 -20.14 -2.73 3.61
N ILE A 39 -19.92 -2.38 2.36
CA ILE A 39 -18.72 -2.77 1.63
C ILE A 39 -17.46 -2.17 2.27
N LEU A 40 -17.54 -0.90 2.65
CA LEU A 40 -16.42 -0.23 3.31
C LEU A 40 -16.09 -0.90 4.63
N GLU A 41 -17.11 -1.53 5.22
CA GLU A 41 -16.93 -2.29 6.44
C GLU A 41 -16.27 -3.64 6.10
N VAL A 42 -16.75 -4.25 5.03
CA VAL A 42 -16.19 -5.49 4.50
C VAL A 42 -14.70 -5.34 4.24
N LEU A 43 -14.37 -4.25 3.57
CA LEU A 43 -13.03 -4.00 3.11
C LEU A 43 -12.19 -3.32 4.19
N GLY A 44 -12.80 -3.16 5.36
CA GLY A 44 -12.08 -2.68 6.53
C GLY A 44 -11.52 -1.29 6.37
N ILE A 45 -12.27 -0.39 5.76
CA ILE A 45 -11.79 0.97 5.57
C ILE A 45 -12.65 2.00 6.33
N GLN A 46 -13.82 2.33 5.80
CA GLN A 46 -14.66 3.34 6.42
C GLN A 46 -15.46 2.80 7.59
N GLN A 47 -16.30 3.67 8.13
CA GLN A 47 -17.08 3.37 9.34
C GLN A 47 -18.56 3.24 9.00
N THR A 48 -19.40 3.17 10.03
CA THR A 48 -20.85 3.02 9.85
C THR A 48 -21.47 4.14 9.01
N LYS A 49 -22.77 4.05 8.75
CA LYS A 49 -23.47 4.97 7.84
C LYS A 49 -23.22 6.43 8.19
N SER A 50 -23.11 6.72 9.49
CA SER A 50 -22.84 8.08 9.96
C SER A 50 -21.59 8.66 9.31
N THR A 51 -20.62 7.80 9.05
CA THR A 51 -19.40 8.21 8.38
C THR A 51 -19.58 8.16 6.86
N ILE A 52 -20.37 7.20 6.42
CA ILE A 52 -20.63 6.99 5.00
C ILE A 52 -21.37 8.18 4.39
N ARG A 53 -22.06 8.94 5.24
CA ARG A 53 -22.69 10.17 4.81
C ARG A 53 -21.69 11.06 4.06
N GLN A 54 -20.45 11.08 4.53
CA GLN A 54 -19.36 11.81 3.89
C GLN A 54 -19.13 11.31 2.47
N LEU A 55 -19.14 9.99 2.33
CA LEU A 55 -18.92 9.35 1.05
C LEU A 55 -20.02 9.72 0.07
N ILE A 56 -21.25 9.66 0.55
CA ILE A 56 -22.42 9.93 -0.28
C ILE A 56 -22.48 11.38 -0.74
N ASP A 57 -22.30 12.32 0.18
CA ASP A 57 -22.37 13.74 -0.19
C ASP A 57 -21.21 14.12 -1.11
N GLU A 58 -20.17 13.30 -1.11
CA GLU A 58 -19.01 13.54 -1.95
C GLU A 58 -19.21 12.95 -3.36
N PHE A 59 -19.55 11.67 -3.43
CA PHE A 59 -19.61 10.97 -4.70
C PHE A 59 -21.00 10.95 -5.32
N ASP A 60 -22.02 11.22 -4.52
CA ASP A 60 -23.38 11.29 -5.06
C ASP A 60 -24.07 12.60 -4.65
N PRO A 61 -23.59 13.74 -5.19
CA PRO A 61 -24.29 15.02 -5.02
C PRO A 61 -25.58 15.03 -5.82
N PHE A 62 -25.66 14.09 -6.76
CA PHE A 62 -26.79 13.97 -7.66
C PHE A 62 -28.04 13.50 -6.95
N GLY A 63 -27.87 12.92 -5.76
CA GLY A 63 -28.98 12.35 -5.04
C GLY A 63 -29.60 11.20 -5.80
N ASN A 64 -28.76 10.51 -6.56
CA ASN A 64 -29.21 9.46 -7.46
C ASN A 64 -29.42 8.16 -6.70
N GLY A 65 -28.69 7.98 -5.60
CA GLY A 65 -28.92 6.84 -4.74
C GLY A 65 -27.86 5.78 -4.86
N ASP A 66 -27.12 5.80 -5.95
CA ASP A 66 -26.08 4.82 -6.19
C ASP A 66 -24.90 5.43 -6.93
N ILE A 67 -23.75 4.80 -6.81
CA ILE A 67 -22.51 5.28 -7.45
C ILE A 67 -21.87 4.17 -8.27
N ASP A 68 -21.31 4.54 -9.42
CA ASP A 68 -20.72 3.56 -10.33
C ASP A 68 -19.37 3.06 -9.79
N PHE A 69 -18.75 2.10 -10.49
CA PHE A 69 -17.48 1.56 -10.02
C PHE A 69 -16.42 2.64 -9.96
N ASP A 70 -16.40 3.54 -10.93
CA ASP A 70 -15.36 4.55 -10.99
C ASP A 70 -15.41 5.42 -9.75
N SER A 71 -16.62 5.74 -9.32
CA SER A 71 -16.83 6.50 -8.09
C SER A 71 -16.40 5.69 -6.86
N PHE A 72 -16.78 4.40 -6.84
CA PHE A 72 -16.43 3.52 -5.74
C PHE A 72 -14.93 3.24 -5.74
N LYS A 73 -14.38 3.19 -6.94
CA LYS A 73 -12.96 2.96 -7.14
C LYS A 73 -12.14 4.07 -6.49
N ILE A 74 -12.60 5.31 -6.66
CA ILE A 74 -11.94 6.44 -6.02
C ILE A 74 -12.09 6.33 -4.50
N ILE A 75 -13.27 5.91 -4.05
CA ILE A 75 -13.52 5.65 -2.64
C ILE A 75 -12.50 4.63 -2.12
N GLY A 76 -12.41 3.50 -2.80
CA GLY A 76 -11.47 2.48 -2.41
C GLY A 76 -10.03 2.97 -2.49
N ALA A 77 -9.73 3.72 -3.53
CA ALA A 77 -8.37 4.16 -3.79
C ALA A 77 -7.89 5.14 -2.72
N ARG A 78 -8.83 5.85 -2.11
CA ARG A 78 -8.48 6.84 -1.11
C ARG A 78 -8.42 6.25 0.29
N PHE A 79 -9.02 5.08 0.51
CA PHE A 79 -9.10 4.53 1.86
C PHE A 79 -8.19 3.32 2.02
N LEU A 80 -8.18 2.42 1.05
CA LEU A 80 -7.33 1.26 1.09
C LEU A 80 -5.87 1.66 1.18
N GLY A 81 -5.37 2.26 0.09
CA GLY A 81 -4.06 2.91 0.07
C GLY A 81 -2.92 2.17 0.77
N GLU A 82 -3.00 0.85 0.81
CA GLU A 82 -1.92 0.04 1.37
C GLU A 82 -1.05 -0.45 0.23
N GLU A 83 -1.13 0.28 -0.87
CA GLU A 83 -0.47 -0.06 -2.10
C GLU A 83 1.02 -0.18 -1.90
N VAL A 84 1.45 -1.41 -1.90
CA VAL A 84 2.86 -1.74 -1.79
C VAL A 84 3.59 -1.29 -3.05
N ASN A 85 4.07 -0.05 -3.01
CA ASN A 85 4.90 0.50 -4.07
C ASN A 85 6.01 -0.48 -4.44
N PRO A 86 6.26 -0.61 -5.76
CA PRO A 86 7.06 -1.70 -6.34
C PRO A 86 8.42 -1.92 -5.70
N GLU A 87 9.17 -0.86 -5.49
CA GLU A 87 10.54 -0.97 -5.01
C GLU A 87 10.66 -0.60 -3.54
N GLN A 88 9.61 0.00 -3.00
CA GLN A 88 9.64 0.53 -1.64
C GLN A 88 9.91 -0.58 -0.60
N MET A 89 9.44 -1.78 -0.87
CA MET A 89 9.62 -2.87 0.08
C MET A 89 10.28 -4.07 -0.59
N GLN A 90 11.33 -3.81 -1.36
CA GLN A 90 12.09 -4.89 -1.96
C GLN A 90 13.30 -5.27 -1.12
N GLN A 91 14.31 -4.38 -1.08
CA GLN A 91 15.60 -4.65 -0.43
C GLN A 91 16.07 -6.09 -0.68
N GLU A 92 16.00 -6.47 -1.96
CA GLU A 92 16.37 -7.80 -2.42
C GLU A 92 17.84 -8.07 -2.13
N LEU A 93 18.56 -6.98 -1.90
CA LEU A 93 19.98 -7.01 -1.59
C LEU A 93 20.33 -8.09 -0.58
N ARG A 94 19.50 -8.28 0.44
CA ARG A 94 19.76 -9.23 1.49
C ARG A 94 19.88 -10.65 0.95
N GLU A 95 19.05 -11.01 -0.01
CA GLU A 95 19.12 -12.32 -0.62
C GLU A 95 20.13 -12.31 -1.77
N ALA A 96 20.44 -11.12 -2.25
CA ALA A 96 21.39 -10.95 -3.33
C ALA A 96 22.82 -11.05 -2.82
N PHE A 97 23.00 -10.83 -1.53
CA PHE A 97 24.32 -10.96 -0.93
C PHE A 97 24.87 -12.35 -1.16
N ARG A 98 24.03 -13.36 -0.96
CA ARG A 98 24.43 -14.75 -1.16
C ARG A 98 24.60 -15.07 -2.64
N LEU A 99 24.13 -14.18 -3.49
CA LEU A 99 24.26 -14.36 -4.94
C LEU A 99 25.58 -13.80 -5.44
N TYR A 100 26.11 -12.81 -4.74
CA TYR A 100 27.37 -12.20 -5.10
C TYR A 100 28.48 -12.70 -4.19
N ASP A 101 28.07 -13.31 -3.09
CA ASP A 101 28.99 -13.79 -2.07
C ASP A 101 29.89 -14.89 -2.61
N LYS A 102 30.98 -14.46 -3.21
CA LYS A 102 32.02 -15.35 -3.72
C LYS A 102 32.69 -16.14 -2.60
N GLU A 103 32.55 -15.68 -1.37
CA GLU A 103 33.29 -16.25 -0.25
C GLU A 103 32.47 -17.29 0.51
N GLY A 104 31.18 -17.03 0.63
CA GLY A 104 30.28 -18.00 1.26
C GLY A 104 30.12 -17.76 2.74
N ASN A 105 30.05 -16.49 3.13
CA ASN A 105 29.96 -16.11 4.54
C ASN A 105 28.63 -15.45 4.88
N GLY A 106 27.91 -15.03 3.84
CA GLY A 106 26.63 -14.36 4.07
C GLY A 106 26.73 -12.87 3.87
N TYR A 107 27.94 -12.35 4.00
CA TYR A 107 28.22 -10.95 3.69
C TYR A 107 28.84 -10.90 2.31
N ILE A 108 28.95 -9.73 1.72
CA ILE A 108 29.79 -9.59 0.55
C ILE A 108 30.99 -8.74 0.91
N SER A 109 32.17 -9.34 0.77
CA SER A 109 33.41 -8.69 1.14
C SER A 109 33.64 -7.45 0.28
N THR A 110 34.58 -6.60 0.67
CA THR A 110 34.87 -5.40 -0.09
C THR A 110 35.24 -5.75 -1.53
N ASP A 111 35.89 -6.90 -1.71
CA ASP A 111 36.31 -7.37 -3.02
C ASP A 111 35.12 -7.60 -3.94
N VAL A 112 34.12 -8.34 -3.47
CA VAL A 112 32.93 -8.61 -4.28
C VAL A 112 32.11 -7.33 -4.51
N MET A 113 32.05 -6.48 -3.48
CA MET A 113 31.40 -5.18 -3.61
C MET A 113 32.05 -4.40 -4.75
N ARG A 114 33.38 -4.46 -4.78
CA ARG A 114 34.17 -3.87 -5.85
C ARG A 114 33.72 -4.40 -7.21
N GLU A 115 33.60 -5.72 -7.30
CA GLU A 115 33.16 -6.37 -8.54
C GLU A 115 31.78 -5.89 -8.94
N ILE A 116 30.89 -5.76 -7.95
CA ILE A 116 29.53 -5.30 -8.18
C ILE A 116 29.53 -3.89 -8.79
N LEU A 117 30.27 -2.98 -8.18
CA LEU A 117 30.39 -1.61 -8.67
C LEU A 117 30.87 -1.59 -10.11
N ALA A 118 32.06 -2.15 -10.31
CA ALA A 118 32.71 -2.17 -11.62
C ALA A 118 31.85 -2.86 -12.69
N GLU A 119 30.93 -3.71 -12.26
CA GLU A 119 30.09 -4.45 -13.20
C GLU A 119 28.91 -3.60 -13.66
N LEU A 120 28.32 -2.86 -12.72
CA LEU A 120 27.22 -1.96 -13.06
C LEU A 120 27.75 -0.66 -13.66
N ASP A 121 28.75 -0.09 -13.01
CA ASP A 121 29.37 1.14 -13.46
C ASP A 121 30.72 0.85 -14.07
N GLU A 122 30.77 0.77 -15.39
CA GLU A 122 31.98 0.36 -16.10
C GLU A 122 32.93 1.53 -16.31
N THR A 123 32.58 2.67 -15.75
CA THR A 123 33.36 3.87 -15.92
C THR A 123 34.40 3.99 -14.81
N LEU A 124 34.25 3.13 -13.80
CA LEU A 124 35.18 3.07 -12.70
C LEU A 124 36.44 2.34 -13.11
N SER A 125 37.56 2.77 -12.56
CA SER A 125 38.84 2.13 -12.82
C SER A 125 39.37 1.52 -11.52
N SER A 126 40.45 0.75 -11.62
CA SER A 126 40.98 -0.02 -10.48
C SER A 126 41.09 0.81 -9.20
N GLU A 127 41.63 2.02 -9.31
CA GLU A 127 41.84 2.86 -8.13
C GLU A 127 40.54 3.53 -7.70
N ASP A 128 39.70 3.85 -8.67
CA ASP A 128 38.40 4.46 -8.40
C ASP A 128 37.54 3.47 -7.63
N LEU A 129 37.62 2.20 -8.02
CA LEU A 129 36.96 1.12 -7.30
C LEU A 129 37.31 1.15 -5.81
N ASP A 130 38.59 1.38 -5.52
CA ASP A 130 39.07 1.39 -4.15
C ASP A 130 38.44 2.55 -3.37
N ALA A 131 38.37 3.71 -4.00
CA ALA A 131 37.73 4.87 -3.40
C ALA A 131 36.29 4.57 -3.07
N MET A 132 35.62 3.95 -4.03
CA MET A 132 34.26 3.53 -3.86
C MET A 132 34.14 2.66 -2.64
N ILE A 133 34.96 1.62 -2.60
CA ILE A 133 34.98 0.70 -1.48
C ILE A 133 35.21 1.42 -0.15
N ASP A 134 36.17 2.32 -0.16
CA ASP A 134 36.53 3.10 1.02
C ASP A 134 35.33 3.86 1.55
N GLU A 135 34.57 4.41 0.62
CA GLU A 135 33.38 5.19 0.95
C GLU A 135 32.20 4.28 1.28
N ILE A 136 32.17 3.12 0.65
CA ILE A 136 31.09 2.14 0.82
C ILE A 136 31.08 1.54 2.22
N ASP A 137 32.17 0.91 2.63
CA ASP A 137 32.23 0.26 3.94
C ASP A 137 32.23 1.29 5.06
N ALA A 138 31.04 1.59 5.55
CA ALA A 138 30.82 2.63 6.53
C ALA A 138 31.23 2.19 7.92
N ASP A 139 30.93 0.94 8.27
CA ASP A 139 31.16 0.47 9.63
C ASP A 139 32.60 0.02 9.82
N GLY A 140 33.31 -0.13 8.71
CA GLY A 140 34.68 -0.59 8.77
C GLY A 140 34.74 -2.05 9.15
N SER A 141 33.65 -2.76 8.88
CA SER A 141 33.53 -4.16 9.27
C SER A 141 34.38 -5.03 8.36
N GLY A 142 34.74 -4.48 7.21
CA GLY A 142 35.58 -5.18 6.27
C GLY A 142 34.75 -5.97 5.28
N THR A 143 33.56 -6.34 5.72
CA THR A 143 32.60 -7.00 4.87
C THR A 143 31.39 -6.11 4.67
N VAL A 144 31.02 -5.91 3.42
CA VAL A 144 29.89 -5.08 3.08
C VAL A 144 28.61 -5.90 3.20
N ASP A 145 27.71 -5.47 4.07
CA ASP A 145 26.50 -6.25 4.33
C ASP A 145 25.32 -5.35 4.62
N PHE A 146 25.46 -4.50 5.60
CA PHE A 146 24.32 -3.76 6.12
C PHE A 146 24.33 -2.30 5.66
N GLU A 147 24.83 -1.40 6.51
CA GLU A 147 24.86 0.02 6.17
C GLU A 147 25.77 0.29 4.99
N GLU A 148 26.88 -0.42 4.94
CA GLU A 148 27.85 -0.32 3.86
C GLU A 148 27.16 -0.46 2.51
N PHE A 149 26.41 -1.53 2.37
CA PHE A 149 25.76 -1.85 1.11
C PHE A 149 24.55 -0.98 0.87
N MET A 150 23.80 -0.71 1.93
CA MET A 150 22.60 0.11 1.81
C MET A 150 22.96 1.52 1.36
N GLY A 151 24.02 2.07 1.93
CA GLY A 151 24.42 3.43 1.61
C GLY A 151 24.99 3.57 0.21
N VAL A 152 25.37 2.46 -0.42
CA VAL A 152 25.95 2.51 -1.75
C VAL A 152 24.93 2.14 -2.83
N MET A 153 24.11 1.13 -2.56
CA MET A 153 23.21 0.59 -3.58
C MET A 153 21.95 1.43 -3.73
N THR A 154 21.30 1.75 -2.61
CA THR A 154 20.04 2.47 -2.65
C THR A 154 20.26 3.97 -2.52
N GLY A 155 21.51 4.39 -2.71
CA GLY A 155 21.86 5.79 -2.59
C GLY A 155 21.40 6.59 -3.79
N GLY A 156 20.12 6.91 -3.82
CA GLY A 156 19.59 7.72 -4.90
C GLY A 156 18.09 7.53 -5.08
N ASP A 157 17.42 8.58 -5.52
CA ASP A 157 15.98 8.52 -5.78
C ASP A 157 15.73 7.81 -7.10
N GLU A 158 16.33 8.37 -8.16
CA GLU A 158 16.33 7.76 -9.49
C GLU A 158 14.94 7.30 -9.94
N MET A 1 -3.91 8.92 -1.40
CA MET A 1 -5.24 9.24 -0.83
C MET A 1 -6.17 9.77 -1.93
N GLY A 2 -6.45 8.91 -2.90
CA GLY A 2 -7.24 9.31 -4.05
C GLY A 2 -6.46 9.10 -5.32
N ASP A 3 -5.92 7.91 -5.44
CA ASP A 3 -4.98 7.57 -6.49
C ASP A 3 -5.63 6.74 -7.57
N VAL A 4 -6.39 7.42 -8.44
CA VAL A 4 -7.10 6.75 -9.52
C VAL A 4 -6.11 6.15 -10.51
N SER A 5 -6.29 4.86 -10.78
CA SER A 5 -5.41 4.10 -11.68
C SER A 5 -4.00 3.99 -11.12
N LYS A 6 -3.83 4.30 -9.84
CA LYS A 6 -2.61 3.95 -9.11
C LYS A 6 -2.85 2.63 -8.41
N LEU A 7 -4.13 2.31 -8.24
CA LEU A 7 -4.52 1.02 -7.69
C LEU A 7 -4.27 -0.08 -8.71
N SER A 8 -3.40 -0.99 -8.35
CA SER A 8 -3.06 -2.09 -9.23
C SER A 8 -4.20 -3.12 -9.24
N SER A 9 -4.18 -4.05 -10.19
CA SER A 9 -5.30 -4.96 -10.40
C SER A 9 -5.72 -5.68 -9.10
N ASN A 10 -4.76 -6.04 -8.26
CA ASN A 10 -5.04 -6.74 -7.01
C ASN A 10 -6.05 -5.97 -6.15
N GLN A 11 -5.81 -4.67 -5.99
CA GLN A 11 -6.70 -3.83 -5.20
C GLN A 11 -8.08 -3.78 -5.83
N VAL A 12 -8.08 -3.60 -7.14
CA VAL A 12 -9.30 -3.41 -7.90
C VAL A 12 -10.12 -4.69 -7.97
N LYS A 13 -9.47 -5.84 -7.94
CA LYS A 13 -10.13 -7.10 -7.92
C LYS A 13 -10.99 -7.26 -6.68
N LEU A 14 -10.48 -6.82 -5.53
CA LEU A 14 -11.26 -6.81 -4.30
C LEU A 14 -12.39 -5.80 -4.41
N LEU A 15 -12.06 -4.64 -4.96
CA LEU A 15 -13.05 -3.60 -5.19
C LEU A 15 -14.19 -4.10 -6.08
N GLU A 16 -13.82 -4.72 -7.19
CA GLU A 16 -14.78 -5.29 -8.14
C GLU A 16 -15.70 -6.30 -7.46
N THR A 17 -15.10 -7.29 -6.82
CA THR A 17 -15.84 -8.38 -6.22
C THR A 17 -16.81 -7.87 -5.15
N ALA A 18 -16.35 -6.91 -4.35
CA ALA A 18 -17.18 -6.36 -3.29
C ALA A 18 -18.23 -5.42 -3.87
N PHE A 19 -17.85 -4.66 -4.89
CA PHE A 19 -18.76 -3.76 -5.58
C PHE A 19 -19.97 -4.52 -6.08
N ARG A 20 -19.69 -5.51 -6.92
CA ARG A 20 -20.73 -6.26 -7.60
C ARG A 20 -21.49 -7.19 -6.64
N ASP A 21 -20.94 -7.37 -5.44
CA ASP A 21 -21.53 -8.30 -4.48
C ASP A 21 -22.72 -7.65 -3.76
N PHE A 22 -22.58 -6.38 -3.44
CA PHE A 22 -23.64 -5.63 -2.77
C PHE A 22 -24.29 -4.66 -3.75
N GLU A 23 -23.89 -4.77 -5.01
CA GLU A 23 -24.35 -3.88 -6.07
C GLU A 23 -25.83 -3.98 -6.29
N THR A 24 -26.37 -2.86 -6.78
CA THR A 24 -27.71 -2.83 -7.33
C THR A 24 -28.79 -2.59 -6.27
N PRO A 25 -29.67 -1.64 -6.57
CA PRO A 25 -30.89 -1.41 -5.81
C PRO A 25 -32.02 -2.29 -6.33
N GLU A 26 -32.09 -2.41 -7.65
CA GLU A 26 -33.05 -3.26 -8.32
C GLU A 26 -32.56 -3.57 -9.74
N GLY A 27 -31.25 -3.65 -9.89
CA GLY A 27 -30.67 -3.87 -11.19
C GLY A 27 -30.26 -2.56 -11.85
N SER A 28 -29.27 -1.91 -11.28
CA SER A 28 -28.84 -0.59 -11.74
C SER A 28 -27.45 -0.65 -12.37
N GLY A 29 -26.65 -1.64 -11.99
CA GLY A 29 -25.29 -1.71 -12.45
C GLY A 29 -24.35 -0.96 -11.52
N ARG A 30 -24.96 -0.16 -10.66
CA ARG A 30 -24.22 0.60 -9.67
C ARG A 30 -24.55 0.08 -8.29
N VAL A 31 -23.72 0.42 -7.33
CA VAL A 31 -23.93 -0.04 -5.98
C VAL A 31 -24.45 1.08 -5.11
N SER A 32 -25.56 0.79 -4.46
CA SER A 32 -26.25 1.75 -3.61
C SER A 32 -25.31 2.34 -2.58
N THR A 33 -25.45 3.65 -2.36
CA THR A 33 -24.64 4.37 -1.41
C THR A 33 -24.83 3.86 0.02
N ASP A 34 -25.93 3.17 0.24
CA ASP A 34 -26.21 2.59 1.56
C ASP A 34 -25.31 1.38 1.80
N GLN A 35 -24.94 0.72 0.71
CA GLN A 35 -24.13 -0.50 0.78
C GLN A 35 -22.65 -0.19 0.82
N ILE A 36 -22.29 1.03 0.44
CA ILE A 36 -20.88 1.45 0.43
C ILE A 36 -20.24 1.26 1.79
N GLY A 37 -20.99 1.59 2.84
CA GLY A 37 -20.48 1.41 4.19
C GLY A 37 -20.20 -0.05 4.51
N ILE A 38 -21.07 -0.93 4.02
CA ILE A 38 -20.89 -2.36 4.19
C ILE A 38 -19.62 -2.80 3.48
N ILE A 39 -19.53 -2.44 2.22
CA ILE A 39 -18.38 -2.78 1.38
C ILE A 39 -17.09 -2.23 1.95
N LEU A 40 -17.13 -0.98 2.37
CA LEU A 40 -15.97 -0.33 2.96
C LEU A 40 -15.51 -1.07 4.21
N GLU A 41 -16.45 -1.76 4.84
CA GLU A 41 -16.13 -2.59 5.98
C GLU A 41 -15.55 -3.92 5.52
N VAL A 42 -16.12 -4.47 4.45
CA VAL A 42 -15.61 -5.67 3.80
C VAL A 42 -14.15 -5.47 3.44
N LEU A 43 -13.88 -4.30 2.91
CA LEU A 43 -12.55 -3.96 2.43
C LEU A 43 -11.68 -3.42 3.56
N GLY A 44 -12.30 -3.27 4.73
CA GLY A 44 -11.57 -2.88 5.93
C GLY A 44 -11.04 -1.47 5.90
N ILE A 45 -11.82 -0.54 5.36
CA ILE A 45 -11.38 0.84 5.29
C ILE A 45 -12.28 1.77 6.12
N GLN A 46 -13.38 2.23 5.55
CA GLN A 46 -14.27 3.16 6.23
C GLN A 46 -15.16 2.47 7.27
N GLN A 47 -16.11 3.24 7.80
CA GLN A 47 -16.94 2.81 8.91
C GLN A 47 -18.42 2.89 8.56
N THR A 48 -19.27 2.69 9.57
CA THR A 48 -20.73 2.66 9.39
C THR A 48 -21.28 3.91 8.70
N LYS A 49 -22.57 3.83 8.36
CA LYS A 49 -23.25 4.79 7.47
C LYS A 49 -23.06 6.24 7.87
N SER A 50 -22.98 6.49 9.17
CA SER A 50 -22.79 7.84 9.68
C SER A 50 -21.49 8.46 9.14
N THR A 51 -20.50 7.61 8.92
CA THR A 51 -19.24 8.02 8.33
C THR A 51 -19.37 8.08 6.80
N ILE A 52 -20.19 7.19 6.27
CA ILE A 52 -20.39 7.07 4.83
C ILE A 52 -21.13 8.29 4.29
N ARG A 53 -21.87 8.97 5.15
CA ARG A 53 -22.51 10.23 4.78
C ARG A 53 -21.50 11.20 4.15
N GLN A 54 -20.24 11.11 4.55
CA GLN A 54 -19.18 11.90 3.91
C GLN A 54 -19.00 11.44 2.47
N LEU A 55 -18.75 10.15 2.32
CA LEU A 55 -18.55 9.51 1.02
C LEU A 55 -19.69 9.83 0.05
N ILE A 56 -20.93 9.64 0.51
CA ILE A 56 -22.10 9.85 -0.32
C ILE A 56 -22.25 11.31 -0.75
N ASP A 57 -22.10 12.23 0.20
CA ASP A 57 -22.20 13.66 -0.09
C ASP A 57 -21.14 14.09 -1.10
N GLU A 58 -20.06 13.33 -1.14
CA GLU A 58 -18.93 13.64 -2.00
C GLU A 58 -19.09 13.03 -3.40
N PHE A 59 -19.38 11.74 -3.46
CA PHE A 59 -19.40 11.03 -4.75
C PHE A 59 -20.79 10.96 -5.34
N ASP A 60 -21.81 11.19 -4.53
CA ASP A 60 -23.17 11.23 -5.04
C ASP A 60 -23.89 12.49 -4.55
N PRO A 61 -23.38 13.67 -4.97
CA PRO A 61 -23.93 14.98 -4.56
C PRO A 61 -25.36 15.16 -5.04
N PHE A 62 -25.69 14.46 -6.11
CA PHE A 62 -27.02 14.56 -6.70
C PHE A 62 -28.04 13.79 -5.87
N GLY A 63 -27.52 12.90 -5.03
CA GLY A 63 -28.37 12.06 -4.22
C GLY A 63 -29.08 11.01 -5.04
N ASN A 64 -28.35 10.42 -5.98
CA ASN A 64 -28.93 9.45 -6.89
C ASN A 64 -29.32 8.17 -6.15
N GLY A 65 -28.49 7.76 -5.21
CA GLY A 65 -28.80 6.59 -4.42
C GLY A 65 -27.77 5.49 -4.57
N ASP A 66 -27.03 5.53 -5.67
CA ASP A 66 -25.98 4.53 -5.92
C ASP A 66 -24.77 5.22 -6.53
N ILE A 67 -23.73 4.44 -6.80
CA ILE A 67 -22.51 4.96 -7.42
C ILE A 67 -21.94 3.95 -8.39
N ASP A 68 -21.39 4.44 -9.49
CA ASP A 68 -20.74 3.58 -10.47
C ASP A 68 -19.31 3.31 -10.04
N PHE A 69 -18.64 2.33 -10.67
CA PHE A 69 -17.25 2.03 -10.37
C PHE A 69 -16.39 3.30 -10.56
N ASP A 70 -16.84 4.19 -11.44
CA ASP A 70 -16.20 5.50 -11.63
C ASP A 70 -15.95 6.19 -10.30
N SER A 71 -16.99 6.30 -9.48
CA SER A 71 -16.89 6.95 -8.19
C SER A 71 -16.32 5.99 -7.13
N PHE A 72 -16.72 4.73 -7.24
CA PHE A 72 -16.29 3.70 -6.28
C PHE A 72 -14.78 3.48 -6.35
N LYS A 73 -14.22 3.57 -7.55
CA LYS A 73 -12.79 3.39 -7.75
C LYS A 73 -12.03 4.47 -7.01
N ILE A 74 -12.57 5.70 -7.03
CA ILE A 74 -11.95 6.80 -6.31
C ILE A 74 -12.07 6.60 -4.82
N ILE A 75 -13.23 6.10 -4.38
CA ILE A 75 -13.45 5.73 -2.99
C ILE A 75 -12.41 4.69 -2.58
N GLY A 76 -12.27 3.67 -3.41
CA GLY A 76 -11.28 2.65 -3.17
C GLY A 76 -9.87 3.21 -3.19
N ALA A 77 -9.60 4.03 -4.18
CA ALA A 77 -8.26 4.54 -4.40
C ALA A 77 -7.82 5.49 -3.29
N ARG A 78 -8.77 6.04 -2.55
CA ARG A 78 -8.44 6.99 -1.52
C ARG A 78 -8.24 6.31 -0.18
N PHE A 79 -8.69 5.07 -0.05
CA PHE A 79 -8.56 4.35 1.21
C PHE A 79 -7.70 3.09 1.03
N LEU A 80 -7.98 2.32 -0.01
CA LEU A 80 -7.21 1.12 -0.31
C LEU A 80 -5.84 1.47 -0.87
N GLY A 81 -5.73 2.69 -1.37
CA GLY A 81 -4.49 3.12 -1.96
C GLY A 81 -3.56 3.79 -0.99
N GLU A 82 -3.95 3.70 0.28
CA GLU A 82 -3.09 4.14 1.37
C GLU A 82 -2.27 2.94 1.83
N GLU A 83 -2.16 1.99 0.92
CA GLU A 83 -1.56 0.71 1.22
C GLU A 83 -0.06 0.76 0.98
N VAL A 84 0.65 0.91 2.06
CA VAL A 84 2.08 0.96 2.03
C VAL A 84 2.67 -0.20 2.82
N ASN A 85 2.57 -1.39 2.25
CA ASN A 85 3.11 -2.57 2.90
C ASN A 85 4.59 -2.69 2.58
N PRO A 86 5.38 -3.11 3.56
CA PRO A 86 6.84 -3.11 3.48
C PRO A 86 7.34 -3.82 2.24
N GLU A 87 7.03 -5.10 2.14
CA GLU A 87 7.56 -5.94 1.07
C GLU A 87 6.61 -5.95 -0.13
N GLN A 88 5.85 -4.86 -0.27
CA GLN A 88 4.86 -4.76 -1.33
C GLN A 88 5.10 -3.52 -2.17
N MET A 89 5.14 -2.37 -1.50
CA MET A 89 5.21 -1.09 -2.22
C MET A 89 6.62 -0.51 -2.19
N GLN A 90 7.37 -0.78 -1.13
CA GLN A 90 8.69 -0.18 -0.97
C GLN A 90 9.76 -1.25 -0.72
N GLN A 91 10.93 -0.79 -0.28
CA GLN A 91 12.11 -1.63 -0.03
C GLN A 91 12.29 -2.73 -1.07
N GLU A 92 12.20 -2.33 -2.34
CA GLU A 92 12.46 -3.23 -3.47
C GLU A 92 13.88 -3.77 -3.38
N LEU A 93 14.70 -3.06 -2.61
CA LEU A 93 16.09 -3.43 -2.42
C LEU A 93 16.23 -4.87 -1.94
N ARG A 94 15.20 -5.37 -1.26
CA ARG A 94 15.18 -6.72 -0.76
C ARG A 94 15.32 -7.75 -1.87
N GLU A 95 14.74 -7.45 -3.03
CA GLU A 95 14.88 -8.31 -4.20
C GLU A 95 16.14 -7.93 -4.97
N ALA A 96 16.54 -6.68 -4.83
CA ALA A 96 17.69 -6.15 -5.55
C ALA A 96 18.99 -6.69 -4.95
N PHE A 97 18.89 -7.33 -3.80
CA PHE A 97 20.06 -7.94 -3.19
C PHE A 97 20.62 -9.01 -4.10
N ARG A 98 19.76 -9.93 -4.52
CA ARG A 98 20.18 -10.99 -5.44
C ARG A 98 20.58 -10.41 -6.79
N LEU A 99 20.13 -9.18 -7.04
CA LEU A 99 20.45 -8.46 -8.26
C LEU A 99 21.91 -7.98 -8.24
N TYR A 100 22.38 -7.54 -7.07
CA TYR A 100 23.72 -6.99 -6.94
C TYR A 100 24.68 -8.02 -6.36
N ASP A 101 24.13 -8.99 -5.64
CA ASP A 101 24.92 -10.02 -4.96
C ASP A 101 25.55 -10.97 -5.97
N LYS A 102 26.68 -10.54 -6.51
CA LYS A 102 27.50 -11.39 -7.38
C LYS A 102 27.88 -12.68 -6.68
N GLU A 103 28.33 -12.53 -5.44
CA GLU A 103 28.97 -13.60 -4.70
C GLU A 103 28.02 -14.76 -4.40
N GLY A 104 26.77 -14.42 -4.10
CA GLY A 104 25.78 -15.45 -3.83
C GLY A 104 25.62 -15.73 -2.35
N ASN A 105 25.50 -14.67 -1.56
CA ASN A 105 25.37 -14.82 -0.12
C ASN A 105 23.92 -14.68 0.31
N GLY A 106 23.10 -14.12 -0.58
CA GLY A 106 21.73 -13.79 -0.22
C GLY A 106 21.65 -12.38 0.31
N TYR A 107 22.78 -11.94 0.84
CA TYR A 107 22.99 -10.56 1.27
C TYR A 107 24.05 -10.00 0.35
N ILE A 108 24.17 -8.70 0.27
CA ILE A 108 25.26 -8.14 -0.49
C ILE A 108 26.40 -7.79 0.45
N SER A 109 27.59 -8.27 0.12
CA SER A 109 28.75 -8.06 0.97
C SER A 109 29.16 -6.59 0.92
N THR A 110 30.02 -6.17 1.83
CA THR A 110 30.45 -4.79 1.87
C THR A 110 31.17 -4.39 0.59
N ASP A 111 31.76 -5.38 -0.09
CA ASP A 111 32.43 -5.15 -1.37
C ASP A 111 31.44 -4.70 -2.44
N VAL A 112 30.36 -5.45 -2.61
CA VAL A 112 29.33 -5.09 -3.58
C VAL A 112 28.61 -3.82 -3.14
N MET A 113 28.42 -3.67 -1.83
CA MET A 113 27.84 -2.46 -1.27
C MET A 113 28.71 -1.25 -1.65
N ARG A 114 30.02 -1.46 -1.61
CA ARG A 114 30.99 -0.46 -2.01
C ARG A 114 30.75 -0.05 -3.46
N GLU A 115 30.56 -1.05 -4.33
CA GLU A 115 30.28 -0.80 -5.73
C GLU A 115 28.98 0.00 -5.89
N ILE A 116 27.93 -0.48 -5.24
CA ILE A 116 26.62 0.15 -5.29
C ILE A 116 26.68 1.61 -4.87
N LEU A 117 27.23 1.85 -3.69
CA LEU A 117 27.33 3.19 -3.15
C LEU A 117 28.08 4.10 -4.10
N ALA A 118 29.27 3.65 -4.49
CA ALA A 118 30.13 4.42 -5.40
C ALA A 118 29.50 4.58 -6.78
N GLU A 119 28.50 3.76 -7.09
CA GLU A 119 27.85 3.82 -8.39
C GLU A 119 26.77 4.88 -8.39
N LEU A 120 25.87 4.81 -7.41
CA LEU A 120 24.82 5.81 -7.26
C LEU A 120 25.44 7.16 -6.85
N ASP A 121 26.36 7.11 -5.92
CA ASP A 121 27.07 8.30 -5.48
C ASP A 121 28.53 8.21 -5.90
N GLU A 122 28.81 8.60 -7.14
CA GLU A 122 30.15 8.51 -7.70
C GLU A 122 31.01 9.68 -7.22
N THR A 123 30.51 10.37 -6.22
CA THR A 123 31.19 11.52 -5.66
C THR A 123 31.98 11.08 -4.44
N LEU A 124 31.81 9.82 -4.10
CA LEU A 124 32.57 9.18 -3.05
C LEU A 124 33.95 8.80 -3.55
N SER A 125 34.90 8.80 -2.65
CA SER A 125 36.25 8.40 -2.96
C SER A 125 36.60 7.17 -2.13
N SER A 126 37.72 6.53 -2.41
CA SER A 126 38.11 5.29 -1.75
C SER A 126 37.97 5.39 -0.23
N GLU A 127 38.51 6.47 0.35
CA GLU A 127 38.49 6.65 1.79
C GLU A 127 37.10 7.01 2.31
N ASP A 128 36.39 7.85 1.57
CA ASP A 128 35.04 8.25 1.95
C ASP A 128 34.10 7.06 1.85
N LEU A 129 34.24 6.32 0.76
CA LEU A 129 33.44 5.15 0.49
C LEU A 129 33.65 4.07 1.55
N ASP A 130 34.90 3.93 1.99
CA ASP A 130 35.23 2.97 3.04
C ASP A 130 34.52 3.34 4.33
N ALA A 131 34.50 4.63 4.64
CA ALA A 131 33.79 5.13 5.80
C ALA A 131 32.31 4.84 5.68
N MET A 132 31.76 5.10 4.51
CA MET A 132 30.36 4.82 4.26
C MET A 132 30.07 3.35 4.43
N ILE A 133 30.95 2.51 3.91
CA ILE A 133 30.83 1.07 4.11
C ILE A 133 30.74 0.74 5.60
N ASP A 134 31.69 1.29 6.36
CA ASP A 134 31.75 1.13 7.81
C ASP A 134 30.43 1.56 8.46
N GLU A 135 29.94 2.70 8.00
CA GLU A 135 28.75 3.33 8.56
C GLU A 135 27.45 2.70 8.04
N ILE A 136 27.49 2.13 6.85
CA ILE A 136 26.33 1.43 6.27
C ILE A 136 25.97 0.21 7.12
N ASP A 137 26.95 -0.66 7.31
CA ASP A 137 26.75 -1.85 8.15
C ASP A 137 26.77 -1.44 9.62
N ALA A 138 25.61 -1.02 10.09
CA ALA A 138 25.47 -0.45 11.42
C ALA A 138 25.45 -1.53 12.50
N ASP A 139 24.86 -2.67 12.20
CA ASP A 139 24.67 -3.70 13.22
C ASP A 139 25.85 -4.66 13.25
N GLY A 140 26.72 -4.55 12.25
CA GLY A 140 27.91 -5.37 12.21
C GLY A 140 27.64 -6.75 11.67
N SER A 141 26.78 -6.83 10.67
CA SER A 141 26.40 -8.11 10.09
C SER A 141 27.49 -8.63 9.17
N GLY A 142 28.37 -7.72 8.76
CA GLY A 142 29.45 -8.08 7.85
C GLY A 142 29.00 -7.99 6.41
N THR A 143 27.80 -8.44 6.16
CA THR A 143 27.16 -8.31 4.87
C THR A 143 25.95 -7.40 5.01
N VAL A 144 25.79 -6.52 4.04
CA VAL A 144 24.73 -5.53 4.07
C VAL A 144 23.43 -6.16 3.56
N ASP A 145 22.38 -6.08 4.37
CA ASP A 145 21.12 -6.73 4.01
C ASP A 145 19.91 -5.92 4.48
N PHE A 146 19.60 -6.04 5.75
CA PHE A 146 18.32 -5.55 6.28
C PHE A 146 18.31 -4.03 6.44
N GLU A 147 18.78 -3.55 7.57
CA GLU A 147 18.66 -2.14 7.88
C GLU A 147 19.91 -1.39 7.46
N GLU A 148 20.98 -2.12 7.19
CA GLU A 148 22.19 -1.53 6.66
C GLU A 148 21.93 -0.92 5.29
N PHE A 149 21.32 -1.72 4.42
CA PHE A 149 21.01 -1.27 3.07
C PHE A 149 19.83 -0.32 3.08
N MET A 150 18.80 -0.65 3.85
CA MET A 150 17.63 0.21 3.97
C MET A 150 18.05 1.61 4.41
N GLY A 151 18.91 1.67 5.42
CA GLY A 151 19.34 2.94 5.98
C GLY A 151 20.24 3.73 5.03
N VAL A 152 20.98 3.04 4.17
CA VAL A 152 21.91 3.73 3.29
C VAL A 152 21.23 4.16 1.99
N MET A 153 20.32 3.34 1.49
CA MET A 153 19.70 3.61 0.19
C MET A 153 18.48 4.52 0.36
N THR A 154 17.55 4.13 1.21
CA THR A 154 16.34 4.92 1.41
C THR A 154 16.52 5.93 2.54
N GLY A 155 17.29 5.54 3.56
CA GLY A 155 17.56 6.44 4.65
C GLY A 155 16.82 6.05 5.90
N GLY A 156 16.03 6.97 6.41
CA GLY A 156 15.29 6.74 7.63
C GLY A 156 13.79 6.83 7.43
N ASP A 157 13.34 6.44 6.24
CA ASP A 157 11.92 6.50 5.89
C ASP A 157 11.17 5.29 6.43
N GLU A 158 11.02 5.24 7.75
CA GLU A 158 10.28 4.16 8.39
C GLU A 158 9.05 4.72 9.09
N MET A 1 -5.78 12.83 -3.17
CA MET A 1 -5.96 11.54 -2.48
C MET A 1 -7.12 10.77 -3.10
N GLY A 2 -6.83 10.06 -4.18
CA GLY A 2 -7.85 9.29 -4.87
C GLY A 2 -7.39 8.93 -6.26
N ASP A 3 -6.18 8.40 -6.34
CA ASP A 3 -5.53 8.13 -7.62
C ASP A 3 -6.03 6.82 -8.22
N VAL A 4 -7.11 6.91 -8.99
CA VAL A 4 -7.69 5.77 -9.67
C VAL A 4 -6.72 5.22 -10.72
N SER A 5 -5.77 6.03 -11.13
CA SER A 5 -4.79 5.63 -12.13
C SER A 5 -3.55 5.04 -11.49
N LYS A 6 -3.45 5.14 -10.17
CA LYS A 6 -2.31 4.66 -9.44
C LYS A 6 -2.57 3.23 -8.97
N LEU A 7 -3.82 2.98 -8.59
CA LEU A 7 -4.25 1.63 -8.25
C LEU A 7 -4.31 0.79 -9.52
N SER A 8 -3.30 -0.04 -9.71
CA SER A 8 -3.08 -0.71 -10.98
C SER A 8 -3.85 -2.01 -11.06
N SER A 9 -5.19 -1.91 -11.04
CA SER A 9 -6.10 -3.05 -11.16
C SER A 9 -6.08 -3.96 -9.92
N ASN A 10 -4.92 -4.10 -9.29
CA ASN A 10 -4.76 -5.00 -8.15
C ASN A 10 -5.72 -4.67 -7.01
N GLN A 11 -5.77 -3.41 -6.61
CA GLN A 11 -6.67 -2.98 -5.54
C GLN A 11 -8.09 -2.91 -6.07
N VAL A 12 -8.21 -2.45 -7.30
CA VAL A 12 -9.48 -2.26 -7.98
C VAL A 12 -10.21 -3.60 -8.15
N LYS A 13 -9.45 -4.68 -8.29
CA LYS A 13 -9.98 -6.00 -8.34
C LYS A 13 -10.84 -6.30 -7.12
N LEU A 14 -10.30 -6.07 -5.93
CA LEU A 14 -11.03 -6.28 -4.69
C LEU A 14 -12.22 -5.32 -4.63
N LEU A 15 -12.00 -4.11 -5.12
CA LEU A 15 -13.05 -3.11 -5.25
C LEU A 15 -14.23 -3.69 -6.04
N GLU A 16 -13.96 -4.11 -7.26
CA GLU A 16 -14.97 -4.68 -8.15
C GLU A 16 -15.62 -5.91 -7.52
N THR A 17 -14.81 -6.72 -6.84
CA THR A 17 -15.29 -7.93 -6.19
C THR A 17 -16.35 -7.61 -5.14
N ALA A 18 -16.08 -6.61 -4.32
CA ALA A 18 -17.01 -6.21 -3.28
C ALA A 18 -18.14 -5.35 -3.84
N PHE A 19 -17.82 -4.62 -4.90
CA PHE A 19 -18.78 -3.78 -5.59
C PHE A 19 -19.97 -4.61 -6.05
N ARG A 20 -19.69 -5.65 -6.81
CA ARG A 20 -20.73 -6.48 -7.40
C ARG A 20 -21.43 -7.34 -6.35
N ASP A 21 -20.76 -7.53 -5.22
CA ASP A 21 -21.30 -8.39 -4.17
C ASP A 21 -22.46 -7.70 -3.46
N PHE A 22 -22.38 -6.38 -3.33
CA PHE A 22 -23.41 -5.62 -2.66
C PHE A 22 -24.09 -4.66 -3.64
N GLU A 23 -23.90 -4.93 -4.93
CA GLU A 23 -24.33 -4.02 -5.99
C GLU A 23 -25.82 -4.09 -6.22
N THR A 24 -26.35 -2.97 -6.71
CA THR A 24 -27.63 -2.95 -7.38
C THR A 24 -28.83 -3.01 -6.44
N PRO A 25 -29.80 -2.13 -6.70
CA PRO A 25 -31.08 -2.13 -6.02
C PRO A 25 -32.08 -3.07 -6.72
N GLU A 26 -32.25 -2.87 -8.03
CA GLU A 26 -33.09 -3.74 -8.85
C GLU A 26 -32.32 -4.18 -10.09
N GLY A 27 -31.06 -3.79 -10.14
CA GLY A 27 -30.29 -3.95 -11.36
C GLY A 27 -29.95 -2.60 -11.95
N SER A 28 -29.12 -1.83 -11.26
CA SER A 28 -28.85 -0.47 -11.64
C SER A 28 -27.42 -0.33 -12.19
N GLY A 29 -26.64 -1.39 -12.10
CA GLY A 29 -25.26 -1.35 -12.57
C GLY A 29 -24.37 -0.56 -11.63
N ARG A 30 -24.96 -0.06 -10.56
CA ARG A 30 -24.25 0.68 -9.55
C ARG A 30 -24.49 0.04 -8.19
N VAL A 31 -23.66 0.40 -7.24
CA VAL A 31 -23.83 -0.10 -5.89
C VAL A 31 -24.41 0.97 -5.01
N SER A 32 -25.43 0.58 -4.27
CA SER A 32 -26.19 1.49 -3.44
C SER A 32 -25.30 2.15 -2.40
N THR A 33 -25.53 3.42 -2.17
CA THR A 33 -24.78 4.19 -1.20
C THR A 33 -24.96 3.65 0.22
N ASP A 34 -26.04 2.90 0.41
CA ASP A 34 -26.33 2.26 1.70
C ASP A 34 -25.41 1.05 1.91
N GLN A 35 -24.84 0.55 0.83
CA GLN A 35 -23.97 -0.62 0.89
C GLN A 35 -22.50 -0.23 0.95
N ILE A 36 -22.20 1.03 0.63
CA ILE A 36 -20.83 1.52 0.57
C ILE A 36 -20.10 1.31 1.90
N GLY A 37 -20.79 1.59 2.99
CA GLY A 37 -20.17 1.40 4.30
C GLY A 37 -19.86 -0.04 4.57
N ILE A 38 -20.74 -0.93 4.14
CA ILE A 38 -20.54 -2.35 4.27
C ILE A 38 -19.29 -2.77 3.50
N ILE A 39 -19.25 -2.38 2.24
CA ILE A 39 -18.12 -2.65 1.37
C ILE A 39 -16.83 -2.06 1.91
N LEU A 40 -16.92 -0.83 2.41
CA LEU A 40 -15.74 -0.15 2.95
C LEU A 40 -15.23 -0.86 4.21
N GLU A 41 -16.12 -1.62 4.83
CA GLU A 41 -15.76 -2.49 5.94
C GLU A 41 -15.10 -3.75 5.40
N VAL A 42 -15.68 -4.29 4.33
CA VAL A 42 -15.12 -5.44 3.62
C VAL A 42 -13.68 -5.17 3.24
N LEU A 43 -13.46 -3.98 2.70
CA LEU A 43 -12.18 -3.59 2.17
C LEU A 43 -11.27 -3.02 3.26
N GLY A 44 -11.83 -2.86 4.46
CA GLY A 44 -11.06 -2.45 5.63
C GLY A 44 -10.54 -1.03 5.53
N ILE A 45 -11.38 -0.11 5.07
CA ILE A 45 -10.94 1.25 4.89
C ILE A 45 -11.72 2.27 5.72
N GLN A 46 -12.97 2.54 5.36
CA GLN A 46 -13.74 3.59 6.01
C GLN A 46 -14.49 3.08 7.25
N GLN A 47 -15.29 3.97 7.83
CA GLN A 47 -15.98 3.71 9.08
C GLN A 47 -17.47 3.49 8.84
N THR A 48 -18.25 3.44 9.92
CA THR A 48 -19.68 3.17 9.86
C THR A 48 -20.47 4.21 9.03
N LYS A 49 -21.77 4.00 8.87
CA LYS A 49 -22.60 4.82 7.98
C LYS A 49 -22.50 6.31 8.28
N SER A 50 -22.36 6.65 9.55
CA SER A 50 -22.23 8.05 9.97
C SER A 50 -21.09 8.74 9.21
N THR A 51 -20.02 8.01 8.98
CA THR A 51 -18.89 8.50 8.22
C THR A 51 -19.17 8.35 6.72
N ILE A 52 -19.88 7.29 6.37
CA ILE A 52 -20.15 6.97 4.97
C ILE A 52 -21.04 8.02 4.31
N ARG A 53 -21.82 8.73 5.10
CA ARG A 53 -22.65 9.79 4.59
C ARG A 53 -21.77 10.88 3.95
N GLN A 54 -20.55 11.02 4.44
CA GLN A 54 -19.58 11.93 3.83
C GLN A 54 -19.17 11.41 2.47
N LEU A 55 -18.91 10.10 2.43
CA LEU A 55 -18.61 9.40 1.17
C LEU A 55 -19.72 9.62 0.15
N ILE A 56 -20.96 9.46 0.60
CA ILE A 56 -22.13 9.68 -0.25
C ILE A 56 -22.19 11.13 -0.70
N ASP A 57 -22.02 12.05 0.24
CA ASP A 57 -22.00 13.48 -0.06
C ASP A 57 -20.95 13.80 -1.11
N GLU A 58 -19.86 13.04 -1.10
CA GLU A 58 -18.75 13.24 -2.02
C GLU A 58 -19.07 12.70 -3.42
N PHE A 59 -19.46 11.43 -3.49
CA PHE A 59 -19.57 10.75 -4.78
C PHE A 59 -21.01 10.65 -5.30
N ASP A 60 -21.97 10.99 -4.46
CA ASP A 60 -23.36 11.01 -4.89
C ASP A 60 -24.00 12.36 -4.59
N PRO A 61 -23.54 13.43 -5.28
CA PRO A 61 -24.10 14.77 -5.13
C PRO A 61 -25.51 14.86 -5.68
N PHE A 62 -25.83 13.95 -6.60
CA PHE A 62 -27.13 13.98 -7.27
C PHE A 62 -28.22 13.37 -6.38
N GLY A 63 -27.80 12.60 -5.39
CA GLY A 63 -28.75 11.91 -4.55
C GLY A 63 -29.37 10.73 -5.29
N ASN A 64 -28.54 10.06 -6.08
CA ASN A 64 -29.00 8.99 -6.94
C ASN A 64 -29.37 7.75 -6.14
N GLY A 65 -28.66 7.54 -5.04
CA GLY A 65 -28.94 6.38 -4.20
C GLY A 65 -27.91 5.28 -4.39
N ASP A 66 -27.23 5.31 -5.52
CA ASP A 66 -26.17 4.36 -5.81
C ASP A 66 -25.02 5.09 -6.50
N ILE A 67 -23.87 4.43 -6.58
CA ILE A 67 -22.70 5.03 -7.21
C ILE A 67 -22.12 4.07 -8.24
N ASP A 68 -21.63 4.62 -9.33
CA ASP A 68 -21.05 3.82 -10.40
C ASP A 68 -19.64 3.37 -10.00
N PHE A 69 -19.07 2.39 -10.71
CA PHE A 69 -17.71 1.95 -10.39
C PHE A 69 -16.76 3.12 -10.51
N ASP A 70 -17.04 4.03 -11.44
CA ASP A 70 -16.23 5.22 -11.62
C ASP A 70 -16.05 5.97 -10.30
N SER A 71 -17.13 6.10 -9.56
CA SER A 71 -17.11 6.79 -8.27
C SER A 71 -16.54 5.89 -7.17
N PHE A 72 -16.91 4.62 -7.19
CA PHE A 72 -16.46 3.68 -6.17
C PHE A 72 -14.97 3.40 -6.32
N LYS A 73 -14.49 3.42 -7.55
CA LYS A 73 -13.09 3.22 -7.83
C LYS A 73 -12.27 4.33 -7.18
N ILE A 74 -12.79 5.55 -7.23
CA ILE A 74 -12.14 6.68 -6.56
C ILE A 74 -12.16 6.48 -5.05
N ILE A 75 -13.27 5.94 -4.56
CA ILE A 75 -13.41 5.61 -3.14
C ILE A 75 -12.31 4.65 -2.72
N GLY A 76 -12.23 3.52 -3.41
CA GLY A 76 -11.19 2.57 -3.12
C GLY A 76 -9.81 3.14 -3.36
N ALA A 77 -9.69 3.98 -4.36
CA ALA A 77 -8.40 4.52 -4.74
C ALA A 77 -7.89 5.51 -3.69
N ARG A 78 -8.80 6.11 -2.95
CA ARG A 78 -8.42 7.08 -1.96
C ARG A 78 -8.22 6.45 -0.59
N PHE A 79 -8.67 5.21 -0.40
CA PHE A 79 -8.56 4.57 0.90
C PHE A 79 -7.69 3.31 0.85
N LEU A 80 -7.88 2.48 -0.18
CA LEU A 80 -7.13 1.23 -0.31
C LEU A 80 -5.64 1.50 -0.47
N GLY A 81 -5.33 2.68 -1.00
CA GLY A 81 -3.96 3.05 -1.26
C GLY A 81 -3.08 3.11 -0.02
N GLU A 82 -3.69 3.20 1.16
CA GLU A 82 -2.92 3.18 2.41
C GLU A 82 -2.20 1.85 2.53
N GLU A 83 -2.80 0.83 1.92
CA GLU A 83 -2.26 -0.53 1.76
C GLU A 83 -1.21 -0.93 2.80
N VAL A 84 -1.65 -1.68 3.81
CA VAL A 84 -0.74 -2.17 4.84
C VAL A 84 -1.11 -3.58 5.24
N ASN A 85 -0.68 -4.54 4.43
CA ASN A 85 -0.88 -5.94 4.75
C ASN A 85 0.16 -6.38 5.76
N PRO A 86 -0.25 -7.15 6.76
CA PRO A 86 0.57 -7.43 7.95
C PRO A 86 1.93 -8.02 7.61
N GLU A 87 1.94 -9.09 6.85
CA GLU A 87 3.19 -9.79 6.53
C GLU A 87 3.72 -9.40 5.16
N GLN A 88 3.13 -8.36 4.58
CA GLN A 88 3.60 -7.86 3.29
C GLN A 88 4.42 -6.59 3.50
N MET A 89 4.01 -5.79 4.49
CA MET A 89 4.70 -4.56 4.81
C MET A 89 5.82 -4.82 5.80
N GLN A 90 5.75 -5.99 6.44
CA GLN A 90 6.78 -6.41 7.37
C GLN A 90 7.42 -7.70 6.86
N GLN A 91 8.13 -8.40 7.74
CA GLN A 91 8.81 -9.64 7.39
C GLN A 91 9.75 -9.46 6.21
N GLU A 92 10.39 -8.29 6.18
CA GLU A 92 11.35 -7.96 5.14
C GLU A 92 12.51 -8.93 5.13
N LEU A 93 12.70 -9.63 6.25
CA LEU A 93 13.77 -10.57 6.42
C LEU A 93 13.79 -11.59 5.28
N ARG A 94 12.59 -11.96 4.84
CA ARG A 94 12.41 -12.96 3.81
C ARG A 94 13.04 -12.52 2.49
N GLU A 95 13.03 -11.22 2.22
CA GLU A 95 13.65 -10.69 1.01
C GLU A 95 15.14 -10.44 1.25
N ALA A 96 15.46 -10.08 2.49
CA ALA A 96 16.83 -9.79 2.89
C ALA A 96 17.67 -11.04 2.83
N PHE A 97 17.03 -12.18 2.82
CA PHE A 97 17.73 -13.43 2.71
C PHE A 97 18.54 -13.46 1.43
N ARG A 98 17.92 -13.05 0.32
CA ARG A 98 18.60 -13.08 -0.97
C ARG A 98 19.68 -12.01 -1.04
N LEU A 99 19.66 -11.08 -0.09
CA LEU A 99 20.68 -10.04 0.00
C LEU A 99 21.93 -10.59 0.71
N TYR A 100 21.72 -11.42 1.72
CA TYR A 100 22.82 -11.97 2.50
C TYR A 100 23.23 -13.35 1.99
N ASP A 101 22.28 -14.08 1.42
CA ASP A 101 22.54 -15.42 0.90
C ASP A 101 23.34 -15.35 -0.40
N LYS A 102 24.63 -15.14 -0.24
CA LYS A 102 25.55 -15.22 -1.36
C LYS A 102 25.84 -16.67 -1.70
N GLU A 103 25.34 -17.58 -0.87
CA GLU A 103 25.62 -18.99 -1.03
C GLU A 103 24.66 -19.63 -2.04
N GLY A 104 23.41 -19.18 -2.03
CA GLY A 104 22.47 -19.56 -3.06
C GLY A 104 21.47 -20.60 -2.60
N ASN A 105 20.90 -20.38 -1.43
CA ASN A 105 19.93 -21.32 -0.86
C ASN A 105 18.54 -20.68 -0.80
N GLY A 106 18.50 -19.36 -0.88
CA GLY A 106 17.27 -18.63 -0.62
C GLY A 106 17.11 -18.38 0.87
N TYR A 107 17.82 -19.20 1.64
CA TYR A 107 17.90 -19.11 3.08
C TYR A 107 19.34 -18.81 3.41
N ILE A 108 19.59 -18.07 4.47
CA ILE A 108 20.96 -17.84 4.85
C ILE A 108 21.39 -18.88 5.86
N SER A 109 22.54 -19.47 5.63
CA SER A 109 23.02 -20.55 6.49
C SER A 109 23.45 -19.98 7.84
N THR A 110 23.73 -20.84 8.78
CA THR A 110 24.19 -20.40 10.09
C THR A 110 25.52 -19.65 9.96
N ASP A 111 26.28 -20.00 8.94
CA ASP A 111 27.57 -19.36 8.67
C ASP A 111 27.41 -17.86 8.41
N VAL A 112 26.59 -17.52 7.43
CA VAL A 112 26.34 -16.11 7.10
C VAL A 112 25.65 -15.40 8.28
N MET A 113 24.78 -16.12 8.97
CA MET A 113 24.10 -15.59 10.15
C MET A 113 25.11 -15.17 11.21
N ARG A 114 26.15 -15.98 11.38
CA ARG A 114 27.25 -15.70 12.29
C ARG A 114 27.81 -14.30 12.05
N GLU A 115 28.13 -14.02 10.78
CA GLU A 115 28.66 -12.73 10.39
C GLU A 115 27.64 -11.62 10.63
N ILE A 116 26.39 -11.88 10.28
CA ILE A 116 25.31 -10.91 10.50
C ILE A 116 25.23 -10.54 11.98
N LEU A 117 25.21 -11.56 12.83
CA LEU A 117 25.14 -11.38 14.27
C LEU A 117 26.30 -10.51 14.76
N ALA A 118 27.51 -10.93 14.42
CA ALA A 118 28.73 -10.25 14.87
C ALA A 118 28.89 -8.87 14.25
N GLU A 119 28.17 -8.58 13.20
CA GLU A 119 28.24 -7.25 12.59
C GLU A 119 27.41 -6.28 13.41
N LEU A 120 26.37 -6.79 14.05
CA LEU A 120 25.58 -6.01 14.98
C LEU A 120 26.27 -5.94 16.34
N ASP A 121 26.46 -7.09 16.96
CA ASP A 121 27.03 -7.13 18.29
C ASP A 121 28.54 -7.29 18.20
N GLU A 122 29.24 -6.58 19.07
CA GLU A 122 30.70 -6.62 19.07
C GLU A 122 31.24 -7.36 20.30
N THR A 123 30.35 -7.79 21.17
CA THR A 123 30.77 -8.40 22.41
C THR A 123 30.60 -9.91 22.33
N LEU A 124 29.72 -10.33 21.44
CA LEU A 124 29.60 -11.71 21.07
C LEU A 124 30.89 -12.19 20.43
N SER A 125 31.69 -12.89 21.21
CA SER A 125 32.97 -13.39 20.76
C SER A 125 32.73 -14.54 19.77
N SER A 126 33.79 -15.00 19.12
CA SER A 126 33.68 -16.08 18.14
C SER A 126 32.96 -17.28 18.73
N GLU A 127 33.35 -17.63 19.96
CA GLU A 127 32.75 -18.75 20.68
C GLU A 127 31.28 -18.47 21.01
N ASP A 128 31.01 -17.24 21.43
CA ASP A 128 29.66 -16.82 21.78
C ASP A 128 28.76 -16.82 20.55
N LEU A 129 29.27 -16.32 19.44
CA LEU A 129 28.60 -16.40 18.15
C LEU A 129 28.17 -17.83 17.86
N ASP A 130 29.07 -18.77 18.10
CA ASP A 130 28.80 -20.18 17.81
C ASP A 130 27.63 -20.68 18.65
N ALA A 131 27.59 -20.26 19.92
CA ALA A 131 26.49 -20.61 20.80
C ALA A 131 25.21 -19.90 20.37
N MET A 132 25.36 -18.66 19.90
CA MET A 132 24.23 -17.92 19.36
C MET A 132 23.73 -18.59 18.09
N ILE A 133 24.62 -19.19 17.34
CA ILE A 133 24.23 -19.95 16.15
C ILE A 133 23.27 -21.07 16.52
N ASP A 134 23.63 -21.78 17.58
CA ASP A 134 22.79 -22.86 18.10
C ASP A 134 21.48 -22.29 18.64
N GLU A 135 21.57 -21.10 19.21
CA GLU A 135 20.43 -20.41 19.78
C GLU A 135 19.49 -19.88 18.68
N ILE A 136 20.09 -19.32 17.64
CA ILE A 136 19.35 -18.78 16.51
C ILE A 136 18.62 -19.88 15.75
N ASP A 137 19.37 -20.88 15.29
CA ASP A 137 18.78 -22.01 14.59
C ASP A 137 18.19 -22.98 15.59
N ALA A 138 16.98 -22.66 16.01
CA ALA A 138 16.29 -23.37 17.07
C ALA A 138 15.89 -24.78 16.66
N ASP A 139 15.51 -24.95 15.40
CA ASP A 139 15.03 -26.25 14.94
C ASP A 139 16.18 -27.13 14.49
N GLY A 140 17.34 -26.52 14.31
CA GLY A 140 18.48 -27.24 13.79
C GLY A 140 18.29 -27.53 12.32
N SER A 141 17.81 -26.53 11.59
CA SER A 141 17.49 -26.69 10.19
C SER A 141 18.75 -26.50 9.35
N GLY A 142 19.76 -25.89 9.96
CA GLY A 142 21.01 -25.66 9.29
C GLY A 142 21.03 -24.30 8.60
N THR A 143 19.87 -23.91 8.13
CA THR A 143 19.70 -22.60 7.51
C THR A 143 18.77 -21.75 8.36
N VAL A 144 19.09 -20.47 8.45
CA VAL A 144 18.30 -19.52 9.18
C VAL A 144 17.43 -18.76 8.19
N ASP A 145 16.14 -19.01 8.20
CA ASP A 145 15.27 -18.47 7.16
C ASP A 145 13.84 -18.29 7.64
N PHE A 146 13.30 -19.26 8.34
CA PHE A 146 11.91 -19.17 8.74
C PHE A 146 11.76 -18.63 10.16
N GLU A 147 11.67 -19.51 11.14
CA GLU A 147 11.43 -19.06 12.51
C GLU A 147 12.73 -18.59 13.14
N GLU A 148 13.82 -19.17 12.67
CA GLU A 148 15.14 -18.87 13.16
C GLU A 148 15.50 -17.41 12.97
N PHE A 149 15.35 -16.91 11.74
CA PHE A 149 15.68 -15.53 11.45
C PHE A 149 14.65 -14.60 12.07
N MET A 150 13.39 -15.02 12.04
CA MET A 150 12.32 -14.27 12.67
C MET A 150 12.65 -14.00 14.15
N GLY A 151 13.07 -15.04 14.86
CA GLY A 151 13.32 -14.92 16.27
C GLY A 151 14.62 -14.19 16.62
N VAL A 152 15.56 -14.15 15.69
CA VAL A 152 16.86 -13.55 15.96
C VAL A 152 16.87 -12.07 15.57
N MET A 153 16.21 -11.73 14.48
CA MET A 153 16.22 -10.36 13.98
C MET A 153 15.07 -9.56 14.59
N THR A 154 13.86 -10.05 14.41
CA THR A 154 12.68 -9.38 14.94
C THR A 154 12.30 -9.95 16.30
N GLY A 155 13.32 -10.21 17.12
CA GLY A 155 13.10 -10.80 18.42
C GLY A 155 13.15 -9.77 19.53
N GLY A 156 11.98 -9.35 20.00
CA GLY A 156 11.92 -8.41 21.10
C GLY A 156 11.66 -6.99 20.63
N ASP A 157 12.07 -6.68 19.40
CA ASP A 157 11.97 -5.34 18.84
C ASP A 157 12.79 -4.36 19.67
N GLU A 158 14.03 -4.74 19.92
CA GLU A 158 14.96 -3.94 20.68
C GLU A 158 16.27 -3.79 19.93
N MET A 1 -2.68 11.62 -3.23
CA MET A 1 -3.97 12.21 -2.80
C MET A 1 -5.10 11.71 -3.69
N GLY A 2 -5.78 10.66 -3.22
CA GLY A 2 -6.81 10.04 -4.02
C GLY A 2 -6.22 9.40 -5.26
N ASP A 3 -5.23 8.55 -5.04
CA ASP A 3 -4.45 7.95 -6.11
C ASP A 3 -5.24 6.86 -6.83
N VAL A 4 -6.23 7.29 -7.61
CA VAL A 4 -7.07 6.40 -8.36
C VAL A 4 -6.28 5.70 -9.47
N SER A 5 -5.30 6.41 -10.02
CA SER A 5 -4.47 5.86 -11.08
C SER A 5 -3.46 4.88 -10.53
N LYS A 6 -3.15 5.01 -9.25
CA LYS A 6 -2.21 4.10 -8.60
C LYS A 6 -2.87 2.76 -8.29
N LEU A 7 -4.20 2.77 -8.25
CA LEU A 7 -4.94 1.54 -8.01
C LEU A 7 -4.86 0.62 -9.23
N SER A 8 -4.18 -0.49 -9.03
CA SER A 8 -4.03 -1.49 -10.06
C SER A 8 -5.23 -2.43 -10.06
N SER A 9 -5.23 -3.41 -10.95
CA SER A 9 -6.31 -4.37 -11.00
C SER A 9 -6.44 -5.12 -9.67
N ASN A 10 -5.29 -5.37 -9.02
CA ASN A 10 -5.27 -6.05 -7.73
C ASN A 10 -6.12 -5.29 -6.70
N GLN A 11 -5.84 -4.00 -6.55
CA GLN A 11 -6.57 -3.16 -5.59
C GLN A 11 -8.05 -3.15 -5.93
N VAL A 12 -8.32 -2.95 -7.22
CA VAL A 12 -9.68 -2.84 -7.72
C VAL A 12 -10.43 -4.16 -7.61
N LYS A 13 -9.72 -5.28 -7.67
CA LYS A 13 -10.35 -6.59 -7.55
C LYS A 13 -10.93 -6.83 -6.16
N LEU A 14 -10.24 -6.37 -5.13
CA LEU A 14 -10.79 -6.41 -3.78
C LEU A 14 -12.05 -5.55 -3.73
N LEU A 15 -11.94 -4.37 -4.34
CA LEU A 15 -13.06 -3.46 -4.47
C LEU A 15 -14.20 -4.11 -5.25
N GLU A 16 -13.84 -4.75 -6.35
CA GLU A 16 -14.78 -5.36 -7.28
C GLU A 16 -15.55 -6.51 -6.64
N THR A 17 -14.83 -7.39 -5.95
CA THR A 17 -15.43 -8.55 -5.31
C THR A 17 -16.46 -8.13 -4.27
N ALA A 18 -16.20 -7.03 -3.59
CA ALA A 18 -17.13 -6.49 -2.61
C ALA A 18 -18.23 -5.70 -3.29
N PHE A 19 -17.84 -4.96 -4.33
CA PHE A 19 -18.75 -4.14 -5.11
C PHE A 19 -19.91 -4.97 -5.64
N ARG A 20 -19.59 -6.04 -6.34
CA ARG A 20 -20.60 -6.86 -7.03
C ARG A 20 -21.51 -7.59 -6.04
N ASP A 21 -21.03 -7.76 -4.81
CA ASP A 21 -21.76 -8.56 -3.83
C ASP A 21 -22.92 -7.76 -3.25
N PHE A 22 -22.72 -6.46 -3.07
CA PHE A 22 -23.74 -5.60 -2.50
C PHE A 22 -24.27 -4.63 -3.56
N GLU A 23 -24.00 -4.97 -4.81
CA GLU A 23 -24.30 -4.08 -5.93
C GLU A 23 -25.77 -4.13 -6.32
N THR A 24 -26.20 -3.04 -6.95
CA THR A 24 -27.41 -3.03 -7.75
C THR A 24 -28.69 -2.90 -6.91
N PRO A 25 -29.52 -1.92 -7.29
CA PRO A 25 -30.83 -1.71 -6.71
C PRO A 25 -31.92 -2.47 -7.47
N GLU A 26 -31.88 -2.39 -8.79
CA GLU A 26 -32.81 -3.11 -9.66
C GLU A 26 -32.06 -3.58 -10.90
N GLY A 27 -30.75 -3.75 -10.75
CA GLY A 27 -29.91 -4.08 -11.88
C GLY A 27 -29.34 -2.84 -12.53
N SER A 28 -28.55 -2.10 -11.78
CA SER A 28 -28.07 -0.79 -12.21
C SER A 28 -26.65 -0.88 -12.74
N GLY A 29 -25.89 -1.84 -12.23
CA GLY A 29 -24.47 -1.90 -12.54
C GLY A 29 -23.66 -1.10 -11.55
N ARG A 30 -24.38 -0.24 -10.82
CA ARG A 30 -23.80 0.55 -9.75
C ARG A 30 -24.17 -0.04 -8.41
N VAL A 31 -23.47 0.37 -7.38
CA VAL A 31 -23.77 -0.07 -6.05
C VAL A 31 -24.40 1.07 -5.26
N SER A 32 -25.49 0.75 -4.60
CA SER A 32 -26.28 1.73 -3.88
C SER A 32 -25.48 2.35 -2.74
N THR A 33 -25.72 3.63 -2.50
CA THR A 33 -25.00 4.38 -1.47
C THR A 33 -25.34 3.88 -0.07
N ASP A 34 -26.45 3.15 0.04
CA ASP A 34 -26.84 2.54 1.30
C ASP A 34 -25.90 1.39 1.63
N GLN A 35 -25.48 0.68 0.59
CA GLN A 35 -24.66 -0.52 0.75
C GLN A 35 -23.18 -0.18 0.77
N ILE A 36 -22.83 1.04 0.34
CA ILE A 36 -21.44 1.47 0.32
C ILE A 36 -20.78 1.28 1.67
N GLY A 37 -21.47 1.72 2.72
CA GLY A 37 -20.95 1.61 4.06
C GLY A 37 -20.64 0.18 4.46
N ILE A 38 -21.51 -0.73 4.04
CA ILE A 38 -21.29 -2.15 4.30
C ILE A 38 -20.01 -2.59 3.64
N ILE A 39 -19.87 -2.25 2.38
CA ILE A 39 -18.69 -2.60 1.60
C ILE A 39 -17.42 -1.99 2.20
N LEU A 40 -17.49 -0.72 2.58
CA LEU A 40 -16.35 -0.04 3.18
C LEU A 40 -15.95 -0.70 4.48
N GLU A 41 -16.91 -1.36 5.09
CA GLU A 41 -16.68 -2.19 6.27
C GLU A 41 -16.02 -3.51 5.87
N VAL A 42 -16.51 -4.09 4.77
CA VAL A 42 -15.93 -5.29 4.18
C VAL A 42 -14.44 -5.07 3.91
N LEU A 43 -14.16 -3.89 3.39
CA LEU A 43 -12.81 -3.51 3.01
C LEU A 43 -12.00 -3.01 4.20
N GLY A 44 -12.70 -2.77 5.31
CA GLY A 44 -12.07 -2.38 6.55
C GLY A 44 -11.50 -0.97 6.52
N ILE A 45 -12.14 -0.07 5.77
CA ILE A 45 -11.62 1.28 5.62
C ILE A 45 -12.49 2.31 6.34
N GLN A 46 -13.75 2.45 5.95
CA GLN A 46 -14.58 3.48 6.48
C GLN A 46 -15.45 2.99 7.65
N GLN A 47 -16.27 3.90 8.15
CA GLN A 47 -17.05 3.67 9.36
C GLN A 47 -18.51 3.41 9.02
N THR A 48 -19.36 3.38 10.05
CA THR A 48 -20.78 3.11 9.88
C THR A 48 -21.48 4.17 9.02
N LYS A 49 -22.78 4.01 8.79
CA LYS A 49 -23.53 4.84 7.86
C LYS A 49 -23.44 6.34 8.22
N SER A 50 -23.31 6.64 9.51
CA SER A 50 -23.14 8.02 9.97
C SER A 50 -22.00 8.71 9.20
N THR A 51 -20.89 8.00 9.08
CA THR A 51 -19.73 8.52 8.38
C THR A 51 -19.94 8.41 6.86
N ILE A 52 -20.63 7.37 6.45
CA ILE A 52 -20.88 7.10 5.03
C ILE A 52 -21.74 8.20 4.41
N ARG A 53 -22.52 8.87 5.24
CA ARG A 53 -23.27 10.04 4.81
C ARG A 53 -22.37 11.04 4.10
N GLN A 54 -21.15 11.19 4.60
CA GLN A 54 -20.19 12.11 4.02
C GLN A 54 -19.62 11.55 2.73
N LEU A 55 -19.40 10.24 2.73
CA LEU A 55 -18.99 9.51 1.53
C LEU A 55 -19.99 9.75 0.40
N ILE A 56 -21.27 9.58 0.72
CA ILE A 56 -22.33 9.83 -0.23
C ILE A 56 -22.36 11.30 -0.65
N ASP A 57 -22.25 12.20 0.33
CA ASP A 57 -22.22 13.63 0.05
C ASP A 57 -21.08 13.97 -0.90
N GLU A 58 -20.02 13.18 -0.85
CA GLU A 58 -18.85 13.39 -1.66
C GLU A 58 -19.07 12.92 -3.11
N PHE A 59 -19.48 11.66 -3.27
CA PHE A 59 -19.53 11.05 -4.59
C PHE A 59 -20.94 11.00 -5.19
N ASP A 60 -21.94 11.25 -4.38
CA ASP A 60 -23.32 11.30 -4.88
C ASP A 60 -24.06 12.52 -4.33
N PRO A 61 -23.61 13.74 -4.69
CA PRO A 61 -24.30 14.98 -4.30
C PRO A 61 -25.63 15.13 -5.02
N PHE A 62 -25.78 14.36 -6.09
CA PHE A 62 -26.98 14.44 -6.94
C PHE A 62 -28.14 13.68 -6.31
N GLY A 63 -27.83 12.82 -5.36
CA GLY A 63 -28.86 12.00 -4.75
C GLY A 63 -29.33 10.90 -5.69
N ASN A 64 -28.37 10.32 -6.41
CA ASN A 64 -28.66 9.31 -7.41
C ASN A 64 -29.22 8.06 -6.78
N GLY A 65 -28.61 7.65 -5.67
CA GLY A 65 -29.03 6.45 -4.99
C GLY A 65 -27.98 5.37 -5.04
N ASP A 66 -27.11 5.47 -6.02
CA ASP A 66 -26.00 4.54 -6.18
C ASP A 66 -24.80 5.24 -6.82
N ILE A 67 -23.68 4.54 -6.86
CA ILE A 67 -22.46 5.07 -7.44
C ILE A 67 -21.82 4.03 -8.32
N ASP A 68 -21.20 4.46 -9.40
CA ASP A 68 -20.55 3.55 -10.32
C ASP A 68 -19.16 3.22 -9.79
N PHE A 69 -18.48 2.25 -10.40
CA PHE A 69 -17.08 1.98 -10.03
C PHE A 69 -16.25 3.22 -10.33
N ASP A 70 -16.77 4.05 -11.22
CA ASP A 70 -16.23 5.38 -11.50
C ASP A 70 -15.91 6.15 -10.20
N SER A 71 -16.89 6.25 -9.31
CA SER A 71 -16.71 6.95 -8.06
C SER A 71 -16.14 6.02 -6.98
N PHE A 72 -16.54 4.76 -7.04
CA PHE A 72 -16.14 3.79 -6.03
C PHE A 72 -14.64 3.54 -6.05
N LYS A 73 -14.03 3.61 -7.23
CA LYS A 73 -12.59 3.43 -7.35
C LYS A 73 -11.86 4.55 -6.63
N ILE A 74 -12.40 5.76 -6.72
CA ILE A 74 -11.83 6.91 -6.03
C ILE A 74 -11.98 6.74 -4.52
N ILE A 75 -13.13 6.19 -4.12
CA ILE A 75 -13.37 5.84 -2.72
C ILE A 75 -12.31 4.88 -2.23
N GLY A 76 -12.14 3.79 -2.95
CA GLY A 76 -11.12 2.82 -2.61
C GLY A 76 -9.73 3.42 -2.65
N ALA A 77 -9.48 4.26 -3.64
CA ALA A 77 -8.16 4.82 -3.87
C ALA A 77 -7.73 5.71 -2.72
N ARG A 78 -8.71 6.33 -2.06
CA ARG A 78 -8.42 7.29 -1.01
C ARG A 78 -8.33 6.62 0.37
N PHE A 79 -8.77 5.36 0.49
CA PHE A 79 -8.80 4.71 1.79
C PHE A 79 -7.92 3.45 1.83
N LEU A 80 -7.90 2.70 0.73
CA LEU A 80 -7.14 1.45 0.67
C LEU A 80 -5.69 1.67 1.06
N GLY A 81 -4.92 2.28 0.19
CA GLY A 81 -3.51 2.51 0.46
C GLY A 81 -2.74 1.22 0.63
N GLU A 82 -3.19 0.17 -0.05
CA GLU A 82 -2.48 -1.11 -0.06
C GLU A 82 -1.34 -1.03 -1.07
N GLU A 83 -0.51 0.00 -0.91
CA GLU A 83 0.51 0.32 -1.89
C GLU A 83 1.89 0.30 -1.26
N VAL A 84 2.34 -0.89 -0.87
CA VAL A 84 3.57 -1.03 -0.11
C VAL A 84 4.35 -2.27 -0.51
N ASN A 85 5.08 -2.18 -1.61
CA ASN A 85 5.97 -3.25 -2.00
C ASN A 85 7.41 -2.76 -1.99
N PRO A 86 8.26 -3.51 -1.29
CA PRO A 86 9.62 -3.11 -0.97
C PRO A 86 10.55 -3.11 -2.18
N GLU A 87 10.51 -4.19 -2.95
CA GLU A 87 11.44 -4.37 -4.05
C GLU A 87 10.76 -4.03 -5.38
N GLN A 88 9.52 -4.52 -5.52
CA GLN A 88 8.73 -4.35 -6.75
C GLN A 88 8.66 -2.89 -7.22
N MET A 89 8.59 -1.95 -6.29
CA MET A 89 8.39 -0.55 -6.66
C MET A 89 9.62 0.31 -6.39
N GLN A 90 10.66 -0.29 -5.83
CA GLN A 90 11.86 0.48 -5.52
C GLN A 90 13.11 -0.19 -6.07
N GLN A 91 13.58 -1.23 -5.38
CA GLN A 91 14.75 -1.96 -5.79
C GLN A 91 14.38 -3.02 -6.81
N GLU A 92 13.77 -2.58 -7.90
CA GLU A 92 13.38 -3.45 -9.01
C GLU A 92 14.60 -4.18 -9.57
N LEU A 93 15.77 -3.61 -9.29
CA LEU A 93 17.02 -4.11 -9.78
C LEU A 93 17.25 -5.55 -9.30
N ARG A 94 16.78 -5.85 -8.09
CA ARG A 94 16.96 -7.15 -7.51
C ARG A 94 16.27 -8.24 -8.33
N GLU A 95 15.12 -7.91 -8.90
CA GLU A 95 14.39 -8.84 -9.74
C GLU A 95 14.91 -8.77 -11.18
N ALA A 96 15.66 -7.73 -11.49
CA ALA A 96 16.23 -7.53 -12.81
C ALA A 96 17.50 -8.34 -12.99
N PHE A 97 18.06 -8.82 -11.88
CA PHE A 97 19.25 -9.65 -11.96
C PHE A 97 18.94 -10.92 -12.72
N ARG A 98 17.83 -11.53 -12.40
CA ARG A 98 17.42 -12.78 -13.05
C ARG A 98 17.07 -12.53 -14.52
N LEU A 99 16.95 -11.26 -14.87
CA LEU A 99 16.72 -10.84 -16.25
C LEU A 99 18.02 -10.76 -17.03
N TYR A 100 19.06 -10.19 -16.41
CA TYR A 100 20.33 -9.96 -17.08
C TYR A 100 21.30 -11.12 -16.83
N ASP A 101 21.09 -11.84 -15.73
CA ASP A 101 21.92 -13.00 -15.40
C ASP A 101 21.61 -14.15 -16.35
N LYS A 102 22.21 -14.06 -17.52
CA LYS A 102 22.08 -15.11 -18.53
C LYS A 102 22.93 -16.31 -18.15
N GLU A 103 23.86 -16.11 -17.24
CA GLU A 103 24.82 -17.16 -16.88
C GLU A 103 24.22 -18.12 -15.85
N GLY A 104 23.45 -17.57 -14.92
CA GLY A 104 22.79 -18.39 -13.93
C GLY A 104 23.44 -18.29 -12.56
N ASN A 105 23.95 -17.11 -12.23
CA ASN A 105 24.62 -16.92 -10.95
C ASN A 105 23.61 -16.49 -9.88
N GLY A 106 22.46 -16.02 -10.33
CA GLY A 106 21.50 -15.41 -9.41
C GLY A 106 21.86 -13.95 -9.16
N TYR A 107 23.13 -13.66 -9.32
CA TYR A 107 23.67 -12.31 -9.31
C TYR A 107 24.13 -12.03 -10.73
N ILE A 108 24.53 -10.82 -11.01
CA ILE A 108 25.14 -10.55 -12.29
C ILE A 108 26.63 -10.29 -12.11
N SER A 109 27.43 -11.02 -12.84
CA SER A 109 28.87 -10.92 -12.73
C SER A 109 29.35 -9.53 -13.16
N THR A 110 30.58 -9.16 -12.84
CA THR A 110 31.10 -7.86 -13.25
C THR A 110 31.08 -7.75 -14.78
N ASP A 111 31.27 -8.89 -15.45
CA ASP A 111 31.25 -8.96 -16.90
C ASP A 111 29.92 -8.46 -17.48
N VAL A 112 28.81 -8.99 -16.99
CA VAL A 112 27.49 -8.58 -17.47
C VAL A 112 27.20 -7.16 -17.01
N MET A 113 27.64 -6.80 -15.81
CA MET A 113 27.49 -5.44 -15.30
C MET A 113 28.16 -4.44 -16.24
N ARG A 114 29.38 -4.79 -16.66
CA ARG A 114 30.13 -4.03 -17.63
C ARG A 114 29.29 -3.76 -18.89
N GLU A 115 28.71 -4.83 -19.41
CA GLU A 115 27.90 -4.74 -20.62
C GLU A 115 26.64 -3.90 -20.38
N ILE A 116 26.04 -4.06 -19.20
CA ILE A 116 24.85 -3.29 -18.83
C ILE A 116 25.15 -1.78 -18.85
N LEU A 117 26.26 -1.40 -18.27
CA LEU A 117 26.65 0.00 -18.19
C LEU A 117 26.87 0.56 -19.60
N ALA A 118 27.73 -0.11 -20.34
CA ALA A 118 28.08 0.29 -21.69
C ALA A 118 26.88 0.24 -22.64
N GLU A 119 25.86 -0.52 -22.26
CA GLU A 119 24.64 -0.63 -23.05
C GLU A 119 23.87 0.68 -23.03
N LEU A 120 23.83 1.31 -21.86
CA LEU A 120 23.24 2.63 -21.73
C LEU A 120 24.17 3.69 -22.29
N ASP A 121 25.42 3.65 -21.84
CA ASP A 121 26.43 4.63 -22.27
C ASP A 121 27.43 3.96 -23.20
N GLU A 122 27.20 4.12 -24.50
CA GLU A 122 27.96 3.40 -25.53
C GLU A 122 29.33 4.03 -25.79
N THR A 123 29.78 4.89 -24.91
CA THR A 123 31.04 5.59 -25.09
C THR A 123 32.05 5.13 -24.06
N LEU A 124 31.60 4.29 -23.15
CA LEU A 124 32.47 3.67 -22.17
C LEU A 124 33.39 2.66 -22.82
N SER A 125 34.68 2.95 -22.80
CA SER A 125 35.67 2.05 -23.36
C SER A 125 36.15 1.08 -22.30
N SER A 126 37.01 0.15 -22.68
CA SER A 126 37.55 -0.85 -21.76
C SER A 126 38.15 -0.20 -20.51
N GLU A 127 38.92 0.87 -20.72
CA GLU A 127 39.55 1.60 -19.62
C GLU A 127 38.51 2.25 -18.73
N ASP A 128 37.49 2.83 -19.35
CA ASP A 128 36.44 3.53 -18.64
C ASP A 128 35.58 2.55 -17.84
N LEU A 129 35.13 1.50 -18.53
CA LEU A 129 34.36 0.44 -17.90
C LEU A 129 35.09 -0.19 -16.72
N ASP A 130 36.42 -0.35 -16.86
CA ASP A 130 37.24 -0.90 -15.77
C ASP A 130 37.05 -0.09 -14.49
N ALA A 131 37.11 1.22 -14.63
CA ALA A 131 36.93 2.12 -13.50
C ALA A 131 35.54 2.00 -12.92
N MET A 132 34.55 1.90 -13.79
CA MET A 132 33.18 1.77 -13.36
C MET A 132 32.94 0.44 -12.69
N ILE A 133 33.54 -0.61 -13.22
CA ILE A 133 33.46 -1.92 -12.59
C ILE A 133 34.04 -1.85 -11.18
N ASP A 134 35.19 -1.21 -11.09
CA ASP A 134 35.86 -0.97 -9.81
C ASP A 134 34.93 -0.25 -8.84
N GLU A 135 34.24 0.75 -9.37
CA GLU A 135 33.33 1.58 -8.58
C GLU A 135 32.06 0.82 -8.21
N ILE A 136 31.49 0.13 -9.19
CA ILE A 136 30.24 -0.63 -9.01
C ILE A 136 30.38 -1.70 -7.94
N ASP A 137 31.35 -2.59 -8.12
CA ASP A 137 31.60 -3.66 -7.16
C ASP A 137 32.32 -3.10 -5.94
N ALA A 138 31.54 -2.53 -5.04
CA ALA A 138 32.07 -1.84 -3.87
C ALA A 138 32.52 -2.81 -2.79
N ASP A 139 31.81 -3.92 -2.64
CA ASP A 139 32.12 -4.86 -1.56
C ASP A 139 33.13 -5.91 -2.02
N GLY A 140 33.39 -5.94 -3.31
CA GLY A 140 34.41 -6.82 -3.85
C GLY A 140 33.98 -8.27 -3.85
N SER A 141 32.71 -8.52 -4.13
CA SER A 141 32.19 -9.87 -4.11
C SER A 141 32.48 -10.58 -5.43
N GLY A 142 32.77 -9.79 -6.45
CA GLY A 142 33.07 -10.34 -7.75
C GLY A 142 31.83 -10.42 -8.62
N THR A 143 30.70 -10.60 -7.98
CA THR A 143 29.43 -10.57 -8.64
C THR A 143 28.58 -9.44 -8.09
N VAL A 144 28.00 -8.68 -8.99
CA VAL A 144 27.20 -7.53 -8.63
C VAL A 144 25.79 -7.96 -8.26
N ASP A 145 25.42 -7.74 -7.01
CA ASP A 145 24.13 -8.22 -6.50
C ASP A 145 23.46 -7.19 -5.61
N PHE A 146 24.10 -6.84 -4.51
CA PHE A 146 23.47 -6.00 -3.52
C PHE A 146 23.83 -4.53 -3.72
N GLU A 147 24.57 -3.94 -2.79
CA GLU A 147 24.90 -2.53 -2.84
C GLU A 147 25.77 -2.20 -4.05
N GLU A 148 26.26 -3.24 -4.70
CA GLU A 148 27.04 -3.10 -5.91
C GLU A 148 26.15 -2.56 -7.04
N PHE A 149 25.02 -3.22 -7.27
CA PHE A 149 24.10 -2.79 -8.31
C PHE A 149 23.30 -1.58 -7.85
N MET A 150 23.01 -1.53 -6.55
CA MET A 150 22.28 -0.41 -5.98
C MET A 150 23.13 0.86 -6.12
N GLY A 151 24.43 0.66 -6.23
CA GLY A 151 25.36 1.79 -6.33
C GLY A 151 25.40 2.39 -7.71
N VAL A 152 25.00 1.61 -8.72
CA VAL A 152 25.04 2.09 -10.10
C VAL A 152 23.73 2.74 -10.48
N MET A 153 22.74 1.89 -10.64
CA MET A 153 21.50 2.29 -11.28
C MET A 153 20.57 2.96 -10.28
N THR A 154 20.58 2.44 -9.07
CA THR A 154 19.76 2.96 -7.99
C THR A 154 20.37 4.22 -7.38
N GLY A 155 21.68 4.36 -7.54
CA GLY A 155 22.40 5.46 -6.95
C GLY A 155 22.30 6.74 -7.75
N GLY A 156 21.07 7.12 -8.08
CA GLY A 156 20.85 8.37 -8.77
C GLY A 156 20.62 9.49 -7.78
N ASP A 157 19.48 9.44 -7.11
CA ASP A 157 19.11 10.43 -6.09
C ASP A 157 19.26 11.85 -6.64
N GLU A 158 18.44 12.16 -7.64
CA GLU A 158 18.52 13.45 -8.31
C GLU A 158 17.20 14.19 -8.17
N MET A 1 -10.39 12.69 -5.85
CA MET A 1 -8.95 12.41 -5.63
C MET A 1 -8.74 10.93 -5.34
N GLY A 2 -8.14 10.26 -6.29
CA GLY A 2 -7.88 8.85 -6.16
C GLY A 2 -6.87 8.38 -7.18
N ASP A 3 -5.81 7.77 -6.69
CA ASP A 3 -4.76 7.19 -7.55
C ASP A 3 -5.27 5.97 -8.32
N VAL A 4 -6.24 6.19 -9.19
CA VAL A 4 -6.83 5.13 -9.99
C VAL A 4 -5.80 4.50 -10.92
N SER A 5 -4.84 5.31 -11.36
CA SER A 5 -3.81 4.83 -12.27
C SER A 5 -2.73 4.04 -11.53
N LYS A 6 -2.72 4.16 -10.20
CA LYS A 6 -1.71 3.51 -9.39
C LYS A 6 -2.14 2.11 -8.96
N LEU A 7 -3.44 1.94 -8.77
CA LEU A 7 -4.00 0.64 -8.45
C LEU A 7 -3.81 -0.30 -9.63
N SER A 8 -2.98 -1.31 -9.44
CA SER A 8 -2.56 -2.20 -10.52
C SER A 8 -3.60 -3.30 -10.77
N SER A 9 -4.86 -2.89 -10.86
CA SER A 9 -5.99 -3.80 -11.15
C SER A 9 -6.30 -4.74 -9.97
N ASN A 10 -5.27 -5.18 -9.25
CA ASN A 10 -5.44 -6.10 -8.13
C ASN A 10 -6.42 -5.57 -7.10
N GLN A 11 -6.16 -4.37 -6.58
CA GLN A 11 -7.04 -3.75 -5.59
C GLN A 11 -8.41 -3.49 -6.19
N VAL A 12 -8.41 -3.24 -7.49
CA VAL A 12 -9.61 -2.92 -8.23
C VAL A 12 -10.48 -4.17 -8.41
N LYS A 13 -9.85 -5.32 -8.48
CA LYS A 13 -10.56 -6.58 -8.51
C LYS A 13 -11.21 -6.89 -7.16
N LEU A 14 -10.53 -6.54 -6.08
CA LEU A 14 -11.14 -6.56 -4.76
C LEU A 14 -12.35 -5.65 -4.75
N LEU A 15 -12.13 -4.44 -5.25
CA LEU A 15 -13.20 -3.46 -5.41
C LEU A 15 -14.35 -4.04 -6.23
N GLU A 16 -14.01 -4.65 -7.35
CA GLU A 16 -15.00 -5.22 -8.26
C GLU A 16 -15.81 -6.32 -7.58
N THR A 17 -15.11 -7.26 -6.95
CA THR A 17 -15.76 -8.39 -6.30
C THR A 17 -16.73 -7.91 -5.21
N ALA A 18 -16.32 -6.90 -4.46
CA ALA A 18 -17.14 -6.38 -3.39
C ALA A 18 -18.25 -5.50 -3.96
N PHE A 19 -17.91 -4.72 -4.98
CA PHE A 19 -18.87 -3.90 -5.69
C PHE A 19 -20.03 -4.77 -6.16
N ARG A 20 -19.70 -5.80 -6.91
CA ARG A 20 -20.68 -6.67 -7.55
C ARG A 20 -21.48 -7.49 -6.52
N ASP A 21 -20.97 -7.57 -5.30
CA ASP A 21 -21.62 -8.38 -4.28
C ASP A 21 -22.68 -7.59 -3.52
N PHE A 22 -22.43 -6.31 -3.33
CA PHE A 22 -23.37 -5.45 -2.63
C PHE A 22 -24.01 -4.47 -3.60
N GLU A 23 -23.82 -4.74 -4.89
CA GLU A 23 -24.31 -3.88 -5.96
C GLU A 23 -25.82 -3.94 -6.08
N THR A 24 -26.39 -2.81 -6.49
CA THR A 24 -27.73 -2.75 -7.02
C THR A 24 -28.81 -2.79 -5.96
N PRO A 25 -29.85 -1.99 -6.18
CA PRO A 25 -31.11 -2.07 -5.43
C PRO A 25 -32.00 -3.14 -6.05
N GLU A 26 -31.96 -3.22 -7.39
CA GLU A 26 -32.65 -4.25 -8.16
C GLU A 26 -32.33 -4.06 -9.64
N GLY A 27 -31.05 -3.89 -9.96
CA GLY A 27 -30.66 -3.69 -11.35
C GLY A 27 -30.51 -2.23 -11.70
N SER A 28 -29.56 -1.57 -11.05
CA SER A 28 -29.33 -0.16 -11.27
C SER A 28 -28.03 0.07 -12.07
N GLY A 29 -27.17 -0.95 -12.11
CA GLY A 29 -25.89 -0.81 -12.76
C GLY A 29 -24.92 -0.03 -11.90
N ARG A 30 -25.32 0.12 -10.64
CA ARG A 30 -24.56 0.86 -9.65
C ARG A 30 -24.63 0.14 -8.33
N VAL A 31 -23.81 0.54 -7.40
CA VAL A 31 -23.89 0.03 -6.05
C VAL A 31 -24.46 1.08 -5.13
N SER A 32 -25.48 0.69 -4.41
CA SER A 32 -26.16 1.57 -3.49
C SER A 32 -25.20 2.17 -2.47
N THR A 33 -25.39 3.46 -2.21
CA THR A 33 -24.56 4.19 -1.25
C THR A 33 -24.70 3.65 0.17
N ASP A 34 -25.85 3.07 0.46
CA ASP A 34 -26.11 2.49 1.77
C ASP A 34 -25.18 1.30 2.01
N GLN A 35 -24.78 0.65 0.92
CA GLN A 35 -23.96 -0.55 1.01
C GLN A 35 -22.48 -0.22 0.94
N ILE A 36 -22.15 1.01 0.55
CA ILE A 36 -20.76 1.44 0.42
C ILE A 36 -20.00 1.17 1.71
N GLY A 37 -20.57 1.60 2.83
CA GLY A 37 -19.93 1.42 4.12
C GLY A 37 -19.67 -0.04 4.44
N ILE A 38 -20.58 -0.91 4.01
CA ILE A 38 -20.41 -2.34 4.17
C ILE A 38 -19.18 -2.80 3.40
N ILE A 39 -19.13 -2.37 2.15
CA ILE A 39 -18.03 -2.71 1.24
C ILE A 39 -16.70 -2.16 1.75
N LEU A 40 -16.70 -0.90 2.17
CA LEU A 40 -15.49 -0.27 2.69
C LEU A 40 -15.00 -1.01 3.93
N GLU A 41 -15.92 -1.67 4.59
CA GLU A 41 -15.61 -2.53 5.72
C GLU A 41 -15.00 -3.83 5.21
N VAL A 42 -15.61 -4.37 4.16
CA VAL A 42 -15.11 -5.57 3.48
C VAL A 42 -13.66 -5.38 3.06
N LEU A 43 -13.40 -4.21 2.52
CA LEU A 43 -12.10 -3.87 1.97
C LEU A 43 -11.13 -3.45 3.08
N GLY A 44 -11.68 -3.21 4.27
CA GLY A 44 -10.88 -2.87 5.42
C GLY A 44 -10.27 -1.49 5.33
N ILE A 45 -11.04 -0.53 4.85
CA ILE A 45 -10.53 0.81 4.67
C ILE A 45 -11.29 1.85 5.51
N GLN A 46 -12.48 2.24 5.06
CA GLN A 46 -13.22 3.29 5.71
C GLN A 46 -13.97 2.81 6.94
N GLN A 47 -14.61 3.75 7.61
CA GLN A 47 -15.21 3.52 8.92
C GLN A 47 -16.71 3.28 8.81
N THR A 48 -17.38 3.24 9.95
CA THR A 48 -18.83 3.05 10.04
C THR A 48 -19.58 4.04 9.13
N LYS A 49 -20.86 3.75 8.92
CA LYS A 49 -21.70 4.47 7.96
C LYS A 49 -21.84 5.95 8.33
N SER A 50 -21.60 6.28 9.59
CA SER A 50 -21.60 7.67 10.02
C SER A 50 -20.50 8.46 9.31
N THR A 51 -19.42 7.76 8.98
CA THR A 51 -18.32 8.34 8.22
C THR A 51 -18.61 8.28 6.72
N ILE A 52 -19.33 7.24 6.33
CA ILE A 52 -19.65 7.00 4.93
C ILE A 52 -20.58 8.06 4.38
N ARG A 53 -21.34 8.68 5.26
CA ARG A 53 -22.19 9.83 4.91
C ARG A 53 -21.41 10.84 4.06
N GLN A 54 -20.19 11.13 4.49
CA GLN A 54 -19.34 12.08 3.79
C GLN A 54 -19.03 11.61 2.38
N LEU A 55 -18.59 10.36 2.27
CA LEU A 55 -18.27 9.75 0.99
C LEU A 55 -19.48 9.76 0.05
N ILE A 56 -20.66 9.53 0.61
CA ILE A 56 -21.89 9.57 -0.17
C ILE A 56 -22.17 10.98 -0.67
N ASP A 57 -22.05 11.97 0.21
CA ASP A 57 -22.19 13.36 -0.19
C ASP A 57 -21.10 13.74 -1.19
N GLU A 58 -19.98 13.04 -1.09
CA GLU A 58 -18.83 13.32 -1.92
C GLU A 58 -19.02 12.79 -3.35
N PHE A 59 -19.33 11.51 -3.46
CA PHE A 59 -19.36 10.85 -4.76
C PHE A 59 -20.77 10.76 -5.34
N ASP A 60 -21.78 10.98 -4.51
CA ASP A 60 -23.16 11.05 -4.99
C ASP A 60 -23.79 12.38 -4.62
N PRO A 61 -23.32 13.49 -5.23
CA PRO A 61 -23.89 14.83 -5.01
C PRO A 61 -25.25 14.97 -5.68
N PHE A 62 -25.53 14.07 -6.61
CA PHE A 62 -26.75 14.11 -7.38
C PHE A 62 -27.91 13.53 -6.58
N GLY A 63 -27.57 12.78 -5.54
CA GLY A 63 -28.58 12.19 -4.69
C GLY A 63 -29.27 11.03 -5.37
N ASN A 64 -28.51 10.25 -6.13
CA ASN A 64 -29.06 9.15 -6.88
C ASN A 64 -29.45 7.99 -5.97
N GLY A 65 -28.59 7.68 -5.01
CA GLY A 65 -28.84 6.58 -4.11
C GLY A 65 -27.85 5.46 -4.29
N ASP A 66 -27.15 5.49 -5.41
CA ASP A 66 -26.12 4.51 -5.69
C ASP A 66 -24.91 5.23 -6.29
N ILE A 67 -23.84 4.50 -6.56
CA ILE A 67 -22.66 5.07 -7.22
C ILE A 67 -22.15 4.10 -8.28
N ASP A 68 -21.51 4.65 -9.30
CA ASP A 68 -20.94 3.83 -10.36
C ASP A 68 -19.50 3.45 -10.02
N PHE A 69 -18.93 2.49 -10.75
CA PHE A 69 -17.56 2.08 -10.51
C PHE A 69 -16.59 3.23 -10.77
N ASP A 70 -17.03 4.21 -11.56
CA ASP A 70 -16.23 5.43 -11.77
C ASP A 70 -15.94 6.10 -10.43
N SER A 71 -17.00 6.33 -9.68
CA SER A 71 -16.90 6.95 -8.36
C SER A 71 -16.26 5.98 -7.37
N PHE A 72 -16.72 4.74 -7.40
CA PHE A 72 -16.26 3.72 -6.46
C PHE A 72 -14.78 3.42 -6.65
N LYS A 73 -14.30 3.46 -7.89
CA LYS A 73 -12.89 3.21 -8.17
C LYS A 73 -12.03 4.27 -7.52
N ILE A 74 -12.53 5.50 -7.51
CA ILE A 74 -11.82 6.60 -6.84
C ILE A 74 -11.81 6.37 -5.34
N ILE A 75 -12.96 5.95 -4.81
CA ILE A 75 -13.09 5.59 -3.40
C ILE A 75 -12.07 4.52 -3.04
N GLY A 76 -12.00 3.50 -3.87
CA GLY A 76 -11.04 2.44 -3.66
C GLY A 76 -9.61 2.90 -3.84
N ALA A 77 -9.37 3.67 -4.89
CA ALA A 77 -8.02 4.07 -5.24
C ALA A 77 -7.40 4.96 -4.18
N ARG A 78 -8.25 5.62 -3.41
CA ARG A 78 -7.78 6.56 -2.42
C ARG A 78 -7.50 5.90 -1.07
N PHE A 79 -7.99 4.66 -0.86
CA PHE A 79 -7.80 3.99 0.42
C PHE A 79 -7.12 2.63 0.27
N LEU A 80 -7.46 1.91 -0.80
CA LEU A 80 -6.98 0.54 -1.00
C LEU A 80 -5.48 0.47 -1.22
N GLY A 81 -4.92 1.54 -1.74
CA GLY A 81 -3.53 1.54 -2.07
C GLY A 81 -2.64 1.79 -0.87
N GLU A 82 -2.88 2.88 -0.19
CA GLU A 82 -2.17 3.19 1.04
C GLU A 82 -2.97 2.65 2.22
N GLU A 83 -3.34 1.39 2.11
CA GLU A 83 -4.20 0.75 3.06
C GLU A 83 -3.53 0.59 4.42
N VAL A 84 -3.84 1.52 5.28
CA VAL A 84 -3.30 1.57 6.62
C VAL A 84 -4.41 1.85 7.61
N ASN A 85 -4.95 0.79 8.20
CA ASN A 85 -5.96 0.93 9.26
C ASN A 85 -5.53 1.98 10.28
N PRO A 86 -6.47 2.83 10.67
CA PRO A 86 -6.21 4.04 11.46
C PRO A 86 -5.75 3.74 12.88
N GLU A 87 -6.30 2.68 13.46
CA GLU A 87 -5.89 2.25 14.78
C GLU A 87 -4.77 1.23 14.68
N GLN A 88 -5.14 -0.04 14.48
CA GLN A 88 -4.19 -1.14 14.45
C GLN A 88 -3.35 -1.17 15.73
N MET A 89 -3.91 -0.63 16.80
CA MET A 89 -3.22 -0.50 18.09
C MET A 89 -1.92 0.29 17.94
N GLN A 90 -1.97 1.37 17.16
CA GLN A 90 -0.85 2.27 17.03
C GLN A 90 -0.89 3.32 18.14
N GLN A 91 -1.86 4.24 18.03
CA GLN A 91 -2.01 5.33 18.98
C GLN A 91 -0.69 6.08 19.15
N GLU A 92 -0.03 6.32 18.03
CA GLU A 92 1.24 7.05 17.98
C GLU A 92 1.04 8.46 18.54
N LEU A 93 -0.21 8.89 18.53
CA LEU A 93 -0.56 10.25 18.88
C LEU A 93 -0.17 10.55 20.32
N ARG A 94 -0.30 9.56 21.19
CA ARG A 94 0.04 9.73 22.59
C ARG A 94 1.52 10.06 22.76
N GLU A 95 2.37 9.38 22.00
CA GLU A 95 3.80 9.62 22.04
C GLU A 95 4.15 10.92 21.32
N ALA A 96 3.34 11.25 20.31
CA ALA A 96 3.55 12.44 19.51
C ALA A 96 3.13 13.68 20.27
N PHE A 97 2.29 13.50 21.29
CA PHE A 97 1.86 14.62 22.11
C PHE A 97 3.06 15.35 22.69
N ARG A 98 4.02 14.59 23.20
CA ARG A 98 5.19 15.18 23.84
C ARG A 98 6.12 15.82 22.80
N LEU A 99 5.95 15.39 21.56
CA LEU A 99 6.75 15.89 20.45
C LEU A 99 6.24 17.25 19.98
N TYR A 100 4.92 17.35 19.85
CA TYR A 100 4.29 18.56 19.38
C TYR A 100 3.99 19.50 20.53
N ASP A 101 4.22 19.02 21.73
CA ASP A 101 4.01 19.82 22.93
C ASP A 101 5.14 20.83 23.11
N LYS A 102 5.09 21.89 22.32
CA LYS A 102 6.04 23.00 22.45
C LYS A 102 5.99 23.59 23.85
N GLU A 103 4.77 23.73 24.35
CA GLU A 103 4.51 24.43 25.60
C GLU A 103 5.08 23.69 26.80
N GLY A 104 5.00 22.37 26.77
CA GLY A 104 5.32 21.57 27.93
C GLY A 104 4.10 21.40 28.79
N ASN A 105 2.97 21.25 28.12
CA ASN A 105 1.67 21.31 28.76
C ASN A 105 1.15 19.91 29.09
N GLY A 106 1.73 18.91 28.44
CA GLY A 106 1.25 17.53 28.61
C GLY A 106 0.15 17.22 27.60
N TYR A 107 -0.51 18.27 27.17
CA TYR A 107 -1.50 18.21 26.09
C TYR A 107 -0.97 19.05 24.95
N ILE A 108 -1.66 19.10 23.85
CA ILE A 108 -1.31 20.06 22.81
C ILE A 108 -2.47 21.02 22.61
N SER A 109 -2.21 22.29 22.79
CA SER A 109 -3.26 23.29 22.72
C SER A 109 -3.84 23.40 21.30
N THR A 110 -4.87 24.19 21.15
CA THR A 110 -5.52 24.33 19.86
C THR A 110 -4.58 25.01 18.86
N ASP A 111 -3.67 25.82 19.36
CA ASP A 111 -2.66 26.48 18.55
C ASP A 111 -1.78 25.46 17.84
N VAL A 112 -1.14 24.61 18.63
CA VAL A 112 -0.27 23.57 18.09
C VAL A 112 -1.05 22.58 17.23
N MET A 113 -2.28 22.26 17.66
CA MET A 113 -3.15 21.36 16.92
C MET A 113 -3.37 21.88 15.49
N ARG A 114 -3.55 23.19 15.37
CA ARG A 114 -3.74 23.82 14.08
C ARG A 114 -2.54 23.60 13.18
N GLU A 115 -1.34 23.78 13.74
CA GLU A 115 -0.11 23.59 12.98
C GLU A 115 -0.03 22.16 12.47
N ILE A 116 -0.33 21.21 13.36
CA ILE A 116 -0.36 19.79 13.02
C ILE A 116 -1.35 19.54 11.88
N LEU A 117 -2.58 20.01 12.09
CA LEU A 117 -3.66 19.86 11.13
C LEU A 117 -3.26 20.41 9.77
N ALA A 118 -2.96 21.69 9.76
CA ALA A 118 -2.56 22.42 8.54
C ALA A 118 -1.37 21.78 7.84
N GLU A 119 -0.53 21.08 8.61
CA GLU A 119 0.66 20.44 8.04
C GLU A 119 0.26 19.18 7.29
N LEU A 120 -0.62 18.38 7.88
CA LEU A 120 -1.13 17.18 7.24
C LEU A 120 -2.08 17.53 6.09
N ASP A 121 -3.10 18.30 6.39
CA ASP A 121 -4.10 18.69 5.39
C ASP A 121 -3.87 20.12 4.93
N GLU A 122 -3.46 20.25 3.68
CA GLU A 122 -3.07 21.54 3.12
C GLU A 122 -4.25 22.27 2.52
N THR A 123 -5.39 21.61 2.48
CA THR A 123 -6.56 22.14 1.82
C THR A 123 -7.38 23.00 2.78
N LEU A 124 -6.92 23.04 4.02
CA LEU A 124 -7.53 23.86 5.05
C LEU A 124 -7.00 25.29 5.00
N SER A 125 -7.89 26.26 4.98
CA SER A 125 -7.50 27.66 5.04
C SER A 125 -7.43 28.11 6.49
N SER A 126 -7.12 29.37 6.72
CA SER A 126 -7.00 29.90 8.08
C SER A 126 -8.32 29.73 8.83
N GLU A 127 -9.42 30.13 8.22
CA GLU A 127 -10.72 30.05 8.87
C GLU A 127 -11.18 28.60 8.99
N ASP A 128 -10.86 27.80 7.99
CA ASP A 128 -11.20 26.39 8.00
C ASP A 128 -10.44 25.67 9.10
N LEU A 129 -9.18 26.06 9.28
CA LEU A 129 -8.39 25.57 10.40
C LEU A 129 -9.06 25.91 11.72
N ASP A 130 -9.55 27.14 11.82
CA ASP A 130 -10.27 27.58 13.02
C ASP A 130 -11.50 26.71 13.26
N ALA A 131 -12.26 26.46 12.20
CA ALA A 131 -13.44 25.61 12.29
C ALA A 131 -13.05 24.19 12.67
N MET A 132 -11.98 23.69 12.07
CA MET A 132 -11.51 22.37 12.40
C MET A 132 -11.05 22.29 13.83
N ILE A 133 -10.43 23.35 14.32
CA ILE A 133 -10.05 23.44 15.72
C ILE A 133 -11.28 23.28 16.61
N ASP A 134 -12.34 23.95 16.22
CA ASP A 134 -13.63 23.89 16.91
C ASP A 134 -14.18 22.47 16.86
N GLU A 135 -13.94 21.82 15.73
CA GLU A 135 -14.38 20.46 15.47
C GLU A 135 -13.54 19.45 16.28
N ILE A 136 -12.23 19.72 16.35
CA ILE A 136 -11.27 18.81 17.01
C ILE A 136 -11.44 18.81 18.53
N ASP A 137 -11.33 19.98 19.14
CA ASP A 137 -11.49 20.11 20.59
C ASP A 137 -12.98 20.02 20.93
N ALA A 138 -13.54 18.86 20.64
CA ALA A 138 -14.96 18.61 20.77
C ALA A 138 -15.36 18.36 22.22
N ASP A 139 -14.42 17.94 23.05
CA ASP A 139 -14.73 17.65 24.43
C ASP A 139 -14.61 18.90 25.28
N GLY A 140 -14.02 19.94 24.69
CA GLY A 140 -13.95 21.23 25.34
C GLY A 140 -12.85 21.30 26.37
N SER A 141 -11.75 20.62 26.10
CA SER A 141 -10.64 20.60 27.04
C SER A 141 -9.83 21.88 26.93
N GLY A 142 -9.96 22.56 25.79
CA GLY A 142 -9.22 23.78 25.54
C GLY A 142 -7.83 23.45 25.03
N THR A 143 -7.34 22.30 25.45
CA THR A 143 -6.11 21.73 24.98
C THR A 143 -6.40 20.34 24.43
N VAL A 144 -5.96 20.09 23.22
CA VAL A 144 -6.28 18.86 22.53
C VAL A 144 -5.36 17.75 23.02
N ASP A 145 -5.93 16.64 23.44
CA ASP A 145 -5.15 15.54 24.01
C ASP A 145 -5.91 14.23 23.90
N PHE A 146 -6.87 14.07 24.79
CA PHE A 146 -7.63 12.85 24.90
C PHE A 146 -8.90 12.92 24.06
N GLU A 147 -9.21 11.85 23.33
CA GLU A 147 -10.37 11.78 22.44
C GLU A 147 -10.27 12.75 21.27
N GLU A 148 -10.06 14.02 21.60
CA GLU A 148 -10.00 15.11 20.63
C GLU A 148 -8.97 14.85 19.54
N PHE A 149 -7.76 14.51 19.93
CA PHE A 149 -6.70 14.22 18.95
C PHE A 149 -6.93 12.86 18.31
N MET A 150 -7.40 11.91 19.11
CA MET A 150 -7.67 10.56 18.63
C MET A 150 -8.69 10.59 17.49
N GLY A 151 -9.72 11.41 17.66
CA GLY A 151 -10.77 11.50 16.69
C GLY A 151 -10.37 12.24 15.42
N VAL A 152 -9.53 13.26 15.57
CA VAL A 152 -9.16 14.10 14.42
C VAL A 152 -8.17 13.39 13.51
N MET A 153 -7.23 12.67 14.10
CA MET A 153 -6.16 12.05 13.33
C MET A 153 -6.49 10.62 12.94
N THR A 154 -7.10 9.87 13.86
CA THR A 154 -7.30 8.44 13.64
C THR A 154 -8.77 8.03 13.72
N GLY A 155 -9.67 8.97 13.47
CA GLY A 155 -11.09 8.67 13.53
C GLY A 155 -11.62 8.60 14.95
N GLY A 156 -11.06 7.68 15.73
CA GLY A 156 -11.48 7.52 17.11
C GLY A 156 -11.58 6.07 17.51
N ASP A 157 -12.32 5.80 18.57
CA ASP A 157 -12.51 4.44 19.05
C ASP A 157 -13.85 3.90 18.57
N GLU A 158 -13.88 3.43 17.32
CA GLU A 158 -15.10 2.89 16.75
C GLU A 158 -15.28 1.45 17.21
N MET A 1 -8.64 13.68 -5.15
CA MET A 1 -8.14 12.64 -6.07
C MET A 1 -7.90 11.33 -5.34
N GLY A 2 -8.24 10.26 -6.03
CA GLY A 2 -7.91 8.93 -5.59
C GLY A 2 -7.17 8.21 -6.68
N ASP A 3 -5.88 8.01 -6.48
CA ASP A 3 -4.96 7.46 -7.48
C ASP A 3 -5.57 6.35 -8.33
N VAL A 4 -6.19 6.75 -9.43
CA VAL A 4 -6.78 5.83 -10.36
C VAL A 4 -5.72 5.24 -11.28
N SER A 5 -4.55 5.87 -11.32
CA SER A 5 -3.44 5.40 -12.14
C SER A 5 -2.66 4.32 -11.39
N LYS A 6 -2.87 4.24 -10.08
CA LYS A 6 -2.26 3.21 -9.27
C LYS A 6 -3.09 1.94 -9.32
N LEU A 7 -4.40 2.11 -9.44
CA LEU A 7 -5.30 0.99 -9.55
C LEU A 7 -5.22 0.39 -10.95
N SER A 8 -4.56 -0.74 -11.01
CA SER A 8 -4.35 -1.43 -12.27
C SER A 8 -4.85 -2.86 -12.15
N SER A 9 -6.17 -3.00 -12.02
CA SER A 9 -6.84 -4.29 -11.91
C SER A 9 -6.60 -4.96 -10.54
N ASN A 10 -5.36 -4.90 -10.05
CA ASN A 10 -4.99 -5.59 -8.81
C ASN A 10 -5.85 -5.17 -7.62
N GLN A 11 -5.86 -3.88 -7.29
CA GLN A 11 -6.65 -3.39 -6.15
C GLN A 11 -8.11 -3.43 -6.52
N VAL A 12 -8.36 -3.19 -7.81
CA VAL A 12 -9.71 -3.13 -8.36
C VAL A 12 -10.39 -4.50 -8.24
N LYS A 13 -9.61 -5.56 -8.27
CA LYS A 13 -10.11 -6.90 -8.17
C LYS A 13 -10.79 -7.12 -6.82
N LEU A 14 -10.20 -6.59 -5.75
CA LEU A 14 -10.82 -6.68 -4.43
C LEU A 14 -12.05 -5.79 -4.40
N LEU A 15 -11.90 -4.60 -4.96
CA LEU A 15 -12.97 -3.61 -5.01
C LEU A 15 -14.20 -4.14 -5.74
N GLU A 16 -14.00 -4.61 -6.96
CA GLU A 16 -15.09 -5.06 -7.81
C GLU A 16 -15.79 -6.28 -7.21
N THR A 17 -15.03 -7.16 -6.57
CA THR A 17 -15.61 -8.35 -5.95
C THR A 17 -16.64 -7.95 -4.89
N ALA A 18 -16.30 -6.94 -4.10
CA ALA A 18 -17.20 -6.46 -3.06
C ALA A 18 -18.26 -5.55 -3.66
N PHE A 19 -17.87 -4.82 -4.69
CA PHE A 19 -18.77 -3.94 -5.42
C PHE A 19 -19.97 -4.72 -5.93
N ARG A 20 -19.70 -5.78 -6.69
CA ARG A 20 -20.74 -6.55 -7.34
C ARG A 20 -21.59 -7.33 -6.33
N ASP A 21 -21.05 -7.52 -5.13
CA ASP A 21 -21.74 -8.29 -4.09
C ASP A 21 -22.86 -7.48 -3.46
N PHE A 22 -22.57 -6.21 -3.17
CA PHE A 22 -23.54 -5.34 -2.52
C PHE A 22 -24.14 -4.37 -3.55
N GLU A 23 -23.91 -4.68 -4.81
CA GLU A 23 -24.32 -3.83 -5.92
C GLU A 23 -25.83 -3.85 -6.13
N THR A 24 -26.32 -2.77 -6.73
CA THR A 24 -27.60 -2.75 -7.42
C THR A 24 -28.80 -2.73 -6.48
N PRO A 25 -29.78 -1.90 -6.85
CA PRO A 25 -31.09 -1.91 -6.23
C PRO A 25 -31.93 -3.05 -6.81
N GLU A 26 -32.03 -3.07 -8.14
CA GLU A 26 -32.66 -4.18 -8.84
C GLU A 26 -31.87 -4.57 -10.11
N GLY A 27 -31.13 -3.62 -10.67
CA GLY A 27 -30.41 -3.86 -11.91
C GLY A 27 -29.81 -2.58 -12.43
N SER A 28 -29.12 -1.86 -11.56
CA SER A 28 -28.58 -0.56 -11.89
C SER A 28 -27.17 -0.66 -12.48
N GLY A 29 -26.44 -1.70 -12.07
CA GLY A 29 -25.05 -1.83 -12.49
C GLY A 29 -24.13 -1.02 -11.59
N ARG A 30 -24.75 -0.24 -10.71
CA ARG A 30 -24.03 0.58 -9.76
C ARG A 30 -24.31 0.10 -8.36
N VAL A 31 -23.48 0.52 -7.42
CA VAL A 31 -23.68 0.10 -6.05
C VAL A 31 -24.23 1.25 -5.23
N SER A 32 -25.33 0.96 -4.58
CA SER A 32 -26.00 1.88 -3.71
C SER A 32 -25.07 2.46 -2.66
N THR A 33 -25.24 3.75 -2.40
CA THR A 33 -24.37 4.49 -1.51
C THR A 33 -24.47 4.02 -0.06
N ASP A 34 -25.60 3.44 0.31
CA ASP A 34 -25.78 2.89 1.64
C ASP A 34 -24.90 1.66 1.81
N GLN A 35 -24.62 1.02 0.68
CA GLN A 35 -23.85 -0.22 0.65
C GLN A 35 -22.36 0.07 0.71
N ILE A 36 -21.98 1.29 0.32
CA ILE A 36 -20.58 1.71 0.37
C ILE A 36 -20.03 1.54 1.77
N GLY A 37 -20.83 1.94 2.76
CA GLY A 37 -20.42 1.78 4.14
C GLY A 37 -20.29 0.32 4.55
N ILE A 38 -21.02 -0.55 3.86
CA ILE A 38 -20.90 -1.97 4.09
C ILE A 38 -19.61 -2.49 3.46
N ILE A 39 -19.44 -2.16 2.19
CA ILE A 39 -18.27 -2.58 1.42
C ILE A 39 -16.97 -2.06 2.02
N LEU A 40 -16.96 -0.79 2.40
CA LEU A 40 -15.79 -0.19 3.04
C LEU A 40 -15.46 -0.97 4.30
N GLU A 41 -16.50 -1.37 5.00
CA GLU A 41 -16.37 -2.18 6.21
C GLU A 41 -15.80 -3.55 5.85
N VAL A 42 -16.24 -4.09 4.71
CA VAL A 42 -15.72 -5.35 4.18
C VAL A 42 -14.23 -5.24 3.90
N LEU A 43 -13.87 -4.19 3.19
CA LEU A 43 -12.52 -4.01 2.68
C LEU A 43 -11.60 -3.40 3.74
N GLY A 44 -12.16 -3.11 4.90
CA GLY A 44 -11.37 -2.68 6.03
C GLY A 44 -10.92 -1.23 5.93
N ILE A 45 -11.77 -0.39 5.37
CA ILE A 45 -11.49 1.03 5.27
C ILE A 45 -12.66 1.85 5.80
N GLN A 46 -12.43 3.14 6.03
CA GLN A 46 -13.43 4.04 6.58
C GLN A 46 -14.10 3.54 7.85
N GLN A 47 -15.19 4.21 8.21
CA GLN A 47 -15.88 3.97 9.46
C GLN A 47 -17.32 3.54 9.20
N THR A 48 -18.11 3.45 10.24
CA THR A 48 -19.52 3.08 10.12
C THR A 48 -20.31 4.13 9.32
N LYS A 49 -21.56 3.79 9.01
CA LYS A 49 -22.37 4.50 8.01
C LYS A 49 -22.58 5.98 8.33
N SER A 50 -22.48 6.34 9.60
CA SER A 50 -22.53 7.74 10.01
C SER A 50 -21.43 8.53 9.30
N THR A 51 -20.23 7.98 9.27
CA THR A 51 -19.12 8.59 8.55
C THR A 51 -19.31 8.46 7.05
N ILE A 52 -19.92 7.35 6.64
CA ILE A 52 -20.11 7.03 5.24
C ILE A 52 -21.03 8.05 4.56
N ARG A 53 -21.87 8.72 5.34
CA ARG A 53 -22.67 9.83 4.83
C ARG A 53 -21.79 10.84 4.09
N GLN A 54 -20.59 11.07 4.61
CA GLN A 54 -19.67 12.02 4.02
C GLN A 54 -19.04 11.46 2.73
N LEU A 55 -18.92 10.14 2.67
CA LEU A 55 -18.47 9.46 1.46
C LEU A 55 -19.51 9.65 0.36
N ILE A 56 -20.78 9.51 0.74
CA ILE A 56 -21.88 9.73 -0.18
C ILE A 56 -21.95 11.19 -0.61
N ASP A 57 -21.82 12.10 0.34
CA ASP A 57 -21.79 13.53 0.06
C ASP A 57 -20.74 13.87 -0.99
N GLU A 58 -19.71 13.04 -1.05
CA GLU A 58 -18.62 13.24 -1.98
C GLU A 58 -18.93 12.69 -3.37
N PHE A 59 -19.32 11.42 -3.44
CA PHE A 59 -19.42 10.73 -4.72
C PHE A 59 -20.86 10.63 -5.25
N ASP A 60 -21.84 10.96 -4.42
CA ASP A 60 -23.23 11.00 -4.86
C ASP A 60 -23.92 12.26 -4.33
N PRO A 61 -23.45 13.45 -4.74
CA PRO A 61 -24.05 14.73 -4.34
C PRO A 61 -25.43 14.91 -4.96
N PHE A 62 -25.67 14.16 -6.03
CA PHE A 62 -26.91 14.28 -6.78
C PHE A 62 -28.05 13.55 -6.08
N GLY A 63 -27.67 12.67 -5.16
CA GLY A 63 -28.65 11.90 -4.43
C GLY A 63 -29.29 10.85 -5.30
N ASN A 64 -28.48 10.16 -6.09
CA ASN A 64 -28.97 9.14 -7.00
C ASN A 64 -29.32 7.89 -6.22
N GLY A 65 -28.51 7.59 -5.21
CA GLY A 65 -28.76 6.42 -4.38
C GLY A 65 -27.72 5.34 -4.60
N ASP A 66 -26.84 5.58 -5.56
CA ASP A 66 -25.79 4.64 -5.92
C ASP A 66 -24.67 5.34 -6.69
N ILE A 67 -23.61 4.61 -7.00
CA ILE A 67 -22.46 5.17 -7.69
C ILE A 67 -21.88 4.16 -8.66
N ASP A 68 -21.35 4.65 -9.77
CA ASP A 68 -20.69 3.80 -10.75
C ASP A 68 -19.32 3.38 -10.24
N PHE A 69 -18.72 2.35 -10.83
CA PHE A 69 -17.42 1.88 -10.38
C PHE A 69 -16.39 3.01 -10.42
N ASP A 70 -16.48 3.89 -11.41
CA ASP A 70 -15.48 4.94 -11.56
C ASP A 70 -15.46 5.87 -10.35
N SER A 71 -16.57 5.90 -9.61
CA SER A 71 -16.64 6.66 -8.37
C SER A 71 -16.12 5.82 -7.20
N PHE A 72 -16.49 4.53 -7.18
CA PHE A 72 -16.06 3.62 -6.13
C PHE A 72 -14.57 3.34 -6.26
N LYS A 73 -14.11 3.38 -7.51
CA LYS A 73 -12.71 3.27 -7.83
C LYS A 73 -11.91 4.32 -7.09
N ILE A 74 -12.36 5.56 -7.18
CA ILE A 74 -11.71 6.67 -6.50
C ILE A 74 -11.78 6.47 -4.98
N ILE A 75 -12.94 6.05 -4.51
CA ILE A 75 -13.12 5.73 -3.09
C ILE A 75 -12.08 4.72 -2.64
N GLY A 76 -12.03 3.61 -3.34
CA GLY A 76 -11.08 2.58 -3.02
C GLY A 76 -9.65 3.05 -3.17
N ALA A 77 -9.38 3.79 -4.24
CA ALA A 77 -8.03 4.21 -4.55
C ALA A 77 -7.48 5.14 -3.47
N ARG A 78 -8.37 5.86 -2.81
CA ARG A 78 -7.97 6.82 -1.81
C ARG A 78 -7.87 6.19 -0.42
N PHE A 79 -8.35 4.96 -0.26
CA PHE A 79 -8.38 4.34 1.06
C PHE A 79 -7.49 3.09 1.11
N LEU A 80 -7.52 2.30 0.05
CA LEU A 80 -6.66 1.13 -0.04
C LEU A 80 -5.21 1.53 -0.21
N GLY A 81 -4.91 2.17 -1.33
CA GLY A 81 -3.58 2.70 -1.57
C GLY A 81 -2.47 1.65 -1.56
N GLU A 82 -2.87 0.38 -1.59
CA GLU A 82 -1.94 -0.75 -1.44
C GLU A 82 -1.11 -0.63 -0.16
N GLU A 83 -1.58 0.21 0.74
CA GLU A 83 -0.93 0.46 2.00
C GLU A 83 -1.93 0.34 3.14
N VAL A 84 -1.75 -0.66 3.97
CA VAL A 84 -2.66 -0.91 5.07
C VAL A 84 -2.33 -0.01 6.27
N ASN A 85 -2.67 1.26 6.11
CA ASN A 85 -2.48 2.25 7.16
C ASN A 85 -3.82 2.79 7.62
N PRO A 86 -3.94 3.14 8.90
CA PRO A 86 -5.22 3.60 9.46
C PRO A 86 -5.69 4.88 8.79
N GLU A 87 -4.87 5.90 8.86
CA GLU A 87 -5.15 7.17 8.21
C GLU A 87 -3.90 7.65 7.47
N GLN A 88 -2.97 6.72 7.27
CA GLN A 88 -1.66 6.98 6.66
C GLN A 88 -0.78 7.88 7.55
N MET A 89 -1.33 9.00 8.00
CA MET A 89 -0.58 9.95 8.84
C MET A 89 -0.58 9.48 10.29
N GLN A 90 -1.17 8.32 10.53
CA GLN A 90 -1.21 7.73 11.86
C GLN A 90 0.01 6.85 12.11
N GLN A 91 0.33 6.66 13.39
CA GLN A 91 1.46 5.84 13.79
C GLN A 91 2.77 6.31 13.17
N GLU A 92 2.93 7.62 13.11
CA GLU A 92 4.16 8.25 12.62
C GLU A 92 5.35 7.76 13.42
N LEU A 93 5.12 7.50 14.71
CA LEU A 93 6.17 7.03 15.59
C LEU A 93 6.77 5.73 15.07
N ARG A 94 5.94 4.86 14.52
CA ARG A 94 6.40 3.59 14.00
C ARG A 94 7.46 3.77 12.91
N GLU A 95 7.19 4.67 11.98
CA GLU A 95 8.14 4.93 10.92
C GLU A 95 9.31 5.78 11.44
N ALA A 96 9.10 6.40 12.59
CA ALA A 96 10.14 7.19 13.23
C ALA A 96 11.03 6.31 14.11
N PHE A 97 10.57 5.12 14.46
CA PHE A 97 11.37 4.20 15.26
C PHE A 97 12.65 3.89 14.52
N ARG A 98 12.52 3.60 13.22
CA ARG A 98 13.67 3.23 12.41
C ARG A 98 14.59 4.43 12.19
N LEU A 99 14.09 5.61 12.50
CA LEU A 99 14.85 6.83 12.36
C LEU A 99 15.73 7.07 13.59
N TYR A 100 15.20 6.69 14.76
CA TYR A 100 15.93 6.83 16.01
C TYR A 100 16.63 5.53 16.37
N ASP A 101 16.27 4.48 15.65
CA ASP A 101 16.86 3.16 15.84
C ASP A 101 18.27 3.15 15.29
N LYS A 102 19.18 3.72 16.06
CA LYS A 102 20.59 3.72 15.72
C LYS A 102 21.22 2.35 15.97
N GLU A 103 20.47 1.48 16.62
CA GLU A 103 20.95 0.15 16.97
C GLU A 103 20.69 -0.84 15.85
N GLY A 104 19.53 -0.67 15.22
CA GLY A 104 19.15 -1.53 14.11
C GLY A 104 18.22 -2.63 14.56
N ASN A 105 17.42 -2.33 15.58
CA ASN A 105 16.55 -3.33 16.19
C ASN A 105 15.11 -3.20 15.68
N GLY A 106 14.81 -2.06 15.08
CA GLY A 106 13.45 -1.78 14.66
C GLY A 106 12.60 -1.25 15.81
N TYR A 107 12.98 -1.63 17.01
CA TYR A 107 12.42 -1.11 18.24
C TYR A 107 13.43 -0.14 18.80
N ILE A 108 13.00 0.93 19.42
CA ILE A 108 13.96 1.80 20.06
C ILE A 108 14.10 1.39 21.51
N SER A 109 15.31 1.04 21.89
CA SER A 109 15.56 0.53 23.22
C SER A 109 15.35 1.61 24.27
N THR A 110 15.39 1.23 25.53
CA THR A 110 15.19 2.18 26.60
C THR A 110 16.27 3.27 26.57
N ASP A 111 17.44 2.91 26.06
CA ASP A 111 18.57 3.84 25.96
C ASP A 111 18.26 5.01 25.03
N VAL A 112 17.78 4.70 23.85
CA VAL A 112 17.45 5.72 22.86
C VAL A 112 16.21 6.51 23.28
N MET A 113 15.26 5.83 23.92
CA MET A 113 14.06 6.49 24.44
C MET A 113 14.45 7.56 25.46
N ARG A 114 15.47 7.26 26.26
CA ARG A 114 16.06 8.23 27.18
C ARG A 114 16.39 9.53 26.44
N GLU A 115 17.24 9.41 25.43
CA GLU A 115 17.72 10.55 24.66
C GLU A 115 16.57 11.31 23.99
N ILE A 116 15.62 10.56 23.44
CA ILE A 116 14.45 11.16 22.79
C ILE A 116 13.69 12.05 23.78
N LEU A 117 13.45 11.53 24.96
CA LEU A 117 12.72 12.24 26.00
C LEU A 117 13.57 13.39 26.53
N ALA A 118 14.82 13.07 26.84
CA ALA A 118 15.79 14.04 27.35
C ALA A 118 15.92 15.28 26.46
N GLU A 119 15.61 15.15 25.18
CA GLU A 119 15.67 16.27 24.27
C GLU A 119 14.58 17.29 24.61
N LEU A 120 13.49 16.80 25.20
CA LEU A 120 12.42 17.65 25.68
C LEU A 120 12.70 18.08 27.12
N ASP A 121 13.05 17.11 27.96
CA ASP A 121 13.41 17.40 29.36
C ASP A 121 14.89 17.65 29.48
N GLU A 122 15.26 18.92 29.40
CA GLU A 122 16.67 19.31 29.43
C GLU A 122 17.23 19.31 30.85
N THR A 123 16.35 19.25 31.83
CA THR A 123 16.77 19.27 33.22
C THR A 123 16.84 17.85 33.73
N LEU A 124 16.25 16.99 32.93
CA LEU A 124 16.18 15.58 33.17
C LEU A 124 17.56 14.95 33.00
N SER A 125 18.07 14.40 34.08
CA SER A 125 19.42 13.84 34.08
C SER A 125 19.37 12.35 33.74
N SER A 126 20.53 11.71 33.71
CA SER A 126 20.62 10.28 33.41
C SER A 126 19.79 9.47 34.41
N GLU A 127 19.80 9.90 35.66
CA GLU A 127 19.07 9.20 36.71
C GLU A 127 17.58 9.48 36.59
N ASP A 128 17.22 10.73 36.32
CA ASP A 128 15.83 11.10 36.12
C ASP A 128 15.28 10.39 34.90
N LEU A 129 16.01 10.51 33.78
CA LEU A 129 15.75 9.72 32.57
C LEU A 129 15.43 8.27 32.90
N ASP A 130 16.25 7.65 33.75
CA ASP A 130 16.09 6.24 34.06
C ASP A 130 14.75 5.96 34.72
N ALA A 131 14.35 6.84 35.63
CA ALA A 131 13.04 6.75 36.27
C ALA A 131 11.95 6.92 35.23
N MET A 132 12.15 7.87 34.34
CA MET A 132 11.21 8.10 33.25
C MET A 132 11.15 6.88 32.35
N ILE A 133 12.28 6.26 32.10
CA ILE A 133 12.33 5.03 31.33
C ILE A 133 11.47 3.95 31.99
N ASP A 134 11.61 3.84 33.30
CA ASP A 134 10.84 2.91 34.11
C ASP A 134 9.34 3.23 34.01
N GLU A 135 9.07 4.52 33.90
CA GLU A 135 7.71 5.02 33.74
C GLU A 135 7.21 4.73 32.31
N ILE A 136 8.12 4.89 31.36
CA ILE A 136 7.82 4.73 29.93
C ILE A 136 7.55 3.27 29.55
N ASP A 137 8.42 2.37 29.96
CA ASP A 137 8.30 0.98 29.54
C ASP A 137 7.09 0.32 30.20
N ALA A 138 6.00 0.31 29.43
CA ALA A 138 4.71 -0.18 29.90
C ALA A 138 4.65 -1.70 29.91
N ASP A 139 4.92 -2.31 28.77
CA ASP A 139 4.77 -3.76 28.63
C ASP A 139 6.01 -4.48 29.14
N GLY A 140 7.06 -3.71 29.40
CA GLY A 140 8.30 -4.25 29.92
C GLY A 140 8.94 -5.25 28.97
N SER A 141 8.91 -4.94 27.68
CA SER A 141 9.42 -5.85 26.68
C SER A 141 10.92 -5.58 26.43
N GLY A 142 11.48 -4.67 27.21
CA GLY A 142 12.90 -4.36 27.09
C GLY A 142 13.17 -3.28 26.06
N THR A 143 12.32 -3.25 25.05
CA THR A 143 12.42 -2.27 23.99
C THR A 143 11.17 -1.40 23.97
N VAL A 144 11.36 -0.13 23.66
CA VAL A 144 10.26 0.81 23.57
C VAL A 144 9.76 0.86 22.14
N ASP A 145 8.57 0.36 21.90
CA ASP A 145 8.06 0.27 20.55
C ASP A 145 6.55 0.47 20.49
N PHE A 146 5.83 -0.51 21.04
CA PHE A 146 4.40 -0.62 20.78
C PHE A 146 3.56 -0.03 21.91
N GLU A 147 3.79 -0.45 23.14
CA GLU A 147 2.99 0.05 24.24
C GLU A 147 3.74 1.15 24.97
N GLU A 148 5.05 0.97 25.05
CA GLU A 148 5.92 1.87 25.77
C GLU A 148 5.93 3.26 25.16
N PHE A 149 6.23 3.34 23.87
CA PHE A 149 6.37 4.63 23.21
C PHE A 149 5.04 5.37 23.16
N MET A 150 3.98 4.66 22.79
CA MET A 150 2.65 5.24 22.75
C MET A 150 2.21 5.72 24.13
N GLY A 151 2.85 5.19 25.17
CA GLY A 151 2.52 5.57 26.53
C GLY A 151 3.34 6.75 27.03
N VAL A 152 4.45 7.04 26.36
CA VAL A 152 5.30 8.15 26.78
C VAL A 152 5.03 9.41 25.95
N MET A 153 4.96 9.24 24.64
CA MET A 153 4.78 10.39 23.75
C MET A 153 3.31 10.79 23.68
N THR A 154 2.47 9.85 23.31
CA THR A 154 1.04 10.10 23.18
C THR A 154 0.29 9.66 24.43
N GLY A 155 1.00 9.68 25.55
CA GLY A 155 0.40 9.29 26.81
C GLY A 155 0.51 10.41 27.83
N GLY A 156 0.03 11.58 27.46
CA GLY A 156 0.13 12.74 28.32
C GLY A 156 -0.89 12.73 29.45
N ASP A 157 -1.76 11.72 29.48
CA ASP A 157 -2.80 11.60 30.49
C ASP A 157 -3.68 12.85 30.47
N GLU A 158 -4.45 12.97 29.40
CA GLU A 158 -5.25 14.17 29.16
C GLU A 158 -6.72 13.81 29.02
N MET A 1 -5.07 12.07 -2.15
CA MET A 1 -5.60 12.65 -3.41
C MET A 1 -6.79 11.84 -3.90
N GLY A 2 -6.55 10.57 -4.16
CA GLY A 2 -7.57 9.68 -4.66
C GLY A 2 -6.92 8.47 -5.27
N ASP A 3 -5.97 8.74 -6.15
CA ASP A 3 -5.05 7.73 -6.67
C ASP A 3 -5.81 6.62 -7.40
N VAL A 4 -6.81 7.00 -8.17
CA VAL A 4 -7.58 6.05 -8.96
C VAL A 4 -6.70 5.43 -10.05
N SER A 5 -5.64 6.14 -10.42
CA SER A 5 -4.70 5.67 -11.41
C SER A 5 -3.51 4.99 -10.74
N LYS A 6 -3.58 4.85 -9.41
CA LYS A 6 -2.50 4.25 -8.64
C LYS A 6 -2.79 2.78 -8.36
N LEU A 7 -4.06 2.47 -8.15
CA LEU A 7 -4.46 1.12 -7.80
C LEU A 7 -4.06 0.11 -8.86
N SER A 8 -3.14 -0.77 -8.48
CA SER A 8 -2.51 -1.70 -9.40
C SER A 8 -3.39 -2.93 -9.66
N SER A 9 -4.62 -2.68 -10.13
CA SER A 9 -5.58 -3.72 -10.53
C SER A 9 -6.05 -4.62 -9.38
N ASN A 10 -5.12 -5.22 -8.66
CA ASN A 10 -5.43 -6.17 -7.58
C ASN A 10 -6.39 -5.54 -6.55
N GLN A 11 -6.08 -4.32 -6.16
CA GLN A 11 -6.90 -3.59 -5.19
C GLN A 11 -8.29 -3.33 -5.76
N VAL A 12 -8.32 -3.17 -7.08
CA VAL A 12 -9.55 -2.94 -7.81
C VAL A 12 -10.34 -4.23 -7.95
N LYS A 13 -9.64 -5.35 -8.07
CA LYS A 13 -10.25 -6.64 -8.08
C LYS A 13 -10.97 -6.90 -6.76
N LEU A 14 -10.33 -6.53 -5.66
CA LEU A 14 -10.95 -6.58 -4.34
C LEU A 14 -12.23 -5.74 -4.35
N LEU A 15 -12.10 -4.52 -4.85
CA LEU A 15 -13.22 -3.61 -5.02
C LEU A 15 -14.32 -4.24 -5.86
N GLU A 16 -13.95 -4.76 -7.02
CA GLU A 16 -14.90 -5.33 -7.97
C GLU A 16 -15.64 -6.52 -7.37
N THR A 17 -14.92 -7.37 -6.65
CA THR A 17 -15.51 -8.56 -6.04
C THR A 17 -16.61 -8.18 -5.04
N ALA A 18 -16.38 -7.12 -4.28
CA ALA A 18 -17.35 -6.67 -3.30
C ALA A 18 -18.40 -5.79 -3.95
N PHE A 19 -18.00 -5.07 -4.98
CA PHE A 19 -18.90 -4.21 -5.73
C PHE A 19 -20.06 -5.02 -6.30
N ARG A 20 -19.72 -6.05 -7.07
CA ARG A 20 -20.71 -6.87 -7.76
C ARG A 20 -21.47 -7.76 -6.77
N ASP A 21 -21.11 -7.68 -5.50
CA ASP A 21 -21.74 -8.50 -4.48
C ASP A 21 -22.89 -7.74 -3.81
N PHE A 22 -22.60 -6.54 -3.34
CA PHE A 22 -23.61 -5.71 -2.67
C PHE A 22 -24.24 -4.74 -3.66
N GLU A 23 -23.95 -4.96 -4.94
CA GLU A 23 -24.37 -4.05 -6.00
C GLU A 23 -25.88 -3.95 -6.12
N THR A 24 -26.30 -2.81 -6.66
CA THR A 24 -27.64 -2.63 -7.21
C THR A 24 -28.71 -2.41 -6.15
N PRO A 25 -29.62 -1.47 -6.46
CA PRO A 25 -30.83 -1.26 -5.70
C PRO A 25 -31.96 -2.15 -6.22
N GLU A 26 -32.08 -2.19 -7.54
CA GLU A 26 -33.04 -3.04 -8.24
C GLU A 26 -32.65 -3.14 -9.71
N GLY A 27 -31.38 -3.40 -9.95
CA GLY A 27 -30.89 -3.53 -11.31
C GLY A 27 -30.45 -2.20 -11.88
N SER A 28 -29.38 -1.65 -11.32
CA SER A 28 -28.91 -0.33 -11.71
C SER A 28 -27.54 -0.40 -12.39
N GLY A 29 -26.75 -1.42 -12.07
CA GLY A 29 -25.37 -1.46 -12.52
C GLY A 29 -24.49 -0.66 -11.60
N ARG A 30 -25.14 -0.02 -10.64
CA ARG A 30 -24.49 0.80 -9.64
C ARG A 30 -24.70 0.18 -8.28
N VAL A 31 -23.87 0.55 -7.34
CA VAL A 31 -24.03 0.06 -6.00
C VAL A 31 -24.55 1.17 -5.12
N SER A 32 -25.63 0.85 -4.44
CA SER A 32 -26.33 1.78 -3.59
C SER A 32 -25.40 2.38 -2.54
N THR A 33 -25.60 3.67 -2.28
CA THR A 33 -24.79 4.42 -1.33
C THR A 33 -25.02 3.91 0.08
N ASP A 34 -26.15 3.23 0.26
CA ASP A 34 -26.49 2.64 1.54
C ASP A 34 -25.58 1.44 1.81
N GLN A 35 -25.11 0.83 0.73
CA GLN A 35 -24.29 -0.38 0.81
C GLN A 35 -22.80 -0.07 0.78
N ILE A 36 -22.45 1.16 0.40
CA ILE A 36 -21.06 1.60 0.39
C ILE A 36 -20.43 1.44 1.76
N GLY A 37 -21.22 1.65 2.80
CA GLY A 37 -20.70 1.57 4.14
C GLY A 37 -20.42 0.15 4.54
N ILE A 38 -21.27 -0.75 4.07
CA ILE A 38 -21.09 -2.17 4.27
C ILE A 38 -19.77 -2.59 3.64
N ILE A 39 -19.65 -2.31 2.35
CA ILE A 39 -18.48 -2.70 1.58
C ILE A 39 -17.20 -2.03 2.08
N LEU A 40 -17.30 -0.76 2.47
CA LEU A 40 -16.14 -0.10 3.04
C LEU A 40 -15.70 -0.80 4.32
N GLU A 41 -16.63 -1.51 4.92
CA GLU A 41 -16.34 -2.36 6.06
C GLU A 41 -15.77 -3.70 5.59
N VAL A 42 -16.35 -4.27 4.52
CA VAL A 42 -15.88 -5.52 3.95
C VAL A 42 -14.43 -5.39 3.50
N LEU A 43 -14.12 -4.22 2.97
CA LEU A 43 -12.80 -3.92 2.46
C LEU A 43 -11.88 -3.46 3.60
N GLY A 44 -12.48 -3.18 4.75
CA GLY A 44 -11.72 -2.83 5.94
C GLY A 44 -11.17 -1.42 5.90
N ILE A 45 -11.88 -0.51 5.26
CA ILE A 45 -11.40 0.85 5.12
C ILE A 45 -12.24 1.84 5.94
N GLN A 46 -13.34 2.33 5.37
CA GLN A 46 -14.16 3.33 6.04
C GLN A 46 -15.06 2.71 7.11
N GLN A 47 -15.80 3.59 7.78
CA GLN A 47 -16.63 3.20 8.91
C GLN A 47 -18.10 3.09 8.50
N THR A 48 -18.96 2.91 9.48
CA THR A 48 -20.40 2.74 9.24
C THR A 48 -21.02 4.00 8.63
N LYS A 49 -22.31 3.90 8.30
CA LYS A 49 -23.02 4.86 7.45
C LYS A 49 -22.91 6.31 7.91
N SER A 50 -22.78 6.53 9.22
CA SER A 50 -22.60 7.88 9.75
C SER A 50 -21.39 8.58 9.12
N THR A 51 -20.37 7.79 8.81
CA THR A 51 -19.18 8.30 8.13
C THR A 51 -19.41 8.33 6.62
N ILE A 52 -20.18 7.37 6.15
CA ILE A 52 -20.41 7.20 4.72
C ILE A 52 -21.22 8.36 4.15
N ARG A 53 -21.97 9.04 5.00
CA ARG A 53 -22.72 10.23 4.58
C ARG A 53 -21.80 11.23 3.88
N GLN A 54 -20.54 11.29 4.32
CA GLN A 54 -19.54 12.14 3.68
C GLN A 54 -19.18 11.57 2.32
N LEU A 55 -18.85 10.28 2.31
CA LEU A 55 -18.51 9.54 1.10
C LEU A 55 -19.60 9.71 0.03
N ILE A 56 -20.85 9.59 0.44
CA ILE A 56 -21.98 9.74 -0.46
C ILE A 56 -22.05 11.14 -1.04
N ASP A 57 -21.98 12.15 -0.18
CA ASP A 57 -22.05 13.54 -0.64
C ASP A 57 -20.87 13.87 -1.56
N GLU A 58 -19.78 13.13 -1.37
CA GLU A 58 -18.59 13.28 -2.19
C GLU A 58 -18.83 12.81 -3.62
N PHE A 59 -19.27 11.56 -3.78
CA PHE A 59 -19.36 10.95 -5.10
C PHE A 59 -20.78 10.96 -5.67
N ASP A 60 -21.76 11.10 -4.82
CA ASP A 60 -23.15 11.19 -5.26
C ASP A 60 -23.82 12.44 -4.68
N PRO A 61 -23.37 13.63 -5.12
CA PRO A 61 -23.96 14.91 -4.69
C PRO A 61 -25.42 15.02 -5.12
N PHE A 62 -25.78 14.18 -6.08
CA PHE A 62 -27.12 14.15 -6.64
C PHE A 62 -28.14 13.63 -5.62
N GLY A 63 -27.64 12.95 -4.60
CA GLY A 63 -28.52 12.31 -3.65
C GLY A 63 -29.32 11.21 -4.34
N ASN A 64 -28.69 10.61 -5.33
CA ASN A 64 -29.35 9.69 -6.24
C ASN A 64 -29.61 8.35 -5.57
N GLY A 65 -28.64 7.87 -4.81
CA GLY A 65 -28.85 6.66 -4.04
C GLY A 65 -27.90 5.54 -4.39
N ASP A 66 -27.21 5.66 -5.52
CA ASP A 66 -26.25 4.64 -5.93
C ASP A 66 -25.19 5.24 -6.84
N ILE A 67 -24.05 4.55 -6.91
CA ILE A 67 -22.91 5.04 -7.67
C ILE A 67 -22.32 3.92 -8.52
N ASP A 68 -21.76 4.28 -9.65
CA ASP A 68 -21.15 3.32 -10.55
C ASP A 68 -19.73 2.98 -10.06
N PHE A 69 -19.11 1.94 -10.60
CA PHE A 69 -17.72 1.63 -10.26
C PHE A 69 -16.84 2.84 -10.55
N ASP A 70 -17.27 3.68 -11.49
CA ASP A 70 -16.63 4.96 -11.77
C ASP A 70 -16.25 5.69 -10.48
N SER A 71 -17.24 5.88 -9.62
CA SER A 71 -17.04 6.62 -8.38
C SER A 71 -16.53 5.69 -7.28
N PHE A 72 -17.03 4.46 -7.26
CA PHE A 72 -16.65 3.49 -6.25
C PHE A 72 -15.17 3.15 -6.34
N LYS A 73 -14.64 3.11 -7.55
CA LYS A 73 -13.22 2.83 -7.75
C LYS A 73 -12.37 3.92 -7.13
N ILE A 74 -12.86 5.16 -7.20
CA ILE A 74 -12.14 6.28 -6.60
C ILE A 74 -12.27 6.22 -5.07
N ILE A 75 -13.44 5.80 -4.61
CA ILE A 75 -13.67 5.55 -3.18
C ILE A 75 -12.67 4.52 -2.68
N GLY A 76 -12.59 3.41 -3.38
CA GLY A 76 -11.64 2.39 -3.05
C GLY A 76 -10.22 2.88 -3.20
N ALA A 77 -9.95 3.59 -4.27
CA ALA A 77 -8.60 4.04 -4.58
C ALA A 77 -8.03 4.88 -3.45
N ARG A 78 -8.89 5.68 -2.85
CA ARG A 78 -8.46 6.64 -1.86
C ARG A 78 -8.29 5.99 -0.48
N PHE A 79 -8.73 4.74 -0.31
CA PHE A 79 -8.63 4.08 0.98
C PHE A 79 -7.86 2.76 0.89
N LEU A 80 -7.95 2.10 -0.26
CA LEU A 80 -7.26 0.82 -0.48
C LEU A 80 -5.76 1.02 -0.59
N GLY A 81 -5.38 2.22 -1.00
CA GLY A 81 -3.99 2.55 -1.15
C GLY A 81 -3.26 2.74 0.16
N GLU A 82 -3.42 1.80 1.07
CA GLU A 82 -2.69 1.80 2.32
C GLU A 82 -1.44 0.94 2.20
N GLU A 83 -0.94 0.85 0.97
CA GLU A 83 0.21 0.02 0.68
C GLU A 83 1.50 0.77 1.02
N VAL A 84 1.96 0.57 2.23
CA VAL A 84 3.19 1.17 2.69
C VAL A 84 4.10 0.11 3.26
N ASN A 85 4.83 -0.54 2.37
CA ASN A 85 5.69 -1.64 2.75
C ASN A 85 7.12 -1.15 2.91
N PRO A 86 7.82 -1.68 3.91
CA PRO A 86 9.17 -1.26 4.25
C PRO A 86 10.17 -1.59 3.16
N GLU A 87 10.19 -2.84 2.73
CA GLU A 87 11.14 -3.28 1.71
C GLU A 87 10.56 -3.09 0.30
N GLN A 88 9.64 -2.13 0.16
CA GLN A 88 8.96 -1.91 -1.11
C GLN A 88 9.96 -1.51 -2.20
N MET A 89 10.14 -2.41 -3.16
CA MET A 89 11.03 -2.21 -4.30
C MET A 89 12.49 -2.06 -3.85
N GLN A 90 12.79 -2.53 -2.65
CA GLN A 90 14.17 -2.50 -2.17
C GLN A 90 14.83 -3.86 -2.37
N GLN A 91 14.00 -4.91 -2.43
CA GLN A 91 14.50 -6.26 -2.66
C GLN A 91 14.74 -6.50 -4.15
N GLU A 92 15.41 -5.54 -4.78
CA GLU A 92 15.77 -5.62 -6.19
C GLU A 92 16.70 -6.80 -6.43
N LEU A 93 17.32 -7.25 -5.35
CA LEU A 93 18.30 -8.32 -5.40
C LEU A 93 17.71 -9.57 -6.03
N ARG A 94 16.45 -9.84 -5.71
CA ARG A 94 15.77 -11.02 -6.17
C ARG A 94 15.67 -11.05 -7.69
N GLU A 95 15.50 -9.88 -8.30
CA GLU A 95 15.46 -9.80 -9.75
C GLU A 95 16.87 -9.64 -10.32
N ALA A 96 17.78 -9.14 -9.47
CA ALA A 96 19.16 -8.90 -9.88
C ALA A 96 19.90 -10.21 -10.05
N PHE A 97 19.34 -11.28 -9.50
CA PHE A 97 19.92 -12.60 -9.69
C PHE A 97 19.91 -12.93 -11.17
N ARG A 98 18.81 -12.59 -11.83
CA ARG A 98 18.67 -12.83 -13.26
C ARG A 98 19.66 -11.98 -14.05
N LEU A 99 20.19 -10.95 -13.39
CA LEU A 99 21.15 -10.05 -14.01
C LEU A 99 22.58 -10.56 -13.82
N TYR A 100 22.82 -11.28 -12.73
CA TYR A 100 24.17 -11.72 -12.40
C TYR A 100 24.35 -13.21 -12.67
N ASP A 101 23.25 -13.96 -12.67
CA ASP A 101 23.30 -15.40 -12.94
C ASP A 101 23.57 -15.64 -14.42
N LYS A 102 24.83 -15.52 -14.79
CA LYS A 102 25.28 -15.73 -16.16
C LYS A 102 25.17 -17.20 -16.54
N GLU A 103 25.10 -18.06 -15.53
CA GLU A 103 25.16 -19.50 -15.76
C GLU A 103 23.77 -20.09 -15.94
N GLY A 104 22.81 -19.56 -15.19
CA GLY A 104 21.44 -20.01 -15.30
C GLY A 104 21.10 -21.05 -14.25
N ASN A 105 21.56 -20.83 -13.02
CA ASN A 105 21.35 -21.80 -11.95
C ASN A 105 20.02 -21.56 -11.26
N GLY A 106 19.49 -20.36 -11.42
CA GLY A 106 18.34 -19.95 -10.62
C GLY A 106 18.81 -19.34 -9.31
N TYR A 107 20.12 -19.28 -9.18
CA TYR A 107 20.81 -18.69 -8.04
C TYR A 107 22.09 -18.10 -8.59
N ILE A 108 22.75 -17.26 -7.83
CA ILE A 108 24.09 -16.85 -8.23
C ILE A 108 25.11 -17.60 -7.41
N SER A 109 25.97 -18.35 -8.09
CA SER A 109 26.96 -19.18 -7.42
C SER A 109 27.90 -18.32 -6.58
N THR A 110 28.61 -18.92 -5.64
CA THR A 110 29.55 -18.18 -4.83
C THR A 110 30.60 -17.50 -5.70
N ASP A 111 30.85 -18.09 -6.87
CA ASP A 111 31.78 -17.52 -7.85
C ASP A 111 31.31 -16.16 -8.36
N VAL A 112 30.06 -16.07 -8.79
CA VAL A 112 29.52 -14.79 -9.27
C VAL A 112 29.34 -13.83 -8.09
N MET A 113 28.94 -14.35 -6.94
CA MET A 113 28.83 -13.55 -5.72
C MET A 113 30.19 -12.93 -5.38
N ARG A 114 31.23 -13.72 -5.60
CA ARG A 114 32.61 -13.30 -5.38
C ARG A 114 32.92 -12.04 -6.19
N GLU A 115 32.68 -12.09 -7.50
CA GLU A 115 32.99 -10.97 -8.37
C GLU A 115 32.05 -9.79 -8.09
N ILE A 116 30.83 -10.07 -7.64
CA ILE A 116 29.90 -9.02 -7.23
C ILE A 116 30.45 -8.28 -6.03
N LEU A 117 30.87 -9.05 -5.02
CA LEU A 117 31.43 -8.48 -3.80
C LEU A 117 32.66 -7.64 -4.13
N ALA A 118 33.56 -8.23 -4.90
CA ALA A 118 34.78 -7.55 -5.33
C ALA A 118 34.46 -6.30 -6.17
N GLU A 119 33.32 -6.31 -6.85
CA GLU A 119 32.89 -5.15 -7.63
C GLU A 119 32.51 -4.01 -6.71
N LEU A 120 31.83 -4.34 -5.61
CA LEU A 120 31.49 -3.37 -4.59
C LEU A 120 32.73 -2.93 -3.82
N ASP A 121 33.42 -3.89 -3.22
CA ASP A 121 34.59 -3.58 -2.41
C ASP A 121 35.87 -3.87 -3.17
N GLU A 122 36.68 -2.84 -3.36
CA GLU A 122 37.92 -2.98 -4.09
C GLU A 122 39.13 -3.04 -3.15
N THR A 123 38.89 -3.30 -1.87
CA THR A 123 39.97 -3.35 -0.90
C THR A 123 40.10 -4.74 -0.33
N LEU A 124 39.04 -5.52 -0.52
CA LEU A 124 39.06 -6.94 -0.26
C LEU A 124 40.18 -7.62 -1.02
N SER A 125 40.72 -8.64 -0.41
CA SER A 125 41.78 -9.42 -1.03
C SER A 125 41.23 -10.76 -1.44
N SER A 126 41.91 -11.48 -2.31
CA SER A 126 41.42 -12.79 -2.77
C SER A 126 41.08 -13.70 -1.59
N GLU A 127 41.86 -13.61 -0.52
CA GLU A 127 41.63 -14.43 0.67
C GLU A 127 40.44 -13.89 1.48
N ASP A 128 40.42 -12.58 1.69
CA ASP A 128 39.34 -11.95 2.44
C ASP A 128 38.01 -12.12 1.72
N LEU A 129 38.05 -11.95 0.41
CA LEU A 129 36.88 -12.15 -0.44
C LEU A 129 36.33 -13.57 -0.26
N ASP A 130 37.22 -14.53 -0.13
CA ASP A 130 36.83 -15.92 0.10
C ASP A 130 36.12 -16.05 1.45
N ALA A 131 36.65 -15.36 2.46
CA ALA A 131 36.03 -15.34 3.78
C ALA A 131 34.67 -14.67 3.72
N MET A 132 34.56 -13.61 2.91
CA MET A 132 33.28 -12.96 2.72
C MET A 132 32.30 -13.88 2.02
N ILE A 133 32.80 -14.72 1.14
CA ILE A 133 31.97 -15.76 0.53
C ILE A 133 31.38 -16.66 1.60
N ASP A 134 32.24 -17.11 2.51
CA ASP A 134 31.83 -17.91 3.67
C ASP A 134 30.76 -17.19 4.47
N GLU A 135 31.02 -15.91 4.67
CA GLU A 135 30.13 -15.04 5.44
C GLU A 135 28.79 -14.83 4.72
N ILE A 136 28.86 -14.74 3.41
CA ILE A 136 27.67 -14.50 2.58
C ILE A 136 26.73 -15.71 2.56
N ASP A 137 27.25 -16.85 2.12
CA ASP A 137 26.41 -18.05 1.98
C ASP A 137 26.07 -18.59 3.36
N ALA A 138 24.89 -18.22 3.82
CA ALA A 138 24.42 -18.57 5.15
C ALA A 138 23.98 -20.03 5.23
N ASP A 139 23.26 -20.49 4.22
CA ASP A 139 22.67 -21.82 4.25
C ASP A 139 23.70 -22.88 3.85
N GLY A 140 24.79 -22.41 3.26
CA GLY A 140 25.81 -23.32 2.80
C GLY A 140 25.34 -24.11 1.60
N SER A 141 24.41 -23.53 0.86
CA SER A 141 23.82 -24.20 -0.29
C SER A 141 24.81 -24.20 -1.44
N GLY A 142 25.79 -23.32 -1.35
CA GLY A 142 26.83 -23.24 -2.36
C GLY A 142 26.46 -22.23 -3.44
N THR A 143 25.18 -21.98 -3.57
CA THR A 143 24.68 -20.99 -4.48
C THR A 143 23.96 -19.90 -3.68
N VAL A 144 24.34 -18.67 -3.95
CA VAL A 144 23.80 -17.53 -3.22
C VAL A 144 22.51 -17.06 -3.87
N ASP A 145 21.43 -17.03 -3.10
CA ASP A 145 20.14 -16.63 -3.63
C ASP A 145 19.27 -16.00 -2.55
N PHE A 146 18.83 -16.81 -1.61
CA PHE A 146 17.78 -16.40 -0.69
C PHE A 146 18.34 -15.63 0.51
N GLU A 147 18.72 -16.32 1.56
CA GLU A 147 19.15 -15.65 2.79
C GLU A 147 20.57 -15.14 2.63
N GLU A 148 21.34 -15.82 1.80
CA GLU A 148 22.72 -15.47 1.52
C GLU A 148 22.84 -14.05 0.98
N PHE A 149 22.25 -13.82 -0.19
CA PHE A 149 22.40 -12.55 -0.88
C PHE A 149 21.70 -11.44 -0.12
N MET A 150 20.51 -11.72 0.37
CA MET A 150 19.77 -10.74 1.15
C MET A 150 20.55 -10.39 2.42
N GLY A 151 21.25 -11.38 2.96
CA GLY A 151 22.02 -11.18 4.18
C GLY A 151 23.30 -10.38 3.96
N VAL A 152 23.84 -10.44 2.74
CA VAL A 152 25.08 -9.71 2.44
C VAL A 152 24.79 -8.30 1.95
N MET A 153 23.80 -8.15 1.08
CA MET A 153 23.53 -6.86 0.46
C MET A 153 22.71 -5.95 1.38
N THR A 154 21.52 -6.39 1.78
CA THR A 154 20.67 -5.56 2.64
C THR A 154 21.03 -5.76 4.11
N GLY A 155 21.32 -7.01 4.48
CA GLY A 155 21.67 -7.33 5.85
C GLY A 155 20.76 -8.38 6.42
N GLY A 156 19.71 -8.71 5.68
CA GLY A 156 18.74 -9.69 6.12
C GLY A 156 17.33 -9.18 6.01
N ASP A 157 16.69 -8.93 7.14
CA ASP A 157 15.37 -8.32 7.14
C ASP A 157 15.43 -6.91 7.72
N GLU A 158 15.59 -6.84 9.03
CA GLU A 158 15.69 -5.57 9.74
C GLU A 158 15.82 -5.83 11.24
N MET A 1 -4.99 12.17 -1.79
CA MET A 1 -4.80 10.70 -1.72
C MET A 1 -6.06 9.97 -2.16
N GLY A 2 -6.20 9.81 -3.47
CA GLY A 2 -7.32 9.08 -4.02
C GLY A 2 -7.05 8.69 -5.45
N ASP A 3 -5.83 8.21 -5.70
CA ASP A 3 -5.38 7.90 -7.04
C ASP A 3 -6.04 6.64 -7.57
N VAL A 4 -6.97 6.82 -8.50
CA VAL A 4 -7.64 5.71 -9.13
C VAL A 4 -6.69 4.98 -10.08
N SER A 5 -5.62 5.68 -10.46
CA SER A 5 -4.66 5.16 -11.42
C SER A 5 -3.54 4.37 -10.72
N LYS A 6 -3.39 4.56 -9.41
CA LYS A 6 -2.31 3.90 -8.67
C LYS A 6 -2.78 2.55 -8.11
N LEU A 7 -4.07 2.31 -8.18
CA LEU A 7 -4.64 1.07 -7.67
C LEU A 7 -4.67 0.02 -8.77
N SER A 8 -3.89 -1.03 -8.58
CA SER A 8 -3.74 -2.06 -9.58
C SER A 8 -4.86 -3.11 -9.44
N SER A 9 -4.92 -4.04 -10.39
CA SER A 9 -6.04 -4.96 -10.50
C SER A 9 -6.33 -5.73 -9.21
N ASN A 10 -5.28 -6.21 -8.53
CA ASN A 10 -5.47 -7.01 -7.31
C ASN A 10 -6.25 -6.24 -6.25
N GLN A 11 -5.91 -4.97 -6.08
CA GLN A 11 -6.62 -4.11 -5.13
C GLN A 11 -8.06 -3.92 -5.58
N VAL A 12 -8.22 -3.73 -6.88
CA VAL A 12 -9.52 -3.48 -7.49
C VAL A 12 -10.37 -4.75 -7.51
N LYS A 13 -9.73 -5.91 -7.53
CA LYS A 13 -10.42 -7.17 -7.49
C LYS A 13 -11.21 -7.33 -6.20
N LEU A 14 -10.60 -6.94 -5.09
CA LEU A 14 -11.28 -6.92 -3.81
C LEU A 14 -12.47 -5.98 -3.88
N LEU A 15 -12.26 -4.84 -4.53
CA LEU A 15 -13.30 -3.86 -4.76
C LEU A 15 -14.42 -4.46 -5.60
N GLU A 16 -14.05 -5.10 -6.70
CA GLU A 16 -15.00 -5.70 -7.64
C GLU A 16 -15.84 -6.80 -6.96
N THR A 17 -15.17 -7.62 -6.17
CA THR A 17 -15.84 -8.73 -5.48
C THR A 17 -16.95 -8.21 -4.58
N ALA A 18 -16.71 -7.08 -3.93
CA ALA A 18 -17.69 -6.51 -3.03
C ALA A 18 -18.68 -5.63 -3.80
N PHE A 19 -18.16 -4.95 -4.82
CA PHE A 19 -18.97 -4.08 -5.67
C PHE A 19 -20.15 -4.85 -6.26
N ARG A 20 -19.86 -6.01 -6.84
CA ARG A 20 -20.88 -6.79 -7.51
C ARG A 20 -21.72 -7.62 -6.53
N ASP A 21 -21.32 -7.60 -5.25
CA ASP A 21 -22.06 -8.34 -4.23
C ASP A 21 -23.17 -7.46 -3.66
N PHE A 22 -22.82 -6.23 -3.35
CA PHE A 22 -23.78 -5.28 -2.79
C PHE A 22 -24.28 -4.37 -3.90
N GLU A 23 -24.21 -4.89 -5.11
CA GLU A 23 -24.49 -4.14 -6.33
C GLU A 23 -25.97 -3.96 -6.57
N THR A 24 -26.32 -2.76 -7.02
CA THR A 24 -27.53 -2.55 -7.78
C THR A 24 -28.81 -2.56 -6.95
N PRO A 25 -29.77 -1.71 -7.36
CA PRO A 25 -31.14 -1.79 -6.90
C PRO A 25 -31.86 -2.95 -7.57
N GLU A 26 -31.79 -2.97 -8.90
CA GLU A 26 -32.35 -4.05 -9.70
C GLU A 26 -31.38 -4.46 -10.82
N GLY A 27 -30.73 -3.46 -11.42
CA GLY A 27 -29.81 -3.70 -12.51
C GLY A 27 -29.18 -2.40 -12.97
N SER A 28 -28.87 -1.54 -12.01
CA SER A 28 -28.36 -0.21 -12.27
C SER A 28 -26.88 -0.26 -12.67
N GLY A 29 -26.17 -1.29 -12.20
CA GLY A 29 -24.75 -1.41 -12.50
C GLY A 29 -23.92 -0.62 -11.52
N ARG A 30 -24.60 -0.04 -10.55
CA ARG A 30 -23.99 0.84 -9.57
C ARG A 30 -24.23 0.31 -8.17
N VAL A 31 -23.54 0.86 -7.20
CA VAL A 31 -23.79 0.48 -5.82
C VAL A 31 -24.54 1.56 -5.11
N SER A 32 -25.62 1.14 -4.52
CA SER A 32 -26.37 1.97 -3.63
C SER A 32 -25.45 2.51 -2.56
N THR A 33 -25.63 3.77 -2.21
CA THR A 33 -24.75 4.43 -1.26
C THR A 33 -24.97 3.89 0.15
N ASP A 34 -26.05 3.15 0.34
CA ASP A 34 -26.30 2.46 1.60
C ASP A 34 -25.37 1.26 1.71
N GLN A 35 -25.01 0.70 0.56
CA GLN A 35 -24.16 -0.49 0.51
C GLN A 35 -22.70 -0.12 0.66
N ILE A 36 -22.36 1.13 0.32
CA ILE A 36 -20.99 1.62 0.44
C ILE A 36 -20.50 1.46 1.87
N GLY A 37 -21.33 1.84 2.83
CA GLY A 37 -20.98 1.69 4.22
C GLY A 37 -20.85 0.24 4.65
N ILE A 38 -21.48 -0.64 3.88
CA ILE A 38 -21.38 -2.07 4.12
C ILE A 38 -20.08 -2.59 3.51
N ILE A 39 -19.88 -2.28 2.24
CA ILE A 39 -18.69 -2.67 1.51
C ILE A 39 -17.42 -2.16 2.18
N LEU A 40 -17.43 -0.89 2.58
CA LEU A 40 -16.30 -0.30 3.29
C LEU A 40 -16.01 -1.09 4.55
N GLU A 41 -17.06 -1.50 5.23
CA GLU A 41 -16.98 -2.36 6.40
C GLU A 41 -16.34 -3.70 6.03
N VAL A 42 -16.79 -4.26 4.91
CA VAL A 42 -16.22 -5.49 4.36
C VAL A 42 -14.73 -5.36 4.17
N LEU A 43 -14.35 -4.25 3.54
CA LEU A 43 -12.99 -4.02 3.12
C LEU A 43 -12.15 -3.47 4.27
N GLY A 44 -12.78 -3.26 5.42
CA GLY A 44 -12.06 -2.87 6.62
C GLY A 44 -11.68 -1.41 6.63
N ILE A 45 -12.45 -0.59 5.93
CA ILE A 45 -12.19 0.84 5.86
C ILE A 45 -13.41 1.64 6.34
N GLN A 46 -13.19 2.93 6.56
CA GLN A 46 -14.21 3.84 7.06
C GLN A 46 -14.94 3.36 8.31
N GLN A 47 -16.00 4.09 8.67
CA GLN A 47 -16.72 3.87 9.90
C GLN A 47 -18.17 3.52 9.60
N THR A 48 -19.00 3.47 10.64
CA THR A 48 -20.43 3.25 10.48
C THR A 48 -21.06 4.32 9.56
N LYS A 49 -22.30 4.06 9.15
CA LYS A 49 -22.96 4.79 8.05
C LYS A 49 -23.01 6.30 8.27
N SER A 50 -22.96 6.73 9.53
CA SER A 50 -22.90 8.15 9.86
C SER A 50 -21.73 8.82 9.13
N THR A 51 -20.56 8.19 9.20
CA THR A 51 -19.39 8.68 8.49
C THR A 51 -19.54 8.47 6.99
N ILE A 52 -20.19 7.37 6.62
CA ILE A 52 -20.37 7.00 5.22
C ILE A 52 -21.15 8.07 4.46
N ARG A 53 -22.02 8.79 5.16
CA ARG A 53 -22.77 9.89 4.57
C ARG A 53 -21.83 10.93 3.96
N GLN A 54 -20.62 11.04 4.50
CA GLN A 54 -19.62 11.94 3.96
C GLN A 54 -19.02 11.38 2.67
N LEU A 55 -18.88 10.06 2.63
CA LEU A 55 -18.42 9.37 1.43
C LEU A 55 -19.42 9.59 0.31
N ILE A 56 -20.69 9.47 0.65
CA ILE A 56 -21.78 9.72 -0.27
C ILE A 56 -21.79 11.18 -0.72
N ASP A 57 -21.59 12.09 0.24
CA ASP A 57 -21.51 13.52 -0.05
C ASP A 57 -20.41 13.80 -1.09
N GLU A 58 -19.34 13.04 -1.01
CA GLU A 58 -18.20 13.20 -1.91
C GLU A 58 -18.53 12.74 -3.33
N PHE A 59 -18.99 11.50 -3.46
CA PHE A 59 -19.10 10.87 -4.78
C PHE A 59 -20.52 10.87 -5.33
N ASP A 60 -21.49 11.19 -4.50
CA ASP A 60 -22.87 11.31 -4.95
C ASP A 60 -23.47 12.65 -4.52
N PRO A 61 -22.94 13.77 -5.07
CA PRO A 61 -23.43 15.12 -4.75
C PRO A 61 -24.88 15.32 -5.17
N PHE A 62 -25.29 14.60 -6.21
CA PHE A 62 -26.63 14.76 -6.77
C PHE A 62 -27.67 14.05 -5.91
N GLY A 63 -27.21 13.13 -5.07
CA GLY A 63 -28.12 12.33 -4.28
C GLY A 63 -28.88 11.36 -5.15
N ASN A 64 -28.16 10.68 -6.04
CA ASN A 64 -28.77 9.80 -7.02
C ASN A 64 -29.15 8.47 -6.36
N GLY A 65 -28.42 8.11 -5.32
CA GLY A 65 -28.74 6.92 -4.56
C GLY A 65 -27.71 5.82 -4.73
N ASP A 66 -27.00 5.85 -5.84
CA ASP A 66 -25.98 4.85 -6.12
C ASP A 66 -24.82 5.47 -6.90
N ILE A 67 -23.73 4.73 -7.00
CA ILE A 67 -22.53 5.20 -7.70
C ILE A 67 -21.93 4.07 -8.53
N ASP A 68 -21.32 4.44 -9.64
CA ASP A 68 -20.70 3.46 -10.52
C ASP A 68 -19.31 3.09 -10.00
N PHE A 69 -18.69 2.07 -10.57
CA PHE A 69 -17.33 1.67 -10.21
C PHE A 69 -16.39 2.87 -10.39
N ASP A 70 -16.76 3.76 -11.30
CA ASP A 70 -16.03 5.01 -11.51
C ASP A 70 -15.78 5.72 -10.18
N SER A 71 -16.85 5.91 -9.42
CA SER A 71 -16.77 6.56 -8.12
C SER A 71 -16.23 5.61 -7.06
N PHE A 72 -16.74 4.38 -7.09
CA PHE A 72 -16.41 3.38 -6.08
C PHE A 72 -14.92 3.03 -6.10
N LYS A 73 -14.32 2.99 -7.28
CA LYS A 73 -12.92 2.67 -7.39
C LYS A 73 -12.08 3.76 -6.77
N ILE A 74 -12.52 5.01 -6.90
CA ILE A 74 -11.82 6.13 -6.26
C ILE A 74 -11.99 6.05 -4.76
N ILE A 75 -13.19 5.67 -4.32
CA ILE A 75 -13.45 5.43 -2.91
C ILE A 75 -12.51 4.36 -2.39
N GLY A 76 -12.50 3.24 -3.08
CA GLY A 76 -11.62 2.16 -2.71
C GLY A 76 -10.17 2.54 -2.80
N ALA A 77 -9.82 3.31 -3.80
CA ALA A 77 -8.44 3.66 -4.06
C ALA A 77 -7.87 4.53 -2.95
N ARG A 78 -8.73 5.32 -2.32
CA ARG A 78 -8.29 6.26 -1.32
C ARG A 78 -8.18 5.61 0.06
N PHE A 79 -8.63 4.36 0.19
CA PHE A 79 -8.57 3.67 1.47
C PHE A 79 -7.83 2.35 1.35
N LEU A 80 -8.20 1.55 0.35
CA LEU A 80 -7.58 0.26 0.10
C LEU A 80 -6.17 0.41 -0.44
N GLY A 81 -5.94 1.54 -1.08
CA GLY A 81 -4.65 1.81 -1.66
C GLY A 81 -3.70 2.45 -0.67
N GLU A 82 -3.82 2.02 0.57
CA GLU A 82 -3.00 2.54 1.65
C GLU A 82 -1.58 2.00 1.56
N GLU A 83 -1.38 1.04 0.66
CA GLU A 83 -0.07 0.46 0.45
C GLU A 83 0.93 1.51 0.02
N VAL A 84 0.78 1.96 -1.22
CA VAL A 84 1.58 3.04 -1.80
C VAL A 84 3.05 2.98 -1.35
N ASN A 85 3.67 1.85 -1.64
CA ASN A 85 5.04 1.61 -1.21
C ASN A 85 6.02 2.45 -2.02
N PRO A 86 7.16 2.83 -1.43
CA PRO A 86 8.15 3.68 -2.08
C PRO A 86 8.56 3.12 -3.43
N GLU A 87 9.09 1.93 -3.40
CA GLU A 87 9.56 1.26 -4.59
C GLU A 87 8.96 -0.13 -4.72
N GLN A 88 8.01 -0.43 -3.82
CA GLN A 88 7.27 -1.71 -3.82
C GLN A 88 8.22 -2.92 -3.67
N MET A 89 9.42 -2.65 -3.18
CA MET A 89 10.43 -3.67 -2.95
C MET A 89 11.59 -3.04 -2.20
N GLN A 90 11.44 -2.90 -0.90
CA GLN A 90 12.41 -2.17 -0.10
C GLN A 90 13.66 -2.99 0.17
N GLN A 91 13.58 -3.91 1.12
CA GLN A 91 14.70 -4.76 1.48
C GLN A 91 14.25 -6.18 1.70
N GLU A 92 13.13 -6.53 1.06
CA GLU A 92 12.60 -7.88 1.06
C GLU A 92 13.62 -8.85 0.51
N LEU A 93 14.60 -8.31 -0.23
CA LEU A 93 15.68 -9.08 -0.79
C LEU A 93 16.35 -9.93 0.29
N ARG A 94 16.36 -9.44 1.53
CA ARG A 94 16.96 -10.15 2.66
C ARG A 94 16.32 -11.51 2.85
N GLU A 95 15.00 -11.56 2.78
CA GLU A 95 14.26 -12.81 2.89
C GLU A 95 14.45 -13.64 1.63
N ALA A 96 14.67 -12.95 0.52
CA ALA A 96 14.77 -13.59 -0.78
C ALA A 96 16.13 -14.27 -0.93
N PHE A 97 17.10 -13.85 -0.11
CA PHE A 97 18.41 -14.49 -0.13
C PHE A 97 18.29 -15.96 0.17
N ARG A 98 17.57 -16.27 1.22
CA ARG A 98 17.43 -17.65 1.69
C ARG A 98 16.58 -18.46 0.71
N LEU A 99 15.91 -17.74 -0.19
CA LEU A 99 15.12 -18.38 -1.24
C LEU A 99 15.99 -18.77 -2.43
N TYR A 100 17.09 -18.05 -2.62
CA TYR A 100 18.00 -18.31 -3.72
C TYR A 100 19.27 -18.99 -3.24
N ASP A 101 19.62 -18.80 -1.98
CA ASP A 101 20.85 -19.34 -1.42
C ASP A 101 20.75 -20.84 -1.23
N LYS A 102 20.99 -21.55 -2.31
CA LYS A 102 21.08 -23.00 -2.30
C LYS A 102 22.37 -23.47 -1.62
N GLU A 103 23.30 -22.54 -1.47
CA GLU A 103 24.61 -22.88 -0.93
C GLU A 103 24.57 -23.00 0.59
N GLY A 104 23.76 -22.15 1.22
CA GLY A 104 23.54 -22.25 2.64
C GLY A 104 24.49 -21.38 3.44
N ASN A 105 24.68 -20.15 2.99
CA ASN A 105 25.57 -19.22 3.69
C ASN A 105 24.76 -18.14 4.39
N GLY A 106 23.51 -17.98 3.96
CA GLY A 106 22.69 -16.88 4.43
C GLY A 106 22.78 -15.72 3.47
N TYR A 107 23.90 -15.69 2.74
CA TYR A 107 24.13 -14.75 1.67
C TYR A 107 24.08 -15.53 0.39
N ILE A 108 23.72 -14.90 -0.71
CA ILE A 108 23.73 -15.61 -1.97
C ILE A 108 25.07 -15.41 -2.66
N SER A 109 25.72 -16.51 -2.99
CA SER A 109 27.05 -16.46 -3.57
C SER A 109 27.01 -15.80 -4.96
N THR A 110 28.16 -15.43 -5.48
CA THR A 110 28.19 -14.78 -6.78
C THR A 110 27.65 -15.70 -7.88
N ASP A 111 27.77 -17.01 -7.67
CA ASP A 111 27.22 -18.00 -8.59
C ASP A 111 25.70 -17.86 -8.74
N VAL A 112 25.00 -17.80 -7.61
CA VAL A 112 23.54 -17.71 -7.65
C VAL A 112 23.10 -16.33 -8.14
N MET A 113 23.82 -15.28 -7.73
CA MET A 113 23.57 -13.94 -8.26
C MET A 113 23.71 -13.93 -9.77
N ARG A 114 24.74 -14.59 -10.26
CA ARG A 114 24.97 -14.72 -11.69
C ARG A 114 23.73 -15.26 -12.38
N GLU A 115 23.07 -16.23 -11.76
CA GLU A 115 21.85 -16.80 -12.31
C GLU A 115 20.67 -15.84 -12.14
N ILE A 116 20.61 -15.14 -11.01
CA ILE A 116 19.54 -14.18 -10.74
C ILE A 116 19.59 -13.04 -11.73
N LEU A 117 20.76 -12.42 -11.84
CA LEU A 117 20.97 -11.30 -12.76
C LEU A 117 20.56 -11.70 -14.18
N ALA A 118 21.12 -12.80 -14.66
CA ALA A 118 20.83 -13.28 -16.02
C ALA A 118 19.34 -13.56 -16.24
N GLU A 119 18.64 -13.88 -15.17
CA GLU A 119 17.22 -14.17 -15.24
C GLU A 119 16.45 -12.86 -15.43
N LEU A 120 16.74 -11.89 -14.57
CA LEU A 120 16.12 -10.58 -14.64
C LEU A 120 16.53 -9.86 -15.93
N ASP A 121 17.83 -9.84 -16.20
CA ASP A 121 18.36 -9.19 -17.38
C ASP A 121 18.74 -10.23 -18.43
N GLU A 122 17.81 -10.47 -19.34
CA GLU A 122 17.91 -11.56 -20.31
C GLU A 122 18.93 -11.28 -21.41
N THR A 123 19.49 -10.08 -21.41
CA THR A 123 20.38 -9.67 -22.49
C THR A 123 21.84 -9.91 -22.15
N LEU A 124 22.05 -10.41 -20.95
CA LEU A 124 23.39 -10.76 -20.48
C LEU A 124 23.80 -12.13 -21.00
N SER A 125 25.10 -12.27 -21.23
CA SER A 125 25.69 -13.55 -21.59
C SER A 125 26.75 -13.89 -20.56
N SER A 126 27.31 -15.10 -20.64
CA SER A 126 28.25 -15.58 -19.62
C SER A 126 29.35 -14.55 -19.30
N GLU A 127 29.95 -13.98 -20.33
CA GLU A 127 31.03 -13.02 -20.14
C GLU A 127 30.52 -11.72 -19.53
N ASP A 128 29.52 -11.12 -20.16
CA ASP A 128 28.95 -9.84 -19.71
C ASP A 128 28.42 -9.97 -18.29
N LEU A 129 27.72 -11.07 -18.06
CA LEU A 129 27.11 -11.37 -16.78
C LEU A 129 28.16 -11.49 -15.67
N ASP A 130 29.31 -12.07 -16.00
CA ASP A 130 30.37 -12.27 -15.01
C ASP A 130 30.98 -10.93 -14.61
N ALA A 131 31.02 -10.01 -15.56
CA ALA A 131 31.49 -8.66 -15.30
C ALA A 131 30.53 -7.96 -14.35
N MET A 132 29.24 -8.16 -14.59
CA MET A 132 28.22 -7.62 -13.70
C MET A 132 28.38 -8.20 -12.31
N ILE A 133 28.77 -9.46 -12.24
CA ILE A 133 29.05 -10.10 -10.96
C ILE A 133 30.16 -9.35 -10.22
N ASP A 134 31.23 -9.05 -10.94
CA ASP A 134 32.36 -8.32 -10.38
C ASP A 134 31.91 -6.96 -9.89
N GLU A 135 31.03 -6.33 -10.67
CA GLU A 135 30.50 -5.02 -10.36
C GLU A 135 29.56 -5.08 -9.15
N ILE A 136 28.70 -6.10 -9.13
CA ILE A 136 27.71 -6.29 -8.07
C ILE A 136 28.35 -6.41 -6.68
N ASP A 137 29.30 -7.33 -6.53
CA ASP A 137 29.94 -7.55 -5.23
C ASP A 137 30.91 -6.42 -4.92
N ALA A 138 30.38 -5.41 -4.23
CA ALA A 138 31.13 -4.19 -3.95
C ALA A 138 32.13 -4.38 -2.82
N ASP A 139 31.73 -5.07 -1.76
CA ASP A 139 32.56 -5.15 -0.56
C ASP A 139 33.58 -6.26 -0.69
N GLY A 140 33.40 -7.12 -1.68
CA GLY A 140 34.32 -8.22 -1.89
C GLY A 140 34.09 -9.35 -0.92
N SER A 141 32.86 -9.46 -0.45
CA SER A 141 32.50 -10.48 0.52
C SER A 141 32.44 -11.85 -0.13
N GLY A 142 32.35 -11.85 -1.44
CA GLY A 142 32.30 -13.10 -2.19
C GLY A 142 30.89 -13.63 -2.26
N THR A 143 30.05 -13.07 -1.43
CA THR A 143 28.65 -13.41 -1.38
C THR A 143 27.82 -12.14 -1.37
N VAL A 144 26.82 -12.10 -2.23
CA VAL A 144 26.00 -10.94 -2.40
C VAL A 144 24.87 -10.93 -1.37
N ASP A 145 24.92 -10.00 -0.43
CA ASP A 145 23.90 -9.93 0.62
C ASP A 145 23.51 -8.50 0.91
N PHE A 146 24.40 -7.78 1.55
CA PHE A 146 24.09 -6.48 2.08
C PHE A 146 24.18 -5.39 1.01
N GLU A 147 25.29 -4.67 0.97
CA GLU A 147 25.44 -3.56 0.04
C GLU A 147 25.49 -4.06 -1.40
N GLU A 148 26.01 -5.27 -1.58
CA GLU A 148 26.09 -5.87 -2.89
C GLU A 148 24.72 -6.02 -3.54
N PHE A 149 23.77 -6.59 -2.81
CA PHE A 149 22.47 -6.87 -3.38
C PHE A 149 21.60 -5.62 -3.40
N MET A 150 21.74 -4.76 -2.39
CA MET A 150 20.96 -3.53 -2.37
C MET A 150 21.32 -2.68 -3.58
N GLY A 151 22.63 -2.56 -3.86
CA GLY A 151 23.08 -1.73 -4.96
C GLY A 151 22.68 -2.27 -6.32
N VAL A 152 22.62 -3.59 -6.45
CA VAL A 152 22.32 -4.23 -7.74
C VAL A 152 20.82 -4.25 -8.01
N MET A 153 20.02 -4.46 -6.96
CA MET A 153 18.60 -4.64 -7.14
C MET A 153 17.81 -3.35 -6.91
N THR A 154 17.98 -2.73 -5.75
CA THR A 154 17.17 -1.57 -5.40
C THR A 154 17.91 -0.26 -5.69
N GLY A 155 19.20 -0.37 -5.92
CA GLY A 155 20.00 0.81 -6.19
C GLY A 155 20.71 1.31 -4.95
N GLY A 156 20.16 0.97 -3.80
CA GLY A 156 20.72 1.43 -2.54
C GLY A 156 20.48 2.91 -2.32
N ASP A 157 21.53 3.61 -1.87
CA ASP A 157 21.42 5.04 -1.63
C ASP A 157 22.11 5.82 -2.75
N GLU A 158 23.22 5.29 -3.21
CA GLU A 158 24.01 5.94 -4.23
C GLU A 158 24.65 4.90 -5.16
N MET A 1 -5.17 12.70 -3.11
CA MET A 1 -4.39 11.67 -3.83
C MET A 1 -5.14 10.34 -3.87
N GLY A 2 -6.32 10.37 -4.48
CA GLY A 2 -7.04 9.13 -4.72
C GLY A 2 -6.61 8.51 -6.02
N ASP A 3 -5.33 8.17 -6.08
CA ASP A 3 -4.72 7.68 -7.32
C ASP A 3 -5.36 6.39 -7.80
N VAL A 4 -6.07 6.50 -8.90
CA VAL A 4 -6.71 5.34 -9.51
C VAL A 4 -5.64 4.50 -10.22
N SER A 5 -4.44 5.05 -10.31
CA SER A 5 -3.31 4.36 -10.90
C SER A 5 -2.51 3.60 -9.83
N LYS A 6 -2.68 4.01 -8.58
CA LYS A 6 -2.01 3.32 -7.47
C LYS A 6 -2.73 2.01 -7.16
N LEU A 7 -4.02 1.99 -7.46
CA LEU A 7 -4.82 0.79 -7.34
C LEU A 7 -4.27 -0.31 -8.24
N SER A 8 -3.78 -1.37 -7.63
CA SER A 8 -3.30 -2.52 -8.38
C SER A 8 -4.49 -3.37 -8.81
N SER A 9 -4.37 -4.06 -9.92
CA SER A 9 -5.48 -4.83 -10.47
C SER A 9 -6.10 -5.75 -9.42
N ASN A 10 -5.24 -6.39 -8.62
CA ASN A 10 -5.67 -7.31 -7.58
C ASN A 10 -6.62 -6.62 -6.58
N GLN A 11 -6.32 -5.37 -6.25
CA GLN A 11 -7.16 -4.61 -5.31
C GLN A 11 -8.48 -4.29 -5.98
N VAL A 12 -8.39 -3.89 -7.24
CA VAL A 12 -9.55 -3.55 -8.05
C VAL A 12 -10.46 -4.77 -8.23
N LYS A 13 -9.84 -5.95 -8.26
CA LYS A 13 -10.53 -7.18 -8.37
C LYS A 13 -11.37 -7.42 -7.12
N LEU A 14 -10.80 -7.09 -5.96
CA LEU A 14 -11.52 -7.17 -4.70
C LEU A 14 -12.69 -6.19 -4.71
N LEU A 15 -12.40 -4.99 -5.20
CA LEU A 15 -13.40 -3.95 -5.39
C LEU A 15 -14.55 -4.46 -6.25
N GLU A 16 -14.19 -5.03 -7.39
CA GLU A 16 -15.15 -5.62 -8.33
C GLU A 16 -16.05 -6.66 -7.65
N THR A 17 -15.44 -7.63 -6.97
CA THR A 17 -16.19 -8.72 -6.36
C THR A 17 -17.13 -8.22 -5.26
N ALA A 18 -16.65 -7.26 -4.47
CA ALA A 18 -17.46 -6.73 -3.37
C ALA A 18 -18.51 -5.77 -3.89
N PHE A 19 -18.21 -5.15 -5.02
CA PHE A 19 -19.11 -4.20 -5.66
C PHE A 19 -20.40 -4.91 -6.06
N ARG A 20 -20.26 -6.02 -6.78
CA ARG A 20 -21.40 -6.70 -7.38
C ARG A 20 -22.27 -7.36 -6.31
N ASP A 21 -21.66 -7.73 -5.18
CA ASP A 21 -22.37 -8.44 -4.13
C ASP A 21 -23.45 -7.55 -3.51
N PHE A 22 -23.10 -6.30 -3.22
CA PHE A 22 -24.02 -5.36 -2.60
C PHE A 22 -24.54 -4.37 -3.63
N GLU A 23 -24.33 -4.70 -4.89
CA GLU A 23 -24.71 -3.82 -5.99
C GLU A 23 -26.20 -3.78 -6.20
N THR A 24 -26.66 -2.65 -6.74
CA THR A 24 -27.98 -2.54 -7.33
C THR A 24 -29.10 -2.44 -6.29
N PRO A 25 -30.01 -1.49 -6.51
CA PRO A 25 -31.24 -1.38 -5.73
C PRO A 25 -32.32 -2.31 -6.28
N GLU A 26 -32.49 -2.29 -7.60
CA GLU A 26 -33.38 -3.19 -8.30
C GLU A 26 -33.04 -3.19 -9.79
N GLY A 27 -31.76 -3.29 -10.09
CA GLY A 27 -31.32 -3.28 -11.47
C GLY A 27 -30.82 -1.92 -11.91
N SER A 28 -29.81 -1.41 -11.23
CA SER A 28 -29.25 -0.12 -11.56
C SER A 28 -27.89 -0.27 -12.26
N GLY A 29 -27.17 -1.32 -11.91
CA GLY A 29 -25.83 -1.50 -12.45
C GLY A 29 -24.79 -0.83 -11.59
N ARG A 30 -25.24 0.04 -10.70
CA ARG A 30 -24.37 0.69 -9.75
C ARG A 30 -24.64 0.17 -8.36
N VAL A 31 -23.79 0.53 -7.44
CA VAL A 31 -23.96 0.09 -6.07
C VAL A 31 -24.42 1.23 -5.21
N SER A 32 -25.48 0.96 -4.46
CA SER A 32 -26.14 1.95 -3.65
C SER A 32 -25.19 2.53 -2.62
N THR A 33 -25.36 3.82 -2.36
CA THR A 33 -24.47 4.56 -1.51
C THR A 33 -24.56 4.14 -0.05
N ASP A 34 -25.64 3.47 0.33
CA ASP A 34 -25.78 3.01 1.70
C ASP A 34 -25.05 1.69 1.87
N GLN A 35 -24.85 1.00 0.75
CA GLN A 35 -24.16 -0.28 0.74
C GLN A 35 -22.66 -0.06 0.69
N ILE A 36 -22.24 1.13 0.25
CA ILE A 36 -20.83 1.50 0.22
C ILE A 36 -20.21 1.30 1.59
N GLY A 37 -20.93 1.71 2.63
CA GLY A 37 -20.45 1.53 3.98
C GLY A 37 -20.26 0.07 4.33
N ILE A 38 -21.18 -0.76 3.86
CA ILE A 38 -21.10 -2.19 4.09
C ILE A 38 -19.85 -2.75 3.40
N ILE A 39 -19.71 -2.41 2.14
CA ILE A 39 -18.58 -2.86 1.33
C ILE A 39 -17.25 -2.35 1.90
N LEU A 40 -17.22 -1.07 2.26
CA LEU A 40 -16.03 -0.48 2.87
C LEU A 40 -15.66 -1.23 4.16
N GLU A 41 -16.67 -1.79 4.80
CA GLU A 41 -16.48 -2.64 5.98
C GLU A 41 -15.94 -4.01 5.55
N VAL A 42 -16.48 -4.54 4.46
CA VAL A 42 -16.02 -5.79 3.87
C VAL A 42 -14.53 -5.68 3.56
N LEU A 43 -14.20 -4.62 2.86
CA LEU A 43 -12.86 -4.39 2.37
C LEU A 43 -11.93 -3.96 3.50
N GLY A 44 -12.51 -3.37 4.55
CA GLY A 44 -11.76 -3.03 5.74
C GLY A 44 -11.11 -1.66 5.67
N ILE A 45 -11.84 -0.68 5.16
CA ILE A 45 -11.29 0.65 5.01
C ILE A 45 -12.06 1.71 5.81
N GLN A 46 -13.14 2.23 5.27
CA GLN A 46 -13.89 3.30 5.89
C GLN A 46 -14.71 2.81 7.08
N GLN A 47 -15.42 3.74 7.70
CA GLN A 47 -16.14 3.47 8.94
C GLN A 47 -17.64 3.34 8.67
N THR A 48 -18.44 3.29 9.73
CA THR A 48 -19.88 3.07 9.63
C THR A 48 -20.60 4.17 8.80
N LYS A 49 -21.91 4.01 8.60
CA LYS A 49 -22.69 4.87 7.72
C LYS A 49 -22.49 6.36 8.04
N SER A 50 -22.39 6.67 9.32
CA SER A 50 -22.20 8.06 9.77
C SER A 50 -20.98 8.68 9.10
N THR A 51 -19.97 7.87 8.86
CA THR A 51 -18.76 8.32 8.17
C THR A 51 -18.97 8.24 6.65
N ILE A 52 -19.77 7.29 6.23
CA ILE A 52 -20.03 7.04 4.82
C ILE A 52 -20.84 8.17 4.19
N ARG A 53 -21.59 8.89 5.01
CA ARG A 53 -22.35 10.04 4.54
C ARG A 53 -21.43 11.07 3.89
N GLN A 54 -20.16 11.06 4.30
CA GLN A 54 -19.13 11.88 3.67
C GLN A 54 -18.90 11.38 2.24
N LEU A 55 -18.57 10.10 2.13
CA LEU A 55 -18.34 9.42 0.86
C LEU A 55 -19.48 9.70 -0.12
N ILE A 56 -20.71 9.52 0.36
CA ILE A 56 -21.88 9.69 -0.47
C ILE A 56 -22.02 11.12 -0.96
N ASP A 57 -21.99 12.08 -0.05
CA ASP A 57 -22.17 13.49 -0.41
C ASP A 57 -21.03 13.96 -1.31
N GLU A 58 -19.90 13.26 -1.22
CA GLU A 58 -18.74 13.58 -2.05
C GLU A 58 -18.87 13.00 -3.45
N PHE A 59 -19.11 11.70 -3.56
CA PHE A 59 -19.11 11.03 -4.86
C PHE A 59 -20.49 10.99 -5.50
N ASP A 60 -21.53 11.12 -4.70
CA ASP A 60 -22.90 11.21 -5.21
C ASP A 60 -23.59 12.47 -4.66
N PRO A 61 -23.07 13.65 -5.03
CA PRO A 61 -23.60 14.94 -4.55
C PRO A 61 -25.03 15.17 -4.97
N PHE A 62 -25.42 14.50 -6.04
CA PHE A 62 -26.76 14.64 -6.60
C PHE A 62 -27.79 13.90 -5.76
N GLY A 63 -27.29 12.99 -4.92
CA GLY A 63 -28.15 12.20 -4.06
C GLY A 63 -28.99 11.22 -4.85
N ASN A 64 -28.36 10.53 -5.80
CA ASN A 64 -29.07 9.61 -6.66
C ASN A 64 -29.44 8.35 -5.89
N GLY A 65 -28.48 7.81 -5.14
CA GLY A 65 -28.76 6.63 -4.36
C GLY A 65 -27.75 5.53 -4.59
N ASP A 66 -27.03 5.61 -5.71
CA ASP A 66 -26.01 4.63 -6.03
C ASP A 66 -24.86 5.27 -6.80
N ILE A 67 -23.74 4.57 -6.88
CA ILE A 67 -22.58 5.05 -7.61
C ILE A 67 -22.03 3.95 -8.52
N ASP A 68 -21.52 4.36 -9.68
CA ASP A 68 -20.96 3.41 -10.64
C ASP A 68 -19.59 2.93 -10.19
N PHE A 69 -19.02 1.93 -10.86
CA PHE A 69 -17.73 1.38 -10.47
C PHE A 69 -16.66 2.47 -10.39
N ASP A 70 -16.65 3.36 -11.37
CA ASP A 70 -15.58 4.38 -11.44
C ASP A 70 -15.56 5.23 -10.19
N SER A 71 -16.74 5.66 -9.75
CA SER A 71 -16.87 6.45 -8.54
C SER A 71 -16.46 5.63 -7.32
N PHE A 72 -16.71 4.32 -7.38
CA PHE A 72 -16.37 3.41 -6.29
C PHE A 72 -14.88 3.08 -6.35
N LYS A 73 -14.36 3.06 -7.56
CA LYS A 73 -12.96 2.76 -7.80
C LYS A 73 -12.09 3.86 -7.22
N ILE A 74 -12.54 5.10 -7.34
CA ILE A 74 -11.84 6.23 -6.74
C ILE A 74 -11.88 6.11 -5.22
N ILE A 75 -13.06 5.75 -4.70
CA ILE A 75 -13.23 5.47 -3.28
C ILE A 75 -12.25 4.38 -2.85
N GLY A 76 -12.26 3.30 -3.59
CA GLY A 76 -11.37 2.21 -3.31
C GLY A 76 -9.90 2.60 -3.39
N ALA A 77 -9.57 3.36 -4.42
CA ALA A 77 -8.20 3.72 -4.69
C ALA A 77 -7.61 4.59 -3.58
N ARG A 78 -8.47 5.36 -2.94
CA ARG A 78 -8.03 6.29 -1.93
C ARG A 78 -7.98 5.65 -0.54
N PHE A 79 -8.52 4.44 -0.40
CA PHE A 79 -8.57 3.79 0.91
C PHE A 79 -7.83 2.45 0.89
N LEU A 80 -8.03 1.65 -0.16
CA LEU A 80 -7.40 0.34 -0.27
C LEU A 80 -5.90 0.43 -0.48
N GLY A 81 -5.44 1.63 -0.74
CA GLY A 81 -4.02 1.87 -0.83
C GLY A 81 -3.32 1.56 0.47
N GLU A 82 -2.74 0.38 0.55
CA GLU A 82 -1.98 -0.04 1.71
C GLU A 82 -0.58 0.56 1.64
N GLU A 83 -0.17 0.88 0.42
CA GLU A 83 1.16 1.42 0.18
C GLU A 83 1.16 2.94 0.41
N VAL A 84 1.09 3.33 1.67
CA VAL A 84 1.01 4.74 2.00
C VAL A 84 1.79 5.05 3.27
N ASN A 85 3.09 5.16 3.14
CA ASN A 85 3.91 5.76 4.18
C ASN A 85 3.62 7.25 4.20
N PRO A 86 3.56 7.85 5.39
CA PRO A 86 3.05 9.21 5.58
C PRO A 86 3.68 10.22 4.65
N GLU A 87 4.99 10.09 4.46
CA GLU A 87 5.71 10.97 3.57
C GLU A 87 6.50 10.14 2.55
N GLN A 88 5.80 9.21 1.90
CA GLN A 88 6.42 8.32 0.92
C GLN A 88 6.86 9.09 -0.32
N MET A 89 6.03 10.00 -0.79
CA MET A 89 6.35 10.78 -1.98
C MET A 89 6.09 12.26 -1.70
N GLN A 90 6.44 12.68 -0.50
CA GLN A 90 6.27 14.07 -0.10
C GLN A 90 7.60 14.60 0.44
N GLN A 91 8.01 15.78 0.01
CA GLN A 91 9.26 16.38 0.49
C GLN A 91 9.05 17.06 1.84
N GLU A 92 8.11 16.52 2.60
CA GLU A 92 7.78 17.01 3.92
C GLU A 92 8.94 16.79 4.88
N LEU A 93 9.87 15.90 4.47
CA LEU A 93 11.05 15.59 5.25
C LEU A 93 11.65 16.85 5.83
N ARG A 94 11.68 17.91 5.02
CA ARG A 94 12.24 19.20 5.40
C ARG A 94 11.78 19.62 6.78
N GLU A 95 10.51 19.42 7.06
CA GLU A 95 9.96 19.81 8.34
C GLU A 95 10.15 18.72 9.38
N ALA A 96 10.14 17.46 8.97
CA ALA A 96 10.05 16.38 9.92
C ALA A 96 11.41 16.00 10.47
N PHE A 97 12.43 15.99 9.64
CA PHE A 97 13.73 15.67 10.15
C PHE A 97 14.33 16.85 10.89
N ARG A 98 13.83 18.04 10.63
CA ARG A 98 14.19 19.18 11.47
C ARG A 98 13.42 19.12 12.78
N LEU A 99 12.42 18.24 12.81
CA LEU A 99 11.73 17.87 14.05
C LEU A 99 12.51 16.76 14.77
N TYR A 100 13.39 16.10 14.03
CA TYR A 100 14.20 15.01 14.57
C TYR A 100 15.65 15.45 14.79
N ASP A 101 15.92 16.69 14.42
CA ASP A 101 17.30 17.21 14.42
C ASP A 101 17.79 17.44 15.85
N LYS A 102 18.22 16.35 16.46
CA LYS A 102 18.79 16.36 17.80
C LYS A 102 19.95 17.35 17.91
N GLU A 103 20.85 17.30 16.94
CA GLU A 103 22.12 18.02 17.04
C GLU A 103 22.00 19.47 16.62
N GLY A 104 21.05 19.78 15.73
CA GLY A 104 20.83 21.14 15.31
C GLY A 104 21.71 21.55 14.15
N ASN A 105 21.52 20.89 13.01
CA ASN A 105 22.31 21.20 11.82
C ASN A 105 21.43 21.77 10.72
N GLY A 106 20.13 21.55 10.86
CA GLY A 106 19.22 21.81 9.78
C GLY A 106 19.04 20.55 8.94
N TYR A 107 20.03 19.68 9.08
CA TYR A 107 20.01 18.34 8.52
C TYR A 107 20.03 17.37 9.68
N ILE A 108 19.71 16.11 9.45
CA ILE A 108 19.77 15.13 10.52
C ILE A 108 21.01 14.27 10.40
N SER A 109 21.77 14.18 11.47
CA SER A 109 23.01 13.43 11.46
C SER A 109 22.74 11.93 11.27
N THR A 110 23.77 11.16 11.02
CA THR A 110 23.62 9.73 10.82
C THR A 110 23.06 9.08 12.09
N ASP A 111 23.42 9.65 13.23
CA ASP A 111 22.98 9.14 14.53
C ASP A 111 21.46 9.24 14.71
N VAL A 112 20.86 10.27 14.14
CA VAL A 112 19.42 10.44 14.22
C VAL A 112 18.71 9.70 13.09
N MET A 113 19.33 9.66 11.92
CA MET A 113 18.75 8.97 10.78
C MET A 113 18.44 7.51 11.13
N ARG A 114 19.33 6.90 11.91
CA ARG A 114 19.14 5.51 12.32
C ARG A 114 17.94 5.36 13.25
N GLU A 115 17.88 6.20 14.29
CA GLU A 115 16.77 6.14 15.24
C GLU A 115 15.44 6.46 14.55
N ILE A 116 15.50 7.25 13.49
CA ILE A 116 14.32 7.53 12.68
C ILE A 116 13.85 6.25 11.98
N LEU A 117 14.80 5.57 11.36
CA LEU A 117 14.52 4.33 10.65
C LEU A 117 13.97 3.30 11.64
N ALA A 118 14.70 3.12 12.73
CA ALA A 118 14.33 2.15 13.76
C ALA A 118 12.96 2.45 14.38
N GLU A 119 12.52 3.70 14.27
CA GLU A 119 11.22 4.09 14.80
C GLU A 119 10.12 3.42 13.97
N LEU A 120 10.26 3.48 12.65
CA LEU A 120 9.32 2.84 11.74
C LEU A 120 9.59 1.34 11.69
N ASP A 121 10.84 1.00 11.41
CA ASP A 121 11.26 -0.40 11.36
C ASP A 121 11.89 -0.80 12.68
N GLU A 122 11.06 -1.29 13.58
CA GLU A 122 11.47 -1.60 14.94
C GLU A 122 12.27 -2.91 15.02
N THR A 123 12.72 -3.37 13.88
CA THR A 123 13.44 -4.62 13.80
C THR A 123 14.93 -4.37 13.64
N LEU A 124 15.26 -3.12 13.33
CA LEU A 124 16.65 -2.69 13.17
C LEU A 124 17.33 -2.55 14.52
N SER A 125 18.37 -3.34 14.72
CA SER A 125 19.16 -3.23 15.94
C SER A 125 20.28 -2.22 15.72
N SER A 126 21.09 -1.97 16.75
CA SER A 126 22.14 -0.95 16.67
C SER A 126 23.10 -1.24 15.51
N GLU A 127 23.50 -2.50 15.38
CA GLU A 127 24.41 -2.92 14.32
C GLU A 127 23.73 -2.81 12.96
N ASP A 128 22.45 -3.15 12.90
CA ASP A 128 21.67 -3.05 11.68
C ASP A 128 21.58 -1.59 11.23
N LEU A 129 21.21 -0.73 12.17
CA LEU A 129 21.11 0.70 11.92
C LEU A 129 22.44 1.27 11.42
N ASP A 130 23.54 0.78 11.97
CA ASP A 130 24.86 1.26 11.58
C ASP A 130 25.13 0.96 10.10
N ALA A 131 24.69 -0.21 9.66
CA ALA A 131 24.84 -0.60 8.26
C ALA A 131 23.91 0.22 7.38
N MET A 132 22.68 0.40 7.84
CA MET A 132 21.72 1.19 7.12
C MET A 132 22.20 2.61 6.98
N ILE A 133 22.85 3.13 8.01
CA ILE A 133 23.44 4.46 7.95
C ILE A 133 24.47 4.55 6.83
N ASP A 134 25.34 3.54 6.78
CA ASP A 134 26.35 3.44 5.73
C ASP A 134 25.70 3.48 4.36
N GLU A 135 24.57 2.82 4.29
CA GLU A 135 23.81 2.70 3.04
C GLU A 135 23.02 3.97 2.73
N ILE A 136 22.34 4.51 3.75
CA ILE A 136 21.50 5.70 3.61
C ILE A 136 22.28 6.92 3.11
N ASP A 137 23.33 7.28 3.86
CA ASP A 137 24.15 8.44 3.55
C ASP A 137 24.90 8.23 2.24
N ALA A 138 24.33 8.72 1.15
CA ALA A 138 24.88 8.51 -0.18
C ALA A 138 26.07 9.41 -0.47
N ASP A 139 25.89 10.72 -0.29
CA ASP A 139 26.95 11.68 -0.63
C ASP A 139 27.96 11.78 0.50
N GLY A 140 27.60 11.23 1.65
CA GLY A 140 28.47 11.27 2.81
C GLY A 140 28.72 12.67 3.29
N SER A 141 27.68 13.50 3.25
CA SER A 141 27.79 14.90 3.66
C SER A 141 28.05 15.02 5.16
N GLY A 142 27.84 13.93 5.87
CA GLY A 142 28.06 13.89 7.30
C GLY A 142 26.75 14.04 8.03
N THR A 143 25.76 14.51 7.31
CA THR A 143 24.41 14.64 7.80
C THR A 143 23.44 14.25 6.71
N VAL A 144 22.44 13.47 7.08
CA VAL A 144 21.42 13.02 6.16
C VAL A 144 20.38 14.12 6.00
N ASP A 145 20.14 14.54 4.77
CA ASP A 145 19.17 15.61 4.55
C ASP A 145 18.44 15.43 3.24
N PHE A 146 19.17 15.51 2.16
CA PHE A 146 18.56 15.65 0.87
C PHE A 146 18.37 14.29 0.19
N GLU A 147 19.29 13.93 -0.69
CA GLU A 147 19.17 12.68 -1.44
C GLU A 147 19.42 11.48 -0.52
N GLU A 148 20.09 11.73 0.58
CA GLU A 148 20.32 10.69 1.57
C GLU A 148 19.00 10.27 2.20
N PHE A 149 18.27 11.25 2.72
CA PHE A 149 16.99 11.01 3.36
C PHE A 149 15.93 10.66 2.33
N MET A 150 15.98 11.34 1.20
CA MET A 150 15.04 11.07 0.11
C MET A 150 15.13 9.61 -0.29
N GLY A 151 16.34 9.15 -0.56
CA GLY A 151 16.54 7.77 -0.99
C GLY A 151 16.02 6.74 0.01
N VAL A 152 16.26 6.99 1.29
CA VAL A 152 15.87 6.03 2.32
C VAL A 152 14.37 6.09 2.63
N MET A 153 13.80 7.29 2.60
CA MET A 153 12.40 7.47 3.00
C MET A 153 11.44 7.36 1.83
N THR A 154 11.72 8.08 0.76
CA THR A 154 10.77 8.16 -0.36
C THR A 154 10.87 6.92 -1.24
N GLY A 155 11.95 6.16 -1.09
CA GLY A 155 12.12 4.94 -1.85
C GLY A 155 12.55 5.18 -3.28
N GLY A 156 11.79 5.98 -4.00
CA GLY A 156 12.11 6.29 -5.37
C GLY A 156 11.40 5.37 -6.35
N ASP A 157 10.24 4.86 -5.95
CA ASP A 157 9.46 3.98 -6.81
C ASP A 157 8.75 4.79 -7.89
N GLU A 158 9.35 4.82 -9.08
CA GLU A 158 8.80 5.54 -10.20
C GLU A 158 8.95 4.69 -11.47
#